data_6OW4
#
_entry.id   6OW4
#
_cell.length_a   165.078
_cell.length_b   134.710
_cell.length_c   96.396
_cell.angle_alpha   90.00
_cell.angle_beta   100.15
_cell.angle_gamma   90.00
#
_symmetry.space_group_name_H-M   'C 1 2 1'
#
loop_
_entity.id
_entity.type
_entity.pdbx_description
1 polymer 'Oxidoreductase, short chain dehydrogenase/reductase family protein'
2 non-polymer NICOTINAMIDE-ADENINE-DINUCLEOTIDE
3 water water
#
_entity_poly.entity_id   1
_entity_poly.type   'polypeptide(L)'
_entity_poly.pdbx_seq_one_letter_code
;MAVESSQIPEKTVEQIFDERYPLDKWKDSNYSILDKFSMRGRKGFVTGAAGGLGRNAAAALAQAGADVALVDLPSQEDKL
TELAKDMSERFGTNVIALTCDVTDTVQVAELKTQLVEQLGTVDFAFLNAGVNVPGDDQDATEEVWTRTININLNGTYRTG
RIAHEIMREHGHGGSLIFTAALSGHNANYMMGSPTPVNAYGATKAAIMEHSRYLAAALAKDGIRSNTISPGYVWSGIFNG
RIDMPGHDAMLEVVPMHRFGTNDEIASTVLFLASDASSYVTGTDIRVDGGYSVF
;
_entity_poly.pdbx_strand_id   A,B,C,D,E,F,G,H
#
loop_
_chem_comp.id
_chem_comp.type
_chem_comp.name
_chem_comp.formula
NAD non-polymer NICOTINAMIDE-ADENINE-DINUCLEOTIDE 'C21 H27 N7 O14 P2'
#
# COMPACT_ATOMS: atom_id res chain seq x y z
N PHE A 17 18.65 -45.02 -7.80
CA PHE A 17 18.42 -44.32 -6.50
C PHE A 17 19.51 -44.72 -5.51
N ASP A 18 19.88 -43.81 -4.60
CA ASP A 18 20.88 -44.05 -3.51
C ASP A 18 22.27 -44.27 -4.13
N GLU A 19 22.37 -45.28 -5.01
CA GLU A 19 23.63 -45.71 -5.68
C GLU A 19 24.12 -44.62 -6.64
N ARG A 20 23.22 -43.86 -7.27
CA ARG A 20 23.56 -42.81 -8.26
C ARG A 20 23.39 -41.41 -7.65
N TYR A 21 22.91 -41.30 -6.40
CA TYR A 21 22.78 -40.03 -5.64
C TYR A 21 23.45 -40.16 -4.29
N PRO A 22 24.81 -40.20 -4.21
CA PRO A 22 25.51 -40.29 -2.94
C PRO A 22 25.17 -39.12 -1.99
N LEU A 23 24.90 -39.43 -0.72
CA LEU A 23 24.41 -38.45 0.30
C LEU A 23 25.61 -37.72 0.93
N ASP A 24 26.72 -38.41 1.16
CA ASP A 24 27.89 -37.89 1.91
C ASP A 24 29.20 -38.35 1.27
N LYS A 25 29.62 -37.67 0.20
CA LYS A 25 30.89 -37.95 -0.54
C LYS A 25 32.09 -37.61 0.36
N TRP A 26 31.95 -36.62 1.26
CA TRP A 26 33.00 -36.16 2.21
C TRP A 26 33.47 -37.31 3.10
N LYS A 27 32.65 -38.37 3.27
CA LYS A 27 32.99 -39.56 4.08
C LYS A 27 34.06 -40.41 3.36
N ASP A 28 34.28 -40.19 2.07
CA ASP A 28 35.42 -40.74 1.29
C ASP A 28 36.66 -39.85 1.55
N SER A 29 37.72 -40.44 2.12
CA SER A 29 38.94 -39.71 2.57
C SER A 29 39.74 -39.21 1.36
N ASN A 30 39.61 -39.87 0.19
CA ASN A 30 40.34 -39.53 -1.06
C ASN A 30 39.56 -38.51 -1.88
N TYR A 31 38.36 -38.11 -1.42
CA TYR A 31 37.52 -37.04 -2.02
C TYR A 31 37.85 -35.70 -1.34
N SER A 32 37.77 -34.60 -2.08
CA SER A 32 37.88 -33.21 -1.56
C SER A 32 37.02 -32.27 -2.41
N ILE A 33 36.19 -31.47 -1.73
CA ILE A 33 35.28 -30.47 -2.36
C ILE A 33 36.11 -29.51 -3.22
N LEU A 34 37.34 -29.21 -2.80
CA LEU A 34 38.27 -28.25 -3.47
C LEU A 34 38.68 -28.79 -4.85
N ASP A 35 38.68 -30.11 -5.05
CA ASP A 35 39.04 -30.76 -6.33
C ASP A 35 38.05 -30.37 -7.44
N LYS A 36 36.85 -29.90 -7.07
CA LYS A 36 35.77 -29.52 -8.02
C LYS A 36 36.13 -28.20 -8.73
N PHE A 37 37.02 -27.40 -8.16
CA PHE A 37 37.47 -26.09 -8.70
C PHE A 37 38.69 -26.27 -9.62
N SER A 38 39.24 -27.49 -9.69
CA SER A 38 40.36 -27.86 -10.60
C SER A 38 39.88 -27.79 -12.05
N MET A 39 40.77 -27.41 -12.97
CA MET A 39 40.54 -27.37 -14.44
C MET A 39 41.65 -28.14 -15.17
N ARG A 40 42.42 -28.97 -14.48
CA ARG A 40 43.53 -29.77 -15.09
C ARG A 40 42.91 -30.84 -15.98
N GLY A 41 43.39 -30.94 -17.24
CA GLY A 41 42.84 -31.81 -18.28
C GLY A 41 41.75 -31.11 -19.09
N ARG A 42 41.47 -29.84 -18.80
CA ARG A 42 40.42 -29.04 -19.47
C ARG A 42 41.07 -28.12 -20.51
N LYS A 43 40.36 -27.84 -21.60
CA LYS A 43 40.79 -26.91 -22.69
C LYS A 43 39.61 -26.06 -23.12
N GLY A 44 39.84 -24.78 -23.38
CA GLY A 44 38.81 -23.83 -23.82
C GLY A 44 39.41 -22.53 -24.31
N PHE A 45 38.58 -21.50 -24.46
CA PHE A 45 39.00 -20.16 -24.94
C PHE A 45 38.19 -19.05 -24.24
N VAL A 46 38.66 -17.81 -24.42
CA VAL A 46 38.08 -16.57 -23.85
C VAL A 46 38.13 -15.49 -24.93
N THR A 47 36.98 -14.93 -25.32
CA THR A 47 36.92 -13.77 -26.24
C THR A 47 37.07 -12.49 -25.40
N GLY A 48 37.52 -11.40 -26.02
CA GLY A 48 37.86 -10.14 -25.34
C GLY A 48 39.02 -10.31 -24.37
N ALA A 49 39.95 -11.21 -24.68
CA ALA A 49 41.02 -11.69 -23.77
C ALA A 49 42.14 -10.65 -23.63
N ALA A 50 42.09 -9.56 -24.40
CA ALA A 50 42.99 -8.40 -24.26
C ALA A 50 42.49 -7.49 -23.14
N GLY A 51 41.17 -7.48 -22.90
CA GLY A 51 40.49 -6.66 -21.88
C GLY A 51 40.62 -7.25 -20.48
N GLY A 52 40.28 -6.45 -19.47
CA GLY A 52 40.47 -6.77 -18.04
C GLY A 52 39.84 -8.10 -17.64
N LEU A 53 38.52 -8.21 -17.81
CA LEU A 53 37.73 -9.43 -17.46
C LEU A 53 38.32 -10.64 -18.18
N GLY A 54 38.48 -10.55 -19.51
CA GLY A 54 38.92 -11.65 -20.39
C GLY A 54 40.25 -12.25 -19.98
N ARG A 55 41.29 -11.41 -19.84
CA ARG A 55 42.69 -11.89 -19.57
C ARG A 55 42.78 -12.46 -18.15
N ASN A 56 42.05 -11.88 -17.20
CA ASN A 56 42.09 -12.29 -15.77
C ASN A 56 41.35 -13.62 -15.60
N ALA A 57 40.23 -13.80 -16.31
CA ALA A 57 39.48 -15.07 -16.39
C ALA A 57 40.39 -16.15 -16.99
N ALA A 58 41.03 -15.84 -18.12
CA ALA A 58 41.96 -16.74 -18.85
C ALA A 58 43.10 -17.20 -17.91
N ALA A 59 43.64 -16.27 -17.11
CA ALA A 59 44.77 -16.52 -16.18
C ALA A 59 44.31 -17.39 -15.01
N ALA A 60 43.08 -17.16 -14.52
CA ALA A 60 42.44 -17.94 -13.43
C ALA A 60 42.29 -19.40 -13.88
N LEU A 61 41.70 -19.62 -15.06
CA LEU A 61 41.45 -20.95 -15.64
C LEU A 61 42.77 -21.69 -15.86
N ALA A 62 43.81 -20.99 -16.35
CA ALA A 62 45.17 -21.53 -16.57
C ALA A 62 45.80 -21.92 -15.23
N GLN A 63 45.68 -21.06 -14.21
CA GLN A 63 46.23 -21.31 -12.85
C GLN A 63 45.50 -22.51 -12.22
N ALA A 64 44.23 -22.72 -12.59
CA ALA A 64 43.40 -23.88 -12.16
C ALA A 64 43.82 -25.15 -12.91
N GLY A 65 44.53 -24.98 -14.04
CA GLY A 65 45.24 -26.07 -14.75
C GLY A 65 44.78 -26.29 -16.18
N ALA A 66 44.00 -25.36 -16.75
CA ALA A 66 43.41 -25.48 -18.11
C ALA A 66 44.37 -24.93 -19.17
N ASP A 67 44.29 -25.47 -20.39
CA ASP A 67 44.84 -24.85 -21.62
C ASP A 67 43.82 -23.82 -22.10
N VAL A 68 44.26 -22.60 -22.40
CA VAL A 68 43.36 -21.46 -22.76
C VAL A 68 43.86 -20.81 -24.06
N ALA A 69 42.93 -20.55 -24.99
CA ALA A 69 43.15 -19.67 -26.16
C ALA A 69 42.65 -18.27 -25.81
N LEU A 70 43.54 -17.27 -25.90
CA LEU A 70 43.21 -15.82 -25.75
C LEU A 70 42.74 -15.32 -27.11
N VAL A 71 41.46 -14.96 -27.22
CA VAL A 71 40.82 -14.50 -28.49
C VAL A 71 40.44 -13.03 -28.35
N ASP A 72 40.82 -12.21 -29.33
CA ASP A 72 40.46 -10.78 -29.43
C ASP A 72 40.65 -10.32 -30.87
N LEU A 73 40.60 -9.00 -31.12
CA LEU A 73 40.69 -8.40 -32.48
C LEU A 73 42.08 -8.64 -33.06
N PRO A 74 42.22 -8.72 -34.40
CA PRO A 74 43.53 -8.79 -35.06
C PRO A 74 44.56 -7.76 -34.57
N SER A 75 44.10 -6.54 -34.26
CA SER A 75 44.94 -5.40 -33.79
C SER A 75 45.54 -5.66 -32.40
N GLN A 76 45.01 -6.65 -31.67
CA GLN A 76 45.46 -7.02 -30.29
C GLN A 76 46.44 -8.20 -30.33
N GLU A 77 46.85 -8.66 -31.52
CA GLU A 77 47.65 -9.90 -31.70
C GLU A 77 48.94 -9.84 -30.86
N ASP A 78 49.67 -8.72 -30.92
CA ASP A 78 50.97 -8.53 -30.22
C ASP A 78 50.74 -8.65 -28.71
N LYS A 79 49.75 -7.94 -28.18
CA LYS A 79 49.39 -7.97 -26.73
C LYS A 79 48.99 -9.40 -26.35
N LEU A 80 48.12 -10.04 -27.14
CA LEU A 80 47.64 -11.42 -26.89
C LEU A 80 48.83 -12.38 -26.81
N THR A 81 49.74 -12.29 -27.78
CA THR A 81 50.97 -13.14 -27.88
C THR A 81 51.82 -12.96 -26.62
N GLU A 82 52.01 -11.72 -26.17
CA GLU A 82 52.73 -11.36 -24.94
C GLU A 82 52.05 -12.02 -23.74
N LEU A 83 50.74 -11.81 -23.59
CA LEU A 83 49.92 -12.36 -22.47
C LEU A 83 49.99 -13.89 -22.47
N ALA A 84 49.79 -14.52 -23.64
CA ALA A 84 49.77 -15.99 -23.82
C ALA A 84 51.11 -16.57 -23.36
N LYS A 85 52.23 -15.95 -23.74
CA LYS A 85 53.60 -16.37 -23.35
C LYS A 85 53.77 -16.28 -21.84
N ASP A 86 53.32 -15.17 -21.25
CA ASP A 86 53.42 -14.85 -19.80
C ASP A 86 52.70 -15.92 -18.98
N MET A 87 51.46 -16.24 -19.36
CA MET A 87 50.57 -17.16 -18.60
C MET A 87 51.10 -18.60 -18.72
N SER A 88 51.58 -18.99 -19.89
CA SER A 88 52.18 -20.32 -20.17
C SER A 88 53.34 -20.57 -19.20
N GLU A 89 54.24 -19.59 -19.07
CA GLU A 89 55.46 -19.68 -18.20
C GLU A 89 55.05 -19.75 -16.73
N ARG A 90 54.10 -18.92 -16.31
CA ARG A 90 53.68 -18.76 -14.89
C ARG A 90 52.96 -20.03 -14.40
N PHE A 91 52.07 -20.59 -15.21
CA PHE A 91 51.11 -21.65 -14.81
C PHE A 91 51.46 -23.01 -15.44
N GLY A 92 52.34 -23.04 -16.45
CA GLY A 92 52.86 -24.28 -17.06
C GLY A 92 51.79 -25.02 -17.86
N THR A 93 50.86 -24.30 -18.47
CA THR A 93 49.79 -24.84 -19.34
C THR A 93 49.94 -24.25 -20.74
N ASN A 94 49.21 -24.78 -21.71
CA ASN A 94 49.22 -24.32 -23.12
C ASN A 94 48.28 -23.13 -23.25
N VAL A 95 48.82 -21.90 -23.12
CA VAL A 95 48.08 -20.63 -23.37
C VAL A 95 48.58 -20.02 -24.68
N ILE A 96 47.67 -19.80 -25.63
CA ILE A 96 47.97 -19.38 -27.03
C ILE A 96 47.12 -18.16 -27.38
N ALA A 97 47.59 -17.35 -28.33
CA ALA A 97 46.89 -16.18 -28.90
C ALA A 97 46.26 -16.58 -30.23
N LEU A 98 44.96 -16.32 -30.39
CA LEU A 98 44.19 -16.57 -31.64
C LEU A 98 43.29 -15.36 -31.91
N THR A 99 43.54 -14.66 -33.01
CA THR A 99 42.81 -13.42 -33.39
C THR A 99 41.50 -13.81 -34.09
N CYS A 100 40.44 -13.04 -33.83
CA CYS A 100 39.11 -13.18 -34.47
C CYS A 100 38.30 -11.91 -34.22
N ASP A 101 37.89 -11.24 -35.29
CA ASP A 101 36.79 -10.24 -35.28
C ASP A 101 35.48 -11.01 -35.35
N VAL A 102 34.66 -10.91 -34.29
CA VAL A 102 33.43 -11.74 -34.09
C VAL A 102 32.32 -11.24 -35.03
N THR A 103 32.47 -10.05 -35.63
CA THR A 103 31.55 -9.52 -36.67
C THR A 103 31.84 -10.20 -38.01
N ASP A 104 33.07 -10.69 -38.20
CA ASP A 104 33.53 -11.37 -39.45
C ASP A 104 33.27 -12.88 -39.33
N THR A 105 32.33 -13.40 -40.11
CA THR A 105 31.90 -14.82 -40.10
C THR A 105 33.02 -15.73 -40.63
N VAL A 106 33.85 -15.22 -41.56
CA VAL A 106 34.99 -15.97 -42.17
C VAL A 106 36.03 -16.24 -41.07
N GLN A 107 36.35 -15.23 -40.26
CA GLN A 107 37.37 -15.31 -39.18
C GLN A 107 36.87 -16.24 -38.07
N VAL A 108 35.56 -16.25 -37.82
CA VAL A 108 34.90 -17.11 -36.79
C VAL A 108 34.97 -18.56 -37.25
N ALA A 109 34.75 -18.82 -38.55
CA ALA A 109 34.86 -20.16 -39.17
C ALA A 109 36.30 -20.66 -39.04
N GLU A 110 37.27 -19.78 -39.25
CA GLU A 110 38.72 -20.10 -39.16
CA GLU A 110 38.73 -20.11 -39.16
C GLU A 110 39.10 -20.33 -37.69
N LEU A 111 38.48 -19.58 -36.77
CA LEU A 111 38.72 -19.67 -35.30
C LEU A 111 38.39 -21.08 -34.82
N LYS A 112 37.23 -21.61 -35.26
CA LYS A 112 36.77 -22.99 -34.94
C LYS A 112 37.87 -23.99 -35.28
N THR A 113 38.43 -23.89 -36.49
CA THR A 113 39.46 -24.80 -37.05
C THR A 113 40.73 -24.72 -36.19
N GLN A 114 41.22 -23.51 -35.92
CA GLN A 114 42.50 -23.26 -35.21
C GLN A 114 42.36 -23.66 -33.73
N LEU A 115 41.19 -23.45 -33.13
CA LEU A 115 40.90 -23.91 -31.74
C LEU A 115 41.16 -25.41 -31.66
N VAL A 116 40.56 -26.19 -32.58
CA VAL A 116 40.66 -27.67 -32.65
C VAL A 116 42.12 -28.07 -32.94
N GLU A 117 42.79 -27.37 -33.86
CA GLU A 117 44.14 -27.73 -34.37
C GLU A 117 45.20 -27.45 -33.30
N GLN A 118 45.08 -26.33 -32.56
CA GLN A 118 46.14 -25.81 -31.65
C GLN A 118 45.88 -26.23 -30.19
N LEU A 119 44.62 -26.42 -29.78
CA LEU A 119 44.24 -26.90 -28.43
C LEU A 119 43.97 -28.41 -28.45
N GLY A 120 43.18 -28.88 -29.43
CA GLY A 120 42.72 -30.28 -29.52
C GLY A 120 41.21 -30.38 -29.41
N THR A 121 40.61 -29.69 -28.43
CA THR A 121 39.14 -29.61 -28.22
C THR A 121 38.80 -28.36 -27.40
N VAL A 122 37.50 -28.15 -27.14
CA VAL A 122 36.95 -27.04 -26.30
C VAL A 122 36.00 -27.64 -25.26
N ASP A 123 36.38 -27.54 -23.98
CA ASP A 123 35.59 -28.01 -22.80
C ASP A 123 34.90 -26.83 -22.11
N PHE A 124 35.32 -25.61 -22.41
CA PHE A 124 34.72 -24.36 -21.87
C PHE A 124 34.97 -23.20 -22.84
N ALA A 125 34.07 -22.22 -22.83
CA ALA A 125 34.22 -20.94 -23.55
C ALA A 125 33.67 -19.82 -22.67
N PHE A 126 34.48 -18.77 -22.45
CA PHE A 126 34.07 -17.50 -21.82
C PHE A 126 33.85 -16.46 -22.93
N LEU A 127 32.60 -16.31 -23.37
CA LEU A 127 32.19 -15.44 -24.51
C LEU A 127 31.93 -14.04 -23.97
N ASN A 128 33.00 -13.25 -23.86
CA ASN A 128 33.11 -12.05 -23.00
C ASN A 128 33.22 -10.79 -23.88
N ALA A 129 33.55 -10.93 -25.16
CA ALA A 129 33.73 -9.81 -26.12
C ALA A 129 32.46 -8.95 -26.12
N GLY A 130 32.63 -7.63 -26.02
CA GLY A 130 31.52 -6.64 -26.04
C GLY A 130 32.05 -5.22 -26.09
N VAL A 131 31.22 -4.29 -26.55
CA VAL A 131 31.54 -2.83 -26.65
C VAL A 131 30.36 -2.03 -26.09
N ASN A 132 30.65 -0.79 -25.68
CA ASN A 132 29.64 0.25 -25.36
C ASN A 132 29.84 1.39 -26.37
N VAL A 133 29.05 1.42 -27.44
CA VAL A 133 29.15 2.43 -28.53
C VAL A 133 28.67 3.76 -27.96
N PRO A 134 29.43 4.87 -28.13
CA PRO A 134 28.97 6.20 -27.70
C PRO A 134 27.67 6.64 -28.40
N GLY A 135 26.90 7.51 -27.75
CA GLY A 135 25.59 8.01 -28.23
C GLY A 135 24.53 6.93 -28.21
N ASP A 136 24.63 5.97 -27.28
CA ASP A 136 23.71 4.80 -27.15
C ASP A 136 22.58 5.19 -26.19
N ASP A 137 21.79 6.21 -26.55
CA ASP A 137 20.69 6.78 -25.73
C ASP A 137 19.37 6.59 -26.49
N GLN A 138 18.34 7.37 -26.12
CA GLN A 138 16.99 7.34 -26.77
C GLN A 138 17.12 7.67 -28.27
N ASP A 139 18.07 8.53 -28.62
CA ASP A 139 18.32 8.99 -30.02
C ASP A 139 19.49 8.19 -30.62
N ALA A 140 19.56 6.88 -30.35
CA ALA A 140 20.54 5.96 -30.94
C ALA A 140 20.30 5.92 -32.46
N THR A 141 21.34 6.23 -33.25
CA THR A 141 21.31 6.21 -34.73
C THR A 141 21.37 4.76 -35.22
N GLU A 142 21.04 4.54 -36.49
CA GLU A 142 21.06 3.19 -37.14
C GLU A 142 22.44 2.56 -36.93
N GLU A 143 23.49 3.36 -37.05
CA GLU A 143 24.92 2.92 -36.95
C GLU A 143 25.18 2.44 -35.53
N VAL A 144 24.88 3.28 -34.53
CA VAL A 144 25.13 3.02 -33.08
C VAL A 144 24.40 1.75 -32.67
N TRP A 145 23.13 1.61 -33.08
CA TRP A 145 22.26 0.46 -32.74
C TRP A 145 22.83 -0.82 -33.36
N THR A 146 22.90 -0.88 -34.70
CA THR A 146 23.29 -2.07 -35.49
C THR A 146 24.72 -2.51 -35.12
N ARG A 147 25.62 -1.56 -34.87
CA ARG A 147 27.02 -1.83 -34.47
C ARG A 147 27.02 -2.59 -33.13
N THR A 148 26.17 -2.15 -32.19
CA THR A 148 26.05 -2.75 -30.83
C THR A 148 25.49 -4.17 -30.95
N ILE A 149 24.46 -4.35 -31.77
CA ILE A 149 23.80 -5.67 -32.03
C ILE A 149 24.82 -6.60 -32.71
N ASN A 150 25.49 -6.12 -33.77
CA ASN A 150 26.41 -6.93 -34.61
C ASN A 150 27.57 -7.46 -33.75
N ILE A 151 28.10 -6.65 -32.84
CA ILE A 151 29.25 -7.03 -31.96
C ILE A 151 28.74 -7.85 -30.78
N ASN A 152 27.84 -7.28 -29.98
CA ASN A 152 27.41 -7.84 -28.67
C ASN A 152 26.52 -9.07 -28.90
N LEU A 153 25.50 -8.96 -29.76
CA LEU A 153 24.47 -10.01 -29.91
C LEU A 153 24.93 -11.05 -30.94
N ASN A 154 25.05 -10.66 -32.22
CA ASN A 154 25.41 -11.56 -33.35
C ASN A 154 26.81 -12.14 -33.12
N GLY A 155 27.77 -11.29 -32.72
CA GLY A 155 29.16 -11.69 -32.45
C GLY A 155 29.23 -12.77 -31.38
N THR A 156 28.48 -12.61 -30.30
CA THR A 156 28.47 -13.53 -29.13
C THR A 156 27.78 -14.85 -29.52
N TYR A 157 26.70 -14.76 -30.32
CA TYR A 157 25.94 -15.93 -30.83
C TYR A 157 26.90 -16.89 -31.55
N ARG A 158 27.61 -16.39 -32.57
CA ARG A 158 28.38 -17.25 -33.51
C ARG A 158 29.63 -17.80 -32.79
N THR A 159 30.26 -17.01 -31.92
CA THR A 159 31.39 -17.46 -31.06
C THR A 159 30.90 -18.51 -30.07
N GLY A 160 29.70 -18.34 -29.53
CA GLY A 160 29.02 -19.37 -28.70
C GLY A 160 28.73 -20.61 -29.52
N ARG A 161 28.31 -20.44 -30.77
CA ARG A 161 27.86 -21.53 -31.69
C ARG A 161 29.03 -22.49 -31.95
N ILE A 162 30.21 -21.97 -32.28
CA ILE A 162 31.40 -22.81 -32.64
C ILE A 162 31.89 -23.58 -31.41
N ALA A 163 31.67 -23.03 -30.20
CA ALA A 163 32.10 -23.64 -28.92
C ALA A 163 31.34 -24.95 -28.67
N HIS A 164 30.01 -24.94 -28.78
CA HIS A 164 29.15 -26.13 -28.50
C HIS A 164 29.09 -27.06 -29.72
N GLU A 165 29.39 -26.54 -30.92
CA GLU A 165 29.58 -27.35 -32.15
C GLU A 165 30.79 -28.28 -31.95
N ILE A 166 31.92 -27.72 -31.50
CA ILE A 166 33.19 -28.46 -31.23
C ILE A 166 32.93 -29.51 -30.14
N MET A 167 32.24 -29.12 -29.05
CA MET A 167 31.91 -30.00 -27.90
C MET A 167 31.16 -31.24 -28.39
N ARG A 168 30.09 -31.05 -29.16
CA ARG A 168 29.19 -32.13 -29.63
C ARG A 168 29.91 -33.02 -30.65
N GLU A 169 30.66 -32.42 -31.58
CA GLU A 169 31.45 -33.12 -32.63
C GLU A 169 32.50 -34.04 -31.97
N HIS A 170 33.04 -33.65 -30.83
CA HIS A 170 34.11 -34.38 -30.07
C HIS A 170 33.49 -35.28 -29.00
N GLY A 171 32.15 -35.28 -28.88
CA GLY A 171 31.37 -36.25 -28.10
C GLY A 171 31.62 -36.15 -26.61
N HIS A 172 31.73 -34.93 -26.07
CA HIS A 172 31.84 -34.67 -24.61
C HIS A 172 31.12 -33.37 -24.23
N GLY A 173 30.88 -33.20 -22.94
CA GLY A 173 30.19 -32.02 -22.37
C GLY A 173 31.12 -30.82 -22.32
N GLY A 174 30.72 -29.80 -21.55
CA GLY A 174 31.48 -28.54 -21.37
C GLY A 174 30.62 -27.47 -20.74
N SER A 175 31.18 -26.28 -20.54
CA SER A 175 30.52 -25.15 -19.86
C SER A 175 30.69 -23.87 -20.68
N LEU A 176 29.58 -23.26 -21.12
CA LEU A 176 29.57 -21.93 -21.78
C LEU A 176 29.30 -20.87 -20.70
N ILE A 177 30.15 -19.83 -20.64
CA ILE A 177 29.93 -18.62 -19.80
C ILE A 177 29.83 -17.42 -20.74
N PHE A 178 28.67 -16.76 -20.77
CA PHE A 178 28.40 -15.53 -21.54
C PHE A 178 28.46 -14.33 -20.59
N THR A 179 29.27 -13.32 -20.88
CA THR A 179 29.24 -12.03 -20.16
C THR A 179 28.01 -11.25 -20.61
N ALA A 180 26.98 -11.19 -19.77
CA ALA A 180 25.84 -10.26 -19.89
C ALA A 180 26.25 -8.92 -19.27
N ALA A 181 25.33 -8.23 -18.62
CA ALA A 181 25.62 -7.00 -17.85
C ALA A 181 24.41 -6.65 -16.97
N LEU A 182 24.66 -5.83 -15.95
CA LEU A 182 23.62 -5.22 -15.09
C LEU A 182 22.67 -4.37 -15.96
N SER A 183 23.20 -3.75 -17.02
CA SER A 183 22.43 -2.97 -18.03
C SER A 183 21.35 -3.85 -18.67
N GLY A 184 21.59 -5.16 -18.76
CA GLY A 184 20.66 -6.17 -19.29
C GLY A 184 19.43 -6.35 -18.42
N HIS A 185 19.55 -6.12 -17.10
CA HIS A 185 18.45 -6.21 -16.10
C HIS A 185 17.82 -4.84 -15.88
N ASN A 186 18.66 -3.84 -15.59
CA ASN A 186 18.29 -2.47 -15.17
C ASN A 186 19.03 -1.45 -16.04
N ALA A 187 18.46 -0.26 -16.23
CA ALA A 187 19.11 0.91 -16.84
C ALA A 187 19.96 1.60 -15.77
N ASN A 188 21.27 1.73 -15.99
CA ASN A 188 22.24 2.26 -15.00
C ASN A 188 21.82 3.68 -14.59
N TYR A 189 21.52 3.87 -13.31
CA TYR A 189 21.10 5.17 -12.70
C TYR A 189 22.34 6.04 -12.46
N MET A 190 22.26 7.33 -12.82
CA MET A 190 23.26 8.36 -12.44
C MET A 190 22.58 9.74 -12.41
N MET A 191 22.28 10.23 -11.21
CA MET A 191 21.83 11.62 -10.91
C MET A 191 20.53 11.91 -11.67
N GLY A 192 19.50 11.10 -11.45
CA GLY A 192 18.14 11.31 -11.96
C GLY A 192 17.89 10.58 -13.27
N SER A 193 18.85 10.64 -14.21
CA SER A 193 18.73 10.11 -15.60
C SER A 193 19.49 8.79 -15.73
N PRO A 194 19.14 7.95 -16.73
CA PRO A 194 19.90 6.73 -17.03
C PRO A 194 21.13 7.02 -17.89
N THR A 195 22.16 6.17 -17.81
CA THR A 195 23.37 6.23 -18.66
C THR A 195 22.99 5.70 -20.05
N PRO A 196 23.68 6.13 -21.13
CA PRO A 196 23.38 5.64 -22.47
C PRO A 196 23.76 4.16 -22.65
N VAL A 197 22.78 3.26 -22.45
CA VAL A 197 22.93 1.78 -22.58
C VAL A 197 21.67 1.23 -23.26
N ASN A 198 21.07 2.00 -24.17
CA ASN A 198 19.83 1.66 -24.91
C ASN A 198 20.03 0.32 -25.65
N ALA A 199 20.88 0.33 -26.69
CA ALA A 199 21.21 -0.85 -27.51
C ALA A 199 22.04 -1.85 -26.69
N TYR A 200 23.00 -1.36 -25.90
CA TYR A 200 23.89 -2.18 -25.04
C TYR A 200 23.03 -3.08 -24.14
N GLY A 201 22.12 -2.47 -23.37
CA GLY A 201 21.20 -3.17 -22.46
C GLY A 201 20.39 -4.23 -23.18
N ALA A 202 19.91 -3.92 -24.39
CA ALA A 202 19.09 -4.82 -25.22
C ALA A 202 19.88 -6.09 -25.59
N THR A 203 21.14 -5.94 -26.00
CA THR A 203 22.01 -7.06 -26.45
C THR A 203 22.34 -7.98 -25.26
N LYS A 204 22.56 -7.41 -24.08
CA LYS A 204 22.92 -8.18 -22.85
C LYS A 204 21.70 -8.95 -22.34
N ALA A 205 20.50 -8.38 -22.49
CA ALA A 205 19.22 -9.06 -22.16
C ALA A 205 18.99 -10.24 -23.12
N ALA A 206 19.32 -10.05 -24.41
CA ALA A 206 19.20 -11.07 -25.47
C ALA A 206 20.14 -12.24 -25.19
N ILE A 207 21.40 -11.95 -24.82
CA ILE A 207 22.46 -12.95 -24.48
C ILE A 207 21.97 -13.80 -23.31
N MET A 208 21.31 -13.20 -22.32
CA MET A 208 20.81 -13.90 -21.11
C MET A 208 19.73 -14.91 -21.51
N GLU A 209 18.81 -14.54 -22.41
CA GLU A 209 17.71 -15.42 -22.87
C GLU A 209 18.26 -16.40 -23.92
N HIS A 210 19.34 -16.03 -24.61
CA HIS A 210 20.08 -16.91 -25.55
C HIS A 210 20.71 -18.06 -24.76
N SER A 211 21.49 -17.73 -23.73
CA SER A 211 22.19 -18.70 -22.84
C SER A 211 21.18 -19.65 -22.18
N ARG A 212 20.00 -19.13 -21.83
CA ARG A 212 18.91 -19.91 -21.17
C ARG A 212 18.42 -20.98 -22.13
N TYR A 213 18.15 -20.63 -23.40
CA TYR A 213 17.69 -21.60 -24.43
C TYR A 213 18.73 -22.72 -24.59
N LEU A 214 20.00 -22.34 -24.77
CA LEU A 214 21.12 -23.29 -24.99
C LEU A 214 21.25 -24.24 -23.80
N ALA A 215 21.10 -23.71 -22.58
CA ALA A 215 21.13 -24.49 -21.32
C ALA A 215 20.10 -25.62 -21.39
N ALA A 216 18.89 -25.31 -21.87
CA ALA A 216 17.77 -26.27 -22.00
C ALA A 216 18.00 -27.20 -23.18
N ALA A 217 18.46 -26.66 -24.31
CA ALA A 217 18.64 -27.39 -25.59
C ALA A 217 19.84 -28.34 -25.52
N LEU A 218 20.92 -27.96 -24.84
CA LEU A 218 22.23 -28.68 -24.90
C LEU A 218 22.47 -29.51 -23.63
N ALA A 219 21.48 -29.62 -22.73
CA ALA A 219 21.57 -30.47 -21.52
C ALA A 219 21.76 -31.94 -21.94
N LYS A 220 21.04 -32.40 -22.97
CA LYS A 220 21.18 -33.74 -23.60
C LYS A 220 22.65 -34.10 -23.80
N ASP A 221 23.46 -33.13 -24.24
CA ASP A 221 24.86 -33.30 -24.70
C ASP A 221 25.84 -33.04 -23.54
N GLY A 222 25.31 -32.82 -22.33
CA GLY A 222 26.10 -32.58 -21.11
C GLY A 222 26.79 -31.24 -21.11
N ILE A 223 26.22 -30.25 -21.80
CA ILE A 223 26.78 -28.86 -21.91
C ILE A 223 25.94 -27.93 -21.03
N ARG A 224 26.60 -27.18 -20.14
CA ARG A 224 25.96 -26.15 -19.28
C ARG A 224 26.19 -24.77 -19.90
N SER A 225 25.19 -23.89 -19.83
CA SER A 225 25.24 -22.49 -20.32
C SER A 225 24.71 -21.56 -19.24
N ASN A 226 25.55 -20.61 -18.81
CA ASN A 226 25.23 -19.63 -17.73
C ASN A 226 25.77 -18.26 -18.15
N THR A 227 25.22 -17.19 -17.56
CA THR A 227 25.70 -15.80 -17.78
C THR A 227 26.27 -15.24 -16.47
N ILE A 228 27.26 -14.37 -16.59
CA ILE A 228 27.71 -13.45 -15.51
C ILE A 228 27.25 -12.05 -15.90
N SER A 229 26.64 -11.34 -14.96
CA SER A 229 26.17 -9.93 -15.11
C SER A 229 27.00 -9.04 -14.20
N PRO A 230 28.18 -8.55 -14.65
CA PRO A 230 28.99 -7.64 -13.84
C PRO A 230 28.25 -6.32 -13.63
N GLY A 231 28.42 -5.70 -12.46
CA GLY A 231 27.95 -4.34 -12.19
C GLY A 231 28.94 -3.33 -12.74
N TYR A 232 29.63 -2.61 -11.85
CA TYR A 232 30.78 -1.73 -12.18
C TYR A 232 32.06 -2.43 -11.78
N VAL A 233 32.87 -2.85 -12.76
CA VAL A 233 34.18 -3.52 -12.56
C VAL A 233 35.28 -2.62 -13.12
N TRP A 234 36.25 -2.24 -12.28
CA TRP A 234 37.44 -1.44 -12.67
C TRP A 234 38.40 -2.33 -13.47
N SER A 235 38.10 -2.56 -14.75
CA SER A 235 38.74 -3.56 -15.63
C SER A 235 39.97 -2.97 -16.33
N GLY A 236 40.07 -1.65 -16.39
CA GLY A 236 41.04 -0.90 -17.21
C GLY A 236 40.33 0.07 -18.13
N ILE A 237 39.04 -0.18 -18.39
CA ILE A 237 38.22 0.57 -19.40
C ILE A 237 37.84 1.95 -18.85
N PHE A 238 37.88 2.14 -17.53
CA PHE A 238 37.47 3.40 -16.84
C PHE A 238 38.68 4.31 -16.57
N ASN A 239 39.90 3.78 -16.74
CA ASN A 239 41.17 4.48 -16.40
C ASN A 239 41.23 5.82 -17.13
N GLY A 240 41.34 6.92 -16.37
CA GLY A 240 41.56 8.29 -16.89
C GLY A 240 40.30 8.91 -17.47
N ARG A 241 39.15 8.23 -17.36
CA ARG A 241 37.84 8.70 -17.90
C ARG A 241 37.00 9.31 -16.78
N ILE A 242 37.17 8.84 -15.53
CA ILE A 242 36.38 9.31 -14.36
C ILE A 242 37.32 9.93 -13.32
N ASP A 243 36.81 10.92 -12.56
CA ASP A 243 37.47 11.54 -11.39
C ASP A 243 36.80 10.99 -10.12
N MET A 244 37.23 11.44 -8.94
CA MET A 244 36.75 10.91 -7.63
C MET A 244 35.27 11.27 -7.43
N PRO A 245 34.82 12.53 -7.65
CA PRO A 245 33.40 12.86 -7.56
C PRO A 245 32.53 11.99 -8.46
N GLY A 246 32.96 11.75 -9.71
CA GLY A 246 32.29 10.86 -10.66
C GLY A 246 32.26 9.43 -10.16
N HIS A 247 33.39 8.94 -9.63
CA HIS A 247 33.57 7.60 -9.01
C HIS A 247 32.52 7.39 -7.92
N ASP A 248 32.47 8.30 -6.95
CA ASP A 248 31.54 8.26 -5.78
C ASP A 248 30.09 8.38 -6.28
N ALA A 249 29.84 9.25 -7.25
CA ALA A 249 28.50 9.54 -7.83
C ALA A 249 27.94 8.28 -8.51
N MET A 250 28.78 7.55 -9.25
CA MET A 250 28.40 6.29 -9.95
C MET A 250 28.06 5.20 -8.93
N LEU A 251 28.77 5.17 -7.80
CA LEU A 251 28.66 4.10 -6.77
C LEU A 251 27.66 4.48 -5.67
N GLU A 252 26.87 5.54 -5.89
CA GLU A 252 25.78 5.97 -4.98
C GLU A 252 24.79 4.81 -4.80
N VAL A 253 24.49 4.09 -5.88
CA VAL A 253 23.46 3.01 -5.93
C VAL A 253 24.13 1.63 -5.81
N VAL A 254 25.39 1.57 -5.37
CA VAL A 254 26.16 0.32 -5.13
C VAL A 254 26.44 0.20 -3.64
N PRO A 255 25.73 -0.68 -2.89
CA PRO A 255 25.91 -0.81 -1.45
C PRO A 255 27.38 -0.89 -0.99
N MET A 256 28.20 -1.70 -1.65
CA MET A 256 29.63 -1.91 -1.28
C MET A 256 30.43 -0.62 -1.48
N HIS A 257 29.91 0.32 -2.28
CA HIS A 257 30.46 1.68 -2.51
C HIS A 257 31.89 1.58 -3.06
N ARG A 258 32.11 0.65 -3.99
CA ARG A 258 33.41 0.45 -4.69
C ARG A 258 33.15 -0.29 -5.99
N PHE A 259 33.98 -0.05 -7.00
CA PHE A 259 34.05 -0.88 -8.23
C PHE A 259 34.51 -2.29 -7.82
N GLY A 260 34.03 -3.30 -8.53
CA GLY A 260 34.59 -4.67 -8.48
C GLY A 260 35.94 -4.69 -9.19
N THR A 261 36.72 -5.75 -8.99
CA THR A 261 38.04 -5.93 -9.65
C THR A 261 37.97 -7.17 -10.56
N ASN A 262 38.96 -7.32 -11.46
CA ASN A 262 38.99 -8.37 -12.51
C ASN A 262 39.05 -9.76 -11.86
N ASP A 263 39.73 -9.87 -10.71
CA ASP A 263 39.88 -11.14 -9.94
C ASP A 263 38.53 -11.62 -9.41
N GLU A 264 37.61 -10.69 -9.12
CA GLU A 264 36.27 -10.98 -8.54
C GLU A 264 35.33 -11.53 -9.62
N ILE A 265 35.54 -11.14 -10.88
CA ILE A 265 34.86 -11.76 -12.06
C ILE A 265 35.54 -13.11 -12.35
N ALA A 266 36.87 -13.14 -12.29
CA ALA A 266 37.70 -14.32 -12.64
C ALA A 266 37.34 -15.51 -11.75
N SER A 267 37.15 -15.29 -10.45
CA SER A 267 36.76 -16.34 -9.46
C SER A 267 35.38 -16.90 -9.82
N THR A 268 34.47 -16.05 -10.31
CA THR A 268 33.08 -16.44 -10.70
C THR A 268 33.11 -17.28 -11.98
N VAL A 269 33.99 -16.93 -12.93
CA VAL A 269 34.14 -17.65 -14.23
C VAL A 269 34.69 -19.06 -13.94
N LEU A 270 35.63 -19.18 -13.00
CA LEU A 270 36.21 -20.48 -12.57
C LEU A 270 35.11 -21.36 -11.96
N PHE A 271 34.25 -20.78 -11.12
CA PHE A 271 33.12 -21.49 -10.47
C PHE A 271 32.21 -22.11 -11.55
N LEU A 272 31.75 -21.30 -12.50
CA LEU A 272 30.78 -21.69 -13.57
C LEU A 272 31.44 -22.66 -14.57
N ALA A 273 32.74 -22.49 -14.85
CA ALA A 273 33.51 -23.32 -15.80
C ALA A 273 33.82 -24.69 -15.17
N SER A 274 34.12 -24.72 -13.87
CA SER A 274 34.53 -25.93 -13.12
C SER A 274 33.31 -26.76 -12.72
N ASP A 275 33.55 -27.93 -12.11
CA ASP A 275 32.50 -28.92 -11.70
C ASP A 275 31.84 -28.48 -10.40
N ALA A 276 32.35 -27.43 -9.75
CA ALA A 276 31.73 -26.79 -8.56
C ALA A 276 30.28 -26.38 -8.90
N SER A 277 30.04 -26.00 -10.17
CA SER A 277 28.74 -25.53 -10.68
C SER A 277 28.06 -26.62 -11.53
N SER A 278 28.35 -27.89 -11.24
CA SER A 278 27.94 -29.07 -12.06
C SER A 278 26.41 -29.13 -12.23
N TYR A 279 25.62 -28.64 -11.28
CA TYR A 279 24.14 -28.67 -11.34
C TYR A 279 23.58 -27.26 -11.61
N VAL A 280 24.44 -26.34 -12.04
CA VAL A 280 24.09 -24.91 -12.31
C VAL A 280 24.10 -24.69 -13.83
N THR A 281 22.93 -24.46 -14.42
CA THR A 281 22.76 -24.21 -15.87
C THR A 281 21.49 -23.39 -16.10
N GLY A 282 21.47 -22.57 -17.16
CA GLY A 282 20.33 -21.75 -17.59
C GLY A 282 20.00 -20.65 -16.59
N THR A 283 21.00 -20.17 -15.86
CA THR A 283 20.84 -19.13 -14.81
C THR A 283 21.88 -18.03 -15.00
N ASP A 284 21.82 -17.00 -14.15
CA ASP A 284 22.68 -15.79 -14.20
C ASP A 284 23.25 -15.55 -12.81
N ILE A 285 24.54 -15.22 -12.71
CA ILE A 285 25.20 -14.80 -11.44
C ILE A 285 25.55 -13.31 -11.55
N ARG A 286 24.81 -12.46 -10.84
CA ARG A 286 25.08 -11.00 -10.75
C ARG A 286 26.27 -10.79 -9.82
N VAL A 287 27.26 -10.00 -10.28
CA VAL A 287 28.51 -9.67 -9.54
C VAL A 287 28.63 -8.14 -9.58
N ASP A 288 27.81 -7.44 -8.78
CA ASP A 288 27.56 -5.99 -8.91
C ASP A 288 27.65 -5.27 -7.56
N GLY A 289 28.14 -5.93 -6.51
CA GLY A 289 28.29 -5.35 -5.16
C GLY A 289 26.96 -4.91 -4.57
N GLY A 290 25.88 -5.61 -4.93
CA GLY A 290 24.52 -5.40 -4.39
C GLY A 290 23.75 -4.32 -5.13
N TYR A 291 24.21 -3.89 -6.31
CA TYR A 291 23.52 -2.87 -7.14
C TYR A 291 22.06 -3.27 -7.31
N SER A 292 21.82 -4.47 -7.84
CA SER A 292 20.49 -4.98 -8.28
C SER A 292 19.45 -4.89 -7.15
N VAL A 293 19.90 -4.90 -5.89
CA VAL A 293 19.05 -4.77 -4.68
C VAL A 293 18.14 -3.54 -4.86
N PHE A 294 18.73 -2.39 -5.20
CA PHE A 294 18.01 -1.12 -5.50
C PHE A 294 17.35 -1.23 -6.89
N TYR B 21 -12.19 -20.75 -30.01
CA TYR B 21 -11.25 -19.57 -30.06
C TYR B 21 -11.68 -18.62 -31.17
N PRO B 22 -12.58 -17.66 -30.91
CA PRO B 22 -12.94 -16.63 -31.88
C PRO B 22 -11.72 -15.77 -32.22
N LEU B 23 -11.59 -15.33 -33.48
CA LEU B 23 -10.41 -14.58 -34.00
C LEU B 23 -10.70 -13.08 -34.05
N ASP B 24 -11.96 -12.68 -34.24
CA ASP B 24 -12.35 -11.28 -34.53
C ASP B 24 -13.73 -11.00 -33.94
N LYS B 25 -13.81 -10.84 -32.62
CA LYS B 25 -15.05 -10.48 -31.87
C LYS B 25 -15.47 -9.05 -32.24
N TRP B 26 -14.51 -8.18 -32.55
CA TRP B 26 -14.74 -6.77 -32.98
C TRP B 26 -15.67 -6.72 -34.19
N LYS B 27 -15.62 -7.76 -35.05
CA LYS B 27 -16.59 -7.95 -36.16
C LYS B 27 -17.88 -8.56 -35.60
N ASP B 28 -18.60 -7.77 -34.79
CA ASP B 28 -19.88 -8.15 -34.15
C ASP B 28 -20.50 -6.88 -33.56
N SER B 29 -21.73 -6.55 -33.98
CA SER B 29 -22.50 -5.35 -33.54
C SER B 29 -22.82 -5.46 -32.04
N ASN B 30 -23.03 -6.67 -31.54
CA ASN B 30 -23.26 -6.96 -30.09
C ASN B 30 -21.94 -7.37 -29.44
N TYR B 31 -20.93 -6.48 -29.48
CA TYR B 31 -19.62 -6.64 -28.79
C TYR B 31 -18.97 -5.27 -28.62
N SER B 32 -18.42 -5.01 -27.42
CA SER B 32 -17.60 -3.81 -27.10
C SER B 32 -16.45 -4.23 -26.17
N ILE B 33 -15.23 -3.79 -26.48
CA ILE B 33 -14.01 -4.07 -25.67
C ILE B 33 -14.15 -3.37 -24.32
N LEU B 34 -14.84 -2.22 -24.28
CA LEU B 34 -15.08 -1.41 -23.06
C LEU B 34 -15.97 -2.20 -22.08
N ASP B 35 -16.88 -3.05 -22.59
CA ASP B 35 -17.81 -3.86 -21.77
C ASP B 35 -17.03 -4.84 -20.89
N LYS B 36 -15.82 -5.25 -21.31
CA LYS B 36 -14.93 -6.17 -20.54
C LYS B 36 -14.51 -5.52 -19.22
N PHE B 37 -14.55 -4.18 -19.12
CA PHE B 37 -14.16 -3.39 -17.92
C PHE B 37 -15.36 -3.13 -17.01
N SER B 38 -16.52 -3.72 -17.32
CA SER B 38 -17.76 -3.62 -16.52
C SER B 38 -17.70 -4.61 -15.34
N MET B 39 -18.38 -4.28 -14.24
CA MET B 39 -18.49 -5.14 -13.03
C MET B 39 -19.97 -5.26 -12.63
N ARG B 40 -20.88 -5.12 -13.60
CA ARG B 40 -22.35 -5.22 -13.38
C ARG B 40 -22.69 -6.63 -12.89
N GLY B 41 -23.28 -6.75 -11.70
CA GLY B 41 -23.71 -8.02 -11.09
C GLY B 41 -22.60 -8.67 -10.28
N ARG B 42 -21.38 -8.12 -10.32
CA ARG B 42 -20.20 -8.65 -9.59
C ARG B 42 -20.30 -8.22 -8.12
N LYS B 43 -19.93 -9.11 -7.21
CA LYS B 43 -19.92 -8.88 -5.73
C LYS B 43 -18.54 -9.25 -5.20
N GLY B 44 -18.02 -8.46 -4.24
CA GLY B 44 -16.70 -8.67 -3.66
C GLY B 44 -16.43 -7.71 -2.51
N PHE B 45 -15.20 -7.74 -1.99
CA PHE B 45 -14.77 -6.93 -0.82
C PHE B 45 -13.36 -6.40 -1.03
N VAL B 46 -13.03 -5.33 -0.28
CA VAL B 46 -11.72 -4.63 -0.29
C VAL B 46 -11.26 -4.49 1.17
N THR B 47 -10.15 -5.16 1.54
CA THR B 47 -9.51 -4.99 2.87
C THR B 47 -8.64 -3.72 2.80
N GLY B 48 -8.47 -3.03 3.92
CA GLY B 48 -7.77 -1.73 3.99
C GLY B 48 -8.58 -0.62 3.32
N ALA B 49 -9.91 -0.70 3.39
CA ALA B 49 -10.86 0.16 2.63
C ALA B 49 -10.98 1.56 3.25
N ALA B 50 -10.38 1.79 4.43
CA ALA B 50 -10.31 3.13 5.07
C ALA B 50 -9.21 3.96 4.37
N GLY B 51 -8.07 3.34 4.07
CA GLY B 51 -6.91 3.96 3.39
C GLY B 51 -7.23 4.40 1.97
N GLY B 52 -6.30 5.13 1.35
CA GLY B 52 -6.46 5.73 0.01
C GLY B 52 -6.68 4.70 -1.08
N LEU B 53 -5.80 3.69 -1.16
CA LEU B 53 -5.82 2.65 -2.23
C LEU B 53 -7.11 1.83 -2.12
N GLY B 54 -7.46 1.41 -0.90
CA GLY B 54 -8.66 0.59 -0.62
C GLY B 54 -9.95 1.29 -1.03
N ARG B 55 -10.22 2.48 -0.50
CA ARG B 55 -11.51 3.19 -0.70
C ARG B 55 -11.64 3.63 -2.17
N ASN B 56 -10.54 4.03 -2.82
CA ASN B 56 -10.56 4.51 -4.23
C ASN B 56 -10.73 3.32 -5.18
N ALA B 57 -10.15 2.16 -4.84
CA ALA B 57 -10.36 0.87 -5.55
C ALA B 57 -11.84 0.49 -5.47
N ALA B 58 -12.39 0.49 -4.25
CA ALA B 58 -13.81 0.21 -3.96
C ALA B 58 -14.71 1.12 -4.80
N ALA B 59 -14.43 2.43 -4.79
CA ALA B 59 -15.17 3.47 -5.53
C ALA B 59 -15.16 3.17 -7.03
N ALA B 60 -13.99 2.78 -7.56
CA ALA B 60 -13.78 2.44 -8.99
C ALA B 60 -14.62 1.20 -9.36
N LEU B 61 -14.60 0.16 -8.52
CA LEU B 61 -15.35 -1.11 -8.71
C LEU B 61 -16.85 -0.84 -8.57
N ALA B 62 -17.25 0.05 -7.65
CA ALA B 62 -18.65 0.47 -7.41
C ALA B 62 -19.17 1.20 -8.65
N GLN B 63 -18.39 2.15 -9.18
CA GLN B 63 -18.75 2.98 -10.37
C GLN B 63 -18.87 2.08 -11.61
N ALA B 64 -18.13 0.97 -11.66
CA ALA B 64 -18.20 -0.06 -12.72
C ALA B 64 -19.47 -0.92 -12.55
N GLY B 65 -20.11 -0.84 -11.38
CA GLY B 65 -21.43 -1.42 -11.10
C GLY B 65 -21.35 -2.68 -10.24
N ALA B 66 -20.39 -2.75 -9.32
CA ALA B 66 -20.20 -3.90 -8.40
C ALA B 66 -20.78 -3.55 -7.02
N ASP B 67 -21.30 -4.56 -6.33
CA ASP B 67 -21.56 -4.52 -4.87
C ASP B 67 -20.22 -4.72 -4.17
N VAL B 68 -19.85 -3.80 -3.27
CA VAL B 68 -18.49 -3.74 -2.64
C VAL B 68 -18.66 -3.64 -1.13
N ALA B 69 -17.98 -4.51 -0.38
CA ALA B 69 -17.85 -4.46 1.09
C ALA B 69 -16.53 -3.78 1.46
N LEU B 70 -16.60 -2.64 2.16
CA LEU B 70 -15.41 -1.93 2.71
C LEU B 70 -15.02 -2.61 4.01
N VAL B 71 -13.83 -3.20 4.05
CA VAL B 71 -13.32 -4.00 5.21
C VAL B 71 -12.07 -3.31 5.75
N ASP B 72 -12.07 -2.98 7.05
CA ASP B 72 -10.91 -2.36 7.75
C ASP B 72 -11.01 -2.67 9.25
N LEU B 73 -10.14 -2.05 10.06
CA LEU B 73 -10.09 -2.27 11.53
C LEU B 73 -11.41 -1.83 12.17
N PRO B 74 -11.81 -2.46 13.30
CA PRO B 74 -13.02 -2.05 14.02
C PRO B 74 -13.04 -0.55 14.37
N SER B 75 -11.88 0.05 14.60
CA SER B 75 -11.69 1.48 14.91
C SER B 75 -12.13 2.38 13.75
N GLN B 76 -12.25 1.82 12.54
CA GLN B 76 -12.58 2.57 11.30
C GLN B 76 -14.08 2.42 10.94
N GLU B 77 -14.86 1.78 11.81
CA GLU B 77 -16.28 1.41 11.54
C GLU B 77 -17.08 2.65 11.12
N ASP B 78 -16.94 3.76 11.84
CA ASP B 78 -17.69 5.03 11.60
C ASP B 78 -17.30 5.58 10.22
N LYS B 79 -16.01 5.65 9.92
CA LYS B 79 -15.46 6.16 8.63
C LYS B 79 -15.94 5.27 7.47
N LEU B 80 -15.93 3.95 7.64
CA LEU B 80 -16.35 2.94 6.63
C LEU B 80 -17.83 3.14 6.28
N THR B 81 -18.68 3.32 7.29
CA THR B 81 -20.15 3.51 7.15
C THR B 81 -20.43 4.78 6.32
N GLU B 82 -19.79 5.89 6.68
CA GLU B 82 -19.92 7.20 5.99
C GLU B 82 -19.55 7.03 4.51
N LEU B 83 -18.45 6.32 4.24
CA LEU B 83 -17.97 6.02 2.86
C LEU B 83 -18.98 5.12 2.15
N ALA B 84 -19.35 4.00 2.78
CA ALA B 84 -20.26 2.96 2.24
C ALA B 84 -21.59 3.59 1.80
N LYS B 85 -22.10 4.55 2.56
CA LYS B 85 -23.34 5.31 2.28
C LYS B 85 -23.10 6.29 1.14
N ASP B 86 -21.97 7.01 1.17
CA ASP B 86 -21.54 7.99 0.15
C ASP B 86 -21.42 7.29 -1.21
N MET B 87 -20.76 6.13 -1.25
CA MET B 87 -20.50 5.36 -2.50
C MET B 87 -21.80 4.75 -3.04
N SER B 88 -22.68 4.29 -2.15
CA SER B 88 -24.00 3.68 -2.51
C SER B 88 -24.88 4.71 -3.21
N GLU B 89 -24.90 5.95 -2.70
CA GLU B 89 -25.69 7.09 -3.25
C GLU B 89 -25.21 7.41 -4.67
N ARG B 90 -23.90 7.55 -4.88
CA ARG B 90 -23.27 8.08 -6.12
C ARG B 90 -23.38 7.08 -7.27
N PHE B 91 -23.20 5.78 -7.00
CA PHE B 91 -23.03 4.72 -8.02
C PHE B 91 -24.23 3.76 -8.02
N GLY B 92 -25.19 3.93 -7.11
CA GLY B 92 -26.43 3.13 -7.05
C GLY B 92 -26.15 1.63 -7.02
N THR B 93 -25.25 1.20 -6.15
CA THR B 93 -24.94 -0.23 -5.87
C THR B 93 -24.89 -0.47 -4.37
N ASN B 94 -25.07 -1.72 -3.94
CA ASN B 94 -25.01 -2.13 -2.52
C ASN B 94 -23.55 -2.09 -2.06
N VAL B 95 -23.09 -0.94 -1.57
CA VAL B 95 -21.74 -0.75 -0.95
C VAL B 95 -21.92 -0.70 0.57
N ILE B 96 -21.37 -1.69 1.27
CA ILE B 96 -21.58 -1.93 2.73
C ILE B 96 -20.24 -1.77 3.46
N ALA B 97 -20.28 -1.79 4.80
CA ALA B 97 -19.11 -1.68 5.69
C ALA B 97 -19.06 -2.88 6.64
N LEU B 98 -17.91 -3.56 6.72
CA LEU B 98 -17.67 -4.68 7.67
C LEU B 98 -16.34 -4.45 8.40
N THR B 99 -16.35 -4.53 9.73
CA THR B 99 -15.14 -4.45 10.59
C THR B 99 -14.46 -5.83 10.59
N CYS B 100 -13.14 -5.87 10.60
CA CYS B 100 -12.33 -7.11 10.74
C CYS B 100 -10.85 -6.77 10.93
N ASP B 101 -10.28 -7.21 12.05
CA ASP B 101 -8.82 -7.26 12.27
C ASP B 101 -8.31 -8.57 11.65
N VAL B 102 -7.40 -8.47 10.66
CA VAL B 102 -6.91 -9.62 9.86
C VAL B 102 -5.95 -10.48 10.72
N THR B 103 -5.49 -9.95 11.86
CA THR B 103 -4.64 -10.67 12.85
C THR B 103 -5.51 -11.58 13.72
N ASP B 104 -6.84 -11.34 13.74
CA ASP B 104 -7.82 -12.06 14.58
C ASP B 104 -8.61 -13.06 13.71
N THR B 105 -8.34 -14.36 13.88
CA THR B 105 -8.92 -15.48 13.09
C THR B 105 -10.43 -15.58 13.31
N VAL B 106 -10.92 -15.17 14.49
CA VAL B 106 -12.37 -15.23 14.87
C VAL B 106 -13.12 -14.19 14.02
N GLN B 107 -12.55 -12.99 13.86
CA GLN B 107 -13.16 -11.87 13.09
C GLN B 107 -13.16 -12.21 11.60
N VAL B 108 -12.15 -12.94 11.12
CA VAL B 108 -12.03 -13.39 9.70
C VAL B 108 -13.11 -14.44 9.41
N ALA B 109 -13.33 -15.38 10.34
CA ALA B 109 -14.40 -16.39 10.28
C ALA B 109 -15.76 -15.69 10.25
N GLU B 110 -15.94 -14.68 11.10
CA GLU B 110 -17.17 -13.83 11.19
C GLU B 110 -17.35 -13.06 9.87
N LEU B 111 -16.25 -12.58 9.29
CA LEU B 111 -16.25 -11.81 8.00
C LEU B 111 -16.81 -12.70 6.88
N LYS B 112 -16.28 -13.93 6.75
CA LYS B 112 -16.67 -14.91 5.70
C LYS B 112 -18.20 -15.08 5.71
N THR B 113 -18.78 -15.33 6.88
CA THR B 113 -20.23 -15.56 7.07
C THR B 113 -21.00 -14.28 6.74
N GLN B 114 -20.50 -13.13 7.19
CA GLN B 114 -21.16 -11.80 6.98
C GLN B 114 -21.06 -11.40 5.50
N LEU B 115 -19.94 -11.70 4.83
CA LEU B 115 -19.74 -11.43 3.38
C LEU B 115 -20.85 -12.12 2.59
N VAL B 116 -21.02 -13.43 2.81
CA VAL B 116 -22.05 -14.28 2.12
C VAL B 116 -23.44 -13.75 2.47
N GLU B 117 -23.67 -13.38 3.73
CA GLU B 117 -25.02 -13.02 4.27
C GLU B 117 -25.47 -11.66 3.73
N GLN B 118 -24.56 -10.69 3.61
CA GLN B 118 -24.89 -9.28 3.26
C GLN B 118 -24.73 -9.03 1.75
N LEU B 119 -23.79 -9.70 1.08
CA LEU B 119 -23.52 -9.54 -0.38
C LEU B 119 -24.22 -10.63 -1.19
N GLY B 120 -24.26 -11.87 -0.68
CA GLY B 120 -24.80 -13.05 -1.38
C GLY B 120 -23.69 -14.01 -1.77
N THR B 121 -22.66 -13.51 -2.44
CA THR B 121 -21.43 -14.25 -2.81
C THR B 121 -20.27 -13.27 -3.02
N VAL B 122 -19.08 -13.82 -3.26
CA VAL B 122 -17.82 -13.05 -3.51
C VAL B 122 -17.25 -13.49 -4.86
N ASP B 123 -17.30 -12.60 -5.86
CA ASP B 123 -16.77 -12.81 -7.23
C ASP B 123 -15.36 -12.23 -7.36
N PHE B 124 -14.93 -11.41 -6.38
CA PHE B 124 -13.58 -10.78 -6.37
C PHE B 124 -13.20 -10.36 -4.94
N ALA B 125 -11.89 -10.27 -4.70
CA ALA B 125 -11.28 -9.83 -3.43
C ALA B 125 -10.03 -9.02 -3.73
N PHE B 126 -9.97 -7.78 -3.23
CA PHE B 126 -8.76 -6.92 -3.24
C PHE B 126 -8.16 -6.91 -1.83
N LEU B 127 -7.23 -7.85 -1.59
CA LEU B 127 -6.51 -8.02 -0.30
C LEU B 127 -5.41 -6.96 -0.23
N ASN B 128 -5.76 -5.77 0.28
CA ASN B 128 -4.98 -4.51 0.18
C ASN B 128 -4.48 -4.05 1.56
N ALA B 129 -5.04 -4.59 2.65
CA ALA B 129 -4.65 -4.25 4.04
C ALA B 129 -3.15 -4.50 4.23
N GLY B 130 -2.44 -3.53 4.81
CA GLY B 130 -0.99 -3.61 5.07
C GLY B 130 -0.51 -2.51 6.01
N VAL B 131 0.66 -2.70 6.62
CA VAL B 131 1.31 -1.72 7.54
C VAL B 131 2.81 -1.69 7.24
N ASN B 132 3.43 -0.52 7.44
CA ASN B 132 4.91 -0.35 7.49
C ASN B 132 5.28 0.01 8.93
N VAL B 133 5.83 -0.95 9.69
CA VAL B 133 6.17 -0.80 11.13
C VAL B 133 7.50 -0.06 11.25
N PRO B 134 7.58 1.05 12.02
CA PRO B 134 8.85 1.74 12.25
C PRO B 134 9.86 0.88 13.01
N GLY B 135 11.16 1.10 12.74
CA GLY B 135 12.28 0.31 13.27
C GLY B 135 12.48 -1.00 12.52
N ASP B 136 11.99 -1.07 11.27
CA ASP B 136 12.02 -2.28 10.41
C ASP B 136 13.28 -2.22 9.53
N ASP B 137 14.45 -2.16 10.16
CA ASP B 137 15.78 -2.08 9.49
C ASP B 137 16.52 -3.41 9.74
N GLN B 138 17.84 -3.42 9.58
CA GLN B 138 18.69 -4.63 9.76
C GLN B 138 18.57 -5.12 11.21
N ASP B 139 18.25 -4.21 12.14
CA ASP B 139 18.05 -4.51 13.58
C ASP B 139 16.55 -4.48 13.91
N ALA B 140 15.70 -4.93 12.98
CA ALA B 140 14.26 -5.17 13.23
C ALA B 140 14.14 -6.18 14.37
N THR B 141 13.50 -5.79 15.48
CA THR B 141 13.33 -6.63 16.69
C THR B 141 12.29 -7.72 16.42
N GLU B 142 12.21 -8.70 17.32
CA GLU B 142 11.18 -9.77 17.31
C GLU B 142 9.79 -9.15 17.17
N GLU B 143 9.55 -8.07 17.92
CA GLU B 143 8.24 -7.37 18.01
C GLU B 143 7.91 -6.72 16.65
N VAL B 144 8.88 -6.01 16.05
CA VAL B 144 8.69 -5.27 14.76
C VAL B 144 8.53 -6.29 13.63
N TRP B 145 9.36 -7.35 13.61
CA TRP B 145 9.35 -8.41 12.59
C TRP B 145 8.01 -9.15 12.60
N THR B 146 7.68 -9.78 13.73
CA THR B 146 6.49 -10.66 13.91
C THR B 146 5.19 -9.88 13.66
N ARG B 147 5.15 -8.60 14.07
CA ARG B 147 3.98 -7.72 13.85
C ARG B 147 3.72 -7.56 12.35
N THR B 148 4.78 -7.37 11.56
CA THR B 148 4.73 -7.18 10.09
C THR B 148 4.27 -8.47 9.42
N ILE B 149 4.80 -9.62 9.85
CA ILE B 149 4.41 -10.97 9.33
C ILE B 149 2.94 -11.23 9.69
N ASN B 150 2.57 -11.00 10.95
CA ASN B 150 1.20 -11.24 11.46
C ASN B 150 0.20 -10.50 10.57
N ILE B 151 0.42 -9.19 10.38
CA ILE B 151 -0.50 -8.30 9.63
C ILE B 151 -0.39 -8.57 8.12
N ASN B 152 0.80 -8.37 7.54
CA ASN B 152 0.99 -8.33 6.06
C ASN B 152 0.87 -9.73 5.46
N LEU B 153 1.56 -10.71 6.04
CA LEU B 153 1.63 -12.08 5.45
C LEU B 153 0.40 -12.89 5.88
N ASN B 154 0.29 -13.23 7.17
CA ASN B 154 -0.72 -14.16 7.72
C ASN B 154 -2.12 -13.58 7.53
N GLY B 155 -2.28 -12.26 7.70
CA GLY B 155 -3.57 -11.54 7.57
C GLY B 155 -4.07 -11.53 6.14
N THR B 156 -3.15 -11.35 5.18
CA THR B 156 -3.44 -11.31 3.71
C THR B 156 -3.81 -12.72 3.24
N TYR B 157 -3.13 -13.75 3.75
CA TYR B 157 -3.40 -15.18 3.47
C TYR B 157 -4.83 -15.53 3.93
N ARG B 158 -5.19 -15.16 5.16
CA ARG B 158 -6.51 -15.39 5.78
C ARG B 158 -7.63 -14.82 4.91
N THR B 159 -7.56 -13.51 4.65
CA THR B 159 -8.59 -12.74 3.90
C THR B 159 -8.65 -13.27 2.46
N GLY B 160 -7.50 -13.68 1.90
CA GLY B 160 -7.42 -14.37 0.61
C GLY B 160 -8.10 -15.73 0.66
N ARG B 161 -7.87 -16.51 1.73
CA ARG B 161 -8.34 -17.90 1.87
C ARG B 161 -9.87 -17.94 1.90
N ILE B 162 -10.50 -17.04 2.68
CA ILE B 162 -11.99 -17.00 2.82
C ILE B 162 -12.62 -16.57 1.49
N ALA B 163 -11.90 -15.79 0.69
CA ALA B 163 -12.36 -15.27 -0.63
C ALA B 163 -12.53 -16.42 -1.62
N HIS B 164 -11.51 -17.26 -1.79
CA HIS B 164 -11.51 -18.39 -2.77
C HIS B 164 -12.26 -19.59 -2.17
N GLU B 165 -12.43 -19.62 -0.84
CA GLU B 165 -13.32 -20.59 -0.15
C GLU B 165 -14.77 -20.35 -0.61
N ILE B 166 -15.23 -19.10 -0.53
CA ILE B 166 -16.61 -18.68 -0.92
C ILE B 166 -16.82 -19.00 -2.41
N MET B 167 -15.94 -18.49 -3.29
CA MET B 167 -16.00 -18.67 -4.76
C MET B 167 -16.27 -20.14 -5.09
N ARG B 168 -15.47 -21.06 -4.52
CA ARG B 168 -15.49 -22.51 -4.83
C ARG B 168 -16.72 -23.17 -4.22
N GLU B 169 -17.05 -22.85 -2.95
CA GLU B 169 -18.26 -23.34 -2.25
C GLU B 169 -19.51 -22.96 -3.07
N HIS B 170 -19.51 -21.77 -3.67
CA HIS B 170 -20.63 -21.21 -4.46
C HIS B 170 -20.49 -21.61 -5.93
N GLY B 171 -19.42 -22.35 -6.27
CA GLY B 171 -19.26 -23.09 -7.54
C GLY B 171 -19.11 -22.19 -8.75
N HIS B 172 -18.45 -21.04 -8.58
CA HIS B 172 -18.18 -20.07 -9.68
C HIS B 172 -16.78 -19.47 -9.53
N GLY B 173 -16.25 -18.92 -10.61
CA GLY B 173 -14.91 -18.31 -10.67
C GLY B 173 -14.88 -16.93 -10.04
N GLY B 174 -13.76 -16.22 -10.19
CA GLY B 174 -13.54 -14.89 -9.62
C GLY B 174 -12.12 -14.41 -9.82
N SER B 175 -11.79 -13.24 -9.27
CA SER B 175 -10.51 -12.54 -9.45
C SER B 175 -9.97 -12.10 -8.08
N LEU B 176 -8.85 -12.68 -7.65
CA LEU B 176 -8.10 -12.26 -6.43
C LEU B 176 -7.05 -11.24 -6.84
N ILE B 177 -6.97 -10.14 -6.11
CA ILE B 177 -5.96 -9.05 -6.31
C ILE B 177 -5.30 -8.76 -4.95
N PHE B 178 -4.01 -9.07 -4.84
CA PHE B 178 -3.19 -8.84 -3.62
C PHE B 178 -2.30 -7.61 -3.85
N THR B 179 -2.34 -6.63 -2.95
CA THR B 179 -1.41 -5.48 -2.97
C THR B 179 -0.05 -5.95 -2.45
N ALA B 180 0.91 -6.14 -3.36
CA ALA B 180 2.33 -6.39 -3.03
C ALA B 180 2.99 -5.02 -2.81
N ALA B 181 4.24 -4.85 -3.23
CA ALA B 181 4.97 -3.56 -3.16
C ALA B 181 6.23 -3.64 -4.03
N LEU B 182 6.74 -2.46 -4.40
CA LEU B 182 8.10 -2.28 -4.98
C LEU B 182 9.12 -2.89 -4.01
N SER B 183 8.91 -2.69 -2.71
CA SER B 183 9.72 -3.23 -1.57
C SER B 183 9.82 -4.75 -1.64
N GLY B 184 8.85 -5.42 -2.25
CA GLY B 184 8.85 -6.88 -2.49
C GLY B 184 9.86 -7.31 -3.54
N HIS B 185 10.14 -6.44 -4.53
CA HIS B 185 11.09 -6.67 -5.64
C HIS B 185 12.47 -6.10 -5.29
N ASN B 186 12.50 -4.85 -4.81
CA ASN B 186 13.74 -4.06 -4.57
C ASN B 186 13.63 -3.37 -3.21
N ALA B 187 14.75 -3.26 -2.48
CA ALA B 187 14.88 -2.40 -1.27
C ALA B 187 14.85 -0.94 -1.71
N ASN B 188 13.80 -0.21 -1.32
CA ASN B 188 13.60 1.23 -1.65
C ASN B 188 14.90 2.01 -1.40
N TYR B 189 15.30 2.84 -2.36
CA TYR B 189 16.57 3.61 -2.36
C TYR B 189 16.32 5.07 -1.99
N MET B 190 17.12 5.61 -1.07
CA MET B 190 17.09 7.05 -0.68
C MET B 190 18.50 7.49 -0.25
N MET B 191 19.06 8.46 -0.95
CA MET B 191 20.41 9.06 -0.72
C MET B 191 21.39 7.98 -0.23
N GLY B 192 21.62 6.97 -1.06
CA GLY B 192 22.74 6.01 -0.96
C GLY B 192 22.48 4.88 0.02
N SER B 193 21.29 4.82 0.63
CA SER B 193 20.93 3.82 1.67
C SER B 193 19.55 3.22 1.41
N PRO B 194 19.32 1.95 1.81
CA PRO B 194 17.98 1.37 1.77
C PRO B 194 17.11 1.94 2.90
N THR B 195 15.84 2.22 2.61
CA THR B 195 14.82 2.67 3.61
C THR B 195 14.43 1.45 4.44
N PRO B 196 13.91 1.63 5.67
CA PRO B 196 13.62 0.49 6.55
C PRO B 196 12.38 -0.30 6.09
N VAL B 197 12.60 -1.35 5.29
CA VAL B 197 11.54 -2.23 4.72
C VAL B 197 12.01 -3.69 4.79
N ASN B 198 12.71 -4.06 5.87
CA ASN B 198 13.30 -5.42 6.09
C ASN B 198 12.19 -6.47 6.05
N ALA B 199 11.37 -6.55 7.12
CA ALA B 199 10.21 -7.46 7.25
C ALA B 199 9.16 -7.13 6.18
N TYR B 200 8.91 -5.84 5.95
CA TYR B 200 7.91 -5.31 4.97
C TYR B 200 8.17 -5.96 3.61
N GLY B 201 9.37 -5.75 3.06
CA GLY B 201 9.80 -6.30 1.76
C GLY B 201 9.62 -7.80 1.70
N ALA B 202 9.99 -8.51 2.77
CA ALA B 202 9.87 -9.98 2.91
C ALA B 202 8.41 -10.42 2.75
N THR B 203 7.47 -9.75 3.43
CA THR B 203 6.03 -10.09 3.42
C THR B 203 5.45 -9.86 2.03
N LYS B 204 5.81 -8.74 1.39
CA LYS B 204 5.30 -8.34 0.05
C LYS B 204 5.81 -9.32 -1.01
N ALA B 205 7.04 -9.82 -0.87
CA ALA B 205 7.65 -10.86 -1.72
C ALA B 205 6.92 -12.20 -1.53
N ALA B 206 6.61 -12.55 -0.27
CA ALA B 206 5.85 -13.78 0.10
C ALA B 206 4.45 -13.75 -0.51
N ILE B 207 3.81 -12.57 -0.48
CA ILE B 207 2.42 -12.37 -1.01
C ILE B 207 2.41 -12.61 -2.53
N MET B 208 3.49 -12.23 -3.22
CA MET B 208 3.59 -12.37 -4.69
C MET B 208 3.69 -13.85 -5.07
N GLU B 209 4.51 -14.64 -4.37
CA GLU B 209 4.67 -16.10 -4.63
C GLU B 209 3.42 -16.84 -4.14
N HIS B 210 2.78 -16.35 -3.07
CA HIS B 210 1.47 -16.85 -2.57
C HIS B 210 0.44 -16.72 -3.69
N SER B 211 0.30 -15.52 -4.27
CA SER B 211 -0.64 -15.20 -5.38
C SER B 211 -0.35 -16.11 -6.59
N ARG B 212 0.92 -16.29 -6.92
CA ARG B 212 1.38 -17.14 -8.05
C ARG B 212 0.93 -18.60 -7.81
N TYR B 213 1.09 -19.12 -6.59
CA TYR B 213 0.68 -20.51 -6.24
C TYR B 213 -0.83 -20.66 -6.42
N LEU B 214 -1.60 -19.69 -5.90
CA LEU B 214 -3.09 -19.70 -5.98
C LEU B 214 -3.52 -19.70 -7.45
N ALA B 215 -2.89 -18.84 -8.27
CA ALA B 215 -3.16 -18.73 -9.73
C ALA B 215 -3.08 -20.13 -10.37
N ALA B 216 -2.03 -20.90 -10.05
CA ALA B 216 -1.79 -22.25 -10.60
C ALA B 216 -2.79 -23.26 -10.02
N ALA B 217 -3.05 -23.18 -8.71
CA ALA B 217 -3.87 -24.14 -7.94
C ALA B 217 -5.35 -23.98 -8.25
N LEU B 218 -5.83 -22.75 -8.48
CA LEU B 218 -7.28 -22.40 -8.56
C LEU B 218 -7.69 -22.08 -10.00
N ALA B 219 -6.79 -22.22 -10.98
CA ALA B 219 -7.08 -21.97 -12.42
C ALA B 219 -8.31 -22.78 -12.85
N LYS B 220 -8.34 -24.07 -12.50
CA LYS B 220 -9.42 -25.03 -12.87
C LYS B 220 -10.76 -24.61 -12.26
N ASP B 221 -10.75 -23.84 -11.16
CA ASP B 221 -11.97 -23.33 -10.47
C ASP B 221 -12.45 -22.03 -11.11
N GLY B 222 -11.78 -21.55 -12.16
CA GLY B 222 -12.10 -20.31 -12.87
C GLY B 222 -11.69 -19.08 -12.06
N ILE B 223 -10.79 -19.25 -11.09
CA ILE B 223 -10.31 -18.17 -10.19
C ILE B 223 -8.93 -17.71 -10.68
N ARG B 224 -8.77 -16.38 -10.83
CA ARG B 224 -7.47 -15.74 -11.19
C ARG B 224 -6.88 -15.11 -9.94
N SER B 225 -5.56 -15.15 -9.79
CA SER B 225 -4.79 -14.52 -8.69
C SER B 225 -3.62 -13.71 -9.27
N ASN B 226 -3.62 -12.40 -9.01
CA ASN B 226 -2.59 -11.44 -9.49
C ASN B 226 -2.22 -10.50 -8.34
N THR B 227 -1.05 -9.86 -8.44
CA THR B 227 -0.59 -8.82 -7.48
C THR B 227 -0.45 -7.48 -8.21
N ILE B 228 -0.62 -6.38 -7.47
CA ILE B 228 -0.22 -5.00 -7.87
C ILE B 228 0.92 -4.59 -6.93
N SER B 229 2.01 -4.07 -7.50
CA SER B 229 3.21 -3.59 -6.76
C SER B 229 3.35 -2.08 -6.95
N PRO B 230 2.67 -1.26 -6.12
CA PRO B 230 2.82 0.19 -6.18
C PRO B 230 4.24 0.62 -5.81
N GLY B 231 4.73 1.71 -6.42
CA GLY B 231 5.97 2.38 -6.03
C GLY B 231 5.71 3.35 -4.90
N TYR B 232 5.69 4.65 -5.20
CA TYR B 232 5.31 5.75 -4.26
C TYR B 232 3.98 6.33 -4.73
N VAL B 233 2.92 6.12 -3.94
CA VAL B 233 1.54 6.60 -4.23
C VAL B 233 1.12 7.52 -3.07
N TRP B 234 0.76 8.77 -3.39
CA TRP B 234 0.25 9.74 -2.39
C TRP B 234 -1.20 9.37 -2.04
N SER B 235 -1.36 8.38 -1.15
CA SER B 235 -2.65 7.76 -0.78
C SER B 235 -3.28 8.50 0.39
N GLY B 236 -2.49 9.29 1.14
CA GLY B 236 -2.89 9.93 2.39
C GLY B 236 -1.96 9.54 3.53
N ILE B 237 -1.28 8.40 3.39
CA ILE B 237 -0.40 7.81 4.46
C ILE B 237 0.85 8.67 4.63
N PHE B 238 1.26 9.44 3.60
CA PHE B 238 2.46 10.29 3.61
C PHE B 238 2.12 11.71 4.10
N ASN B 239 0.84 12.03 4.29
CA ASN B 239 0.38 13.40 4.66
C ASN B 239 1.05 13.83 5.95
N GLY B 240 1.89 14.88 5.87
CA GLY B 240 2.54 15.53 7.03
C GLY B 240 3.75 14.76 7.54
N ARG B 241 4.18 13.70 6.84
CA ARG B 241 5.25 12.78 7.29
C ARG B 241 6.54 12.99 6.49
N ILE B 242 6.46 13.68 5.35
CA ILE B 242 7.66 14.03 4.50
C ILE B 242 7.59 15.49 4.09
N ASP B 243 8.76 16.15 3.99
CA ASP B 243 8.92 17.54 3.50
C ASP B 243 9.33 17.49 2.01
N MET B 244 9.50 18.65 1.37
CA MET B 244 9.79 18.77 -0.08
C MET B 244 11.17 18.16 -0.41
N PRO B 245 12.26 18.52 0.30
CA PRO B 245 13.56 17.86 0.06
C PRO B 245 13.48 16.33 0.15
N GLY B 246 12.80 15.80 1.16
CA GLY B 246 12.56 14.35 1.34
C GLY B 246 11.77 13.77 0.17
N HIS B 247 10.73 14.50 -0.26
CA HIS B 247 9.86 14.16 -1.42
C HIS B 247 10.72 13.98 -2.69
N ASP B 248 11.57 14.97 -2.97
CA ASP B 248 12.42 15.04 -4.20
C ASP B 248 13.51 13.96 -4.11
N ALA B 249 14.08 13.74 -2.92
CA ALA B 249 15.15 12.74 -2.65
C ALA B 249 14.63 11.33 -2.95
N MET B 250 13.33 11.09 -2.76
CA MET B 250 12.67 9.79 -3.00
C MET B 250 12.40 9.60 -4.50
N LEU B 251 12.11 10.69 -5.22
CA LEU B 251 11.71 10.67 -6.66
C LEU B 251 12.93 10.78 -7.57
N GLU B 252 14.14 10.82 -7.00
CA GLU B 252 15.43 10.74 -7.75
C GLU B 252 15.41 9.52 -8.68
N VAL B 253 14.90 8.38 -8.20
CA VAL B 253 14.95 7.05 -8.89
C VAL B 253 13.58 6.74 -9.52
N VAL B 254 12.67 7.71 -9.55
CA VAL B 254 11.35 7.60 -10.26
C VAL B 254 11.42 8.52 -11.48
N PRO B 255 11.55 7.96 -12.70
CA PRO B 255 11.66 8.77 -13.92
C PRO B 255 10.51 9.77 -14.12
N MET B 256 9.28 9.41 -13.76
CA MET B 256 8.10 10.29 -13.84
C MET B 256 8.23 11.44 -12.83
N HIS B 257 9.10 11.30 -11.83
CA HIS B 257 9.52 12.37 -10.88
C HIS B 257 8.30 12.92 -10.14
N ARG B 258 7.34 12.05 -9.82
CA ARG B 258 6.14 12.40 -9.02
C ARG B 258 5.62 11.13 -8.35
N PHE B 259 4.90 11.28 -7.24
CA PHE B 259 4.12 10.20 -6.58
C PHE B 259 2.95 9.84 -7.51
N GLY B 260 2.52 8.58 -7.47
CA GLY B 260 1.25 8.13 -8.05
C GLY B 260 0.08 8.66 -7.24
N THR B 261 -1.14 8.55 -7.78
CA THR B 261 -2.40 8.94 -7.10
C THR B 261 -3.32 7.72 -7.05
N ASN B 262 -4.27 7.72 -6.10
CA ASN B 262 -5.13 6.56 -5.76
C ASN B 262 -5.88 6.08 -7.01
N ASP B 263 -6.28 7.01 -7.88
CA ASP B 263 -7.02 6.72 -9.14
C ASP B 263 -6.18 5.84 -10.07
N GLU B 264 -4.87 6.05 -10.10
CA GLU B 264 -3.93 5.32 -10.99
C GLU B 264 -3.80 3.86 -10.52
N ILE B 265 -3.94 3.61 -9.21
CA ILE B 265 -4.00 2.24 -8.63
C ILE B 265 -5.39 1.64 -8.89
N ALA B 266 -6.45 2.44 -8.74
CA ALA B 266 -7.85 2.00 -8.87
C ALA B 266 -8.11 1.47 -10.28
N SER B 267 -7.66 2.20 -11.31
CA SER B 267 -7.78 1.81 -12.74
C SER B 267 -7.11 0.45 -12.98
N THR B 268 -5.96 0.20 -12.35
CA THR B 268 -5.19 -1.08 -12.44
C THR B 268 -5.98 -2.19 -11.75
N VAL B 269 -6.54 -1.92 -10.55
CA VAL B 269 -7.36 -2.88 -9.76
C VAL B 269 -8.57 -3.32 -10.60
N LEU B 270 -9.24 -2.36 -11.25
CA LEU B 270 -10.44 -2.59 -12.10
C LEU B 270 -10.08 -3.54 -13.26
N PHE B 271 -8.97 -3.29 -13.94
CA PHE B 271 -8.45 -4.11 -15.06
C PHE B 271 -8.28 -5.57 -14.61
N LEU B 272 -7.64 -5.77 -13.45
CA LEU B 272 -7.31 -7.12 -12.90
C LEU B 272 -8.58 -7.81 -12.38
N ALA B 273 -9.54 -7.05 -11.86
CA ALA B 273 -10.82 -7.55 -11.32
C ALA B 273 -11.75 -7.96 -12.48
N SER B 274 -11.82 -7.12 -13.52
CA SER B 274 -12.78 -7.25 -14.64
C SER B 274 -12.30 -8.28 -15.67
N ASP B 275 -13.15 -8.62 -16.63
CA ASP B 275 -12.91 -9.64 -17.69
C ASP B 275 -11.84 -9.14 -18.68
N ALA B 276 -11.57 -7.82 -18.70
CA ALA B 276 -10.49 -7.20 -19.49
C ALA B 276 -9.19 -8.00 -19.36
N SER B 277 -8.94 -8.59 -18.18
CA SER B 277 -7.71 -9.35 -17.83
C SER B 277 -8.03 -10.85 -17.70
N SER B 278 -8.94 -11.37 -18.54
CA SER B 278 -9.48 -12.75 -18.44
C SER B 278 -8.39 -13.81 -18.63
N TYR B 279 -7.29 -13.49 -19.32
CA TYR B 279 -6.16 -14.42 -19.58
C TYR B 279 -4.92 -14.02 -18.75
N VAL B 280 -5.08 -13.12 -17.78
CA VAL B 280 -4.00 -12.61 -16.90
C VAL B 280 -4.16 -13.25 -15.52
N THR B 281 -3.23 -14.12 -15.13
CA THR B 281 -3.20 -14.79 -13.80
C THR B 281 -1.77 -15.18 -13.44
N GLY B 282 -1.45 -15.20 -12.15
CA GLY B 282 -0.15 -15.64 -11.61
C GLY B 282 0.98 -14.71 -11.99
N THR B 283 0.68 -13.43 -12.16
CA THR B 283 1.65 -12.37 -12.57
C THR B 283 1.45 -11.14 -11.67
N ASP B 284 2.23 -10.08 -11.94
CA ASP B 284 2.28 -8.84 -11.13
C ASP B 284 2.30 -7.63 -12.08
N ILE B 285 1.51 -6.60 -11.78
CA ILE B 285 1.55 -5.29 -12.49
C ILE B 285 2.20 -4.26 -11.56
N ARG B 286 3.42 -3.85 -11.88
CA ARG B 286 4.16 -2.77 -11.16
C ARG B 286 3.57 -1.42 -11.61
N VAL B 287 3.22 -0.58 -10.64
CA VAL B 287 2.67 0.79 -10.85
C VAL B 287 3.55 1.75 -10.04
N ASP B 288 4.74 2.06 -10.55
CA ASP B 288 5.82 2.75 -9.80
C ASP B 288 6.40 3.92 -10.62
N GLY B 289 5.74 4.31 -11.72
CA GLY B 289 6.17 5.42 -12.59
C GLY B 289 7.59 5.24 -13.12
N GLY B 290 8.02 3.99 -13.32
CA GLY B 290 9.32 3.65 -13.93
C GLY B 290 10.39 3.25 -12.93
N TYR B 291 10.09 3.20 -11.63
CA TYR B 291 11.08 2.91 -10.56
C TYR B 291 11.90 1.67 -10.92
N SER B 292 11.22 0.59 -11.34
CA SER B 292 11.79 -0.77 -11.52
C SER B 292 12.93 -0.78 -12.54
N VAL B 293 13.00 0.23 -13.42
CA VAL B 293 14.00 0.31 -14.52
C VAL B 293 15.39 0.54 -13.93
N PHE B 294 15.50 1.22 -12.78
CA PHE B 294 16.78 1.51 -12.07
C PHE B 294 17.10 0.39 -11.09
N PHE C 17 -35.14 -72.37 22.81
CA PHE C 17 -35.54 -71.29 23.78
C PHE C 17 -34.43 -71.12 24.83
N ASP C 18 -34.27 -72.10 25.73
CA ASP C 18 -33.22 -72.12 26.78
C ASP C 18 -31.85 -72.11 26.09
N GLU C 19 -31.74 -72.85 24.99
CA GLU C 19 -30.51 -72.98 24.16
C GLU C 19 -30.31 -71.71 23.32
N ARG C 20 -31.39 -71.20 22.72
CA ARG C 20 -31.32 -70.04 21.79
C ARG C 20 -31.09 -68.74 22.56
N TYR C 21 -31.55 -68.68 23.82
CA TYR C 21 -31.48 -67.47 24.68
C TYR C 21 -30.89 -67.82 26.04
N PRO C 22 -29.55 -67.94 26.16
CA PRO C 22 -28.90 -68.14 27.47
C PRO C 22 -29.20 -66.97 28.42
N LEU C 23 -29.46 -67.28 29.70
CA LEU C 23 -29.93 -66.30 30.72
C LEU C 23 -28.72 -65.70 31.45
N ASP C 24 -27.68 -66.51 31.72
CA ASP C 24 -26.54 -66.13 32.60
C ASP C 24 -25.23 -66.63 31.99
N LYS C 25 -24.75 -65.92 30.95
CA LYS C 25 -23.46 -66.22 30.25
C LYS C 25 -22.28 -65.99 31.22
N TRP C 26 -22.46 -65.10 32.20
CA TRP C 26 -21.43 -64.72 33.21
C TRP C 26 -21.05 -65.92 34.07
N LYS C 27 -21.92 -66.94 34.15
CA LYS C 27 -21.68 -68.19 34.95
C LYS C 27 -20.65 -69.08 34.25
N ASP C 28 -20.34 -68.81 32.98
CA ASP C 28 -19.20 -69.44 32.23
C ASP C 28 -17.92 -68.65 32.54
N SER C 29 -16.97 -69.29 33.23
CA SER C 29 -15.73 -68.65 33.77
C SER C 29 -14.81 -68.20 32.64
N ASN C 30 -14.96 -68.78 31.43
CA ASN C 30 -14.21 -68.37 30.22
C ASN C 30 -14.81 -67.09 29.65
N TYR C 31 -16.15 -66.93 29.71
CA TYR C 31 -16.90 -65.79 29.14
C TYR C 31 -16.55 -64.49 29.88
N SER C 32 -16.47 -63.39 29.14
CA SER C 32 -16.26 -62.00 29.65
C SER C 32 -17.10 -61.01 28.85
N ILE C 33 -17.81 -60.12 29.55
CA ILE C 33 -18.61 -59.02 28.94
C ILE C 33 -17.67 -58.06 28.19
N LEU C 34 -16.43 -57.91 28.66
CA LEU C 34 -15.44 -56.94 28.14
C LEU C 34 -14.93 -57.37 26.74
N ASP C 35 -15.06 -58.66 26.40
CA ASP C 35 -14.66 -59.22 25.09
C ASP C 35 -15.58 -58.70 23.98
N LYS C 36 -16.79 -58.24 24.32
CA LYS C 36 -17.78 -57.69 23.37
C LYS C 36 -17.23 -56.42 22.70
N PHE C 37 -16.37 -55.67 23.41
CA PHE C 37 -15.85 -54.34 22.97
C PHE C 37 -14.58 -54.50 22.14
N SER C 38 -14.06 -55.73 22.00
CA SER C 38 -12.90 -56.05 21.13
C SER C 38 -13.32 -55.97 19.66
N MET C 39 -12.38 -55.59 18.79
CA MET C 39 -12.56 -55.55 17.32
C MET C 39 -11.49 -56.43 16.66
N ARG C 40 -10.99 -57.44 17.40
CA ARG C 40 -9.95 -58.39 16.92
C ARG C 40 -10.49 -59.16 15.70
N GLY C 41 -9.79 -59.08 14.58
CA GLY C 41 -10.14 -59.78 13.32
C GLY C 41 -11.16 -59.03 12.49
N ARG C 42 -11.57 -57.83 12.93
CA ARG C 42 -12.52 -56.95 12.22
C ARG C 42 -11.75 -56.07 11.23
N LYS C 43 -12.40 -55.70 10.13
CA LYS C 43 -11.86 -54.76 9.10
C LYS C 43 -12.98 -53.82 8.67
N GLY C 44 -12.66 -52.56 8.42
CA GLY C 44 -13.64 -51.54 8.03
C GLY C 44 -12.96 -50.26 7.61
N PHE C 45 -13.73 -49.19 7.43
CA PHE C 45 -13.23 -47.86 6.97
C PHE C 45 -13.99 -46.73 7.67
N VAL C 46 -13.39 -45.54 7.64
CA VAL C 46 -13.90 -44.29 8.28
C VAL C 46 -13.77 -43.15 7.26
N THR C 47 -14.88 -42.58 6.81
CA THR C 47 -14.90 -41.40 5.90
C THR C 47 -14.73 -40.14 6.75
N GLY C 48 -14.19 -39.07 6.16
CA GLY C 48 -13.81 -37.85 6.88
C GLY C 48 -12.72 -38.10 7.92
N ALA C 49 -11.79 -39.02 7.61
CA ALA C 49 -10.78 -39.57 8.54
C ALA C 49 -9.66 -38.55 8.83
N ALA C 50 -9.56 -37.48 8.05
CA ALA C 50 -8.61 -36.37 8.28
C ALA C 50 -9.09 -35.53 9.48
N GLY C 51 -10.41 -35.43 9.65
CA GLY C 51 -11.07 -34.64 10.72
C GLY C 51 -10.93 -35.28 12.09
N GLY C 52 -11.31 -34.54 13.14
CA GLY C 52 -11.17 -34.95 14.55
C GLY C 52 -11.91 -36.24 14.86
N LEU C 53 -13.22 -36.29 14.58
CA LEU C 53 -14.08 -37.46 14.89
C LEU C 53 -13.56 -38.69 14.13
N GLY C 54 -13.28 -38.52 12.83
CA GLY C 54 -12.83 -39.59 11.91
C GLY C 54 -11.55 -40.27 12.40
N ARG C 55 -10.47 -39.51 12.58
CA ARG C 55 -9.12 -40.07 12.90
C ARG C 55 -9.13 -40.69 14.30
N ASN C 56 -9.91 -40.13 15.24
CA ASN C 56 -10.00 -40.63 16.64
C ASN C 56 -10.85 -41.90 16.69
N ALA C 57 -11.89 -42.01 15.86
CA ALA C 57 -12.73 -43.22 15.71
C ALA C 57 -11.86 -44.38 15.17
N ALA C 58 -11.11 -44.12 14.09
CA ALA C 58 -10.16 -45.07 13.46
C ALA C 58 -9.15 -45.56 14.51
N ALA C 59 -8.54 -44.62 15.26
CA ALA C 59 -7.52 -44.89 16.29
C ALA C 59 -8.10 -45.79 17.38
N ALA C 60 -9.35 -45.56 17.76
CA ALA C 60 -10.09 -46.35 18.78
C ALA C 60 -10.31 -47.78 18.27
N LEU C 61 -10.83 -47.92 17.05
CA LEU C 61 -11.15 -49.23 16.42
C LEU C 61 -9.87 -50.03 16.21
N ALA C 62 -8.78 -49.36 15.80
CA ALA C 62 -7.45 -49.95 15.60
C ALA C 62 -6.91 -50.47 16.94
N GLN C 63 -6.99 -49.65 17.99
CA GLN C 63 -6.53 -50.02 19.36
C GLN C 63 -7.38 -51.19 19.89
N ALA C 64 -8.66 -51.23 19.51
CA ALA C 64 -9.61 -52.33 19.82
C ALA C 64 -9.22 -53.59 19.05
N GLY C 65 -8.43 -53.45 17.98
CA GLY C 65 -7.74 -54.57 17.30
C GLY C 65 -8.17 -54.75 15.84
N ALA C 66 -8.87 -53.78 15.25
CA ALA C 66 -9.38 -53.84 13.87
C ALA C 66 -8.34 -53.30 12.88
N ASP C 67 -8.39 -53.76 11.63
CA ASP C 67 -7.77 -53.11 10.45
C ASP C 67 -8.72 -52.00 10.00
N VAL C 68 -8.19 -50.82 9.68
CA VAL C 68 -8.99 -49.61 9.38
C VAL C 68 -8.43 -48.93 8.12
N ALA C 69 -9.32 -48.46 7.24
CA ALA C 69 -9.00 -47.63 6.07
C ALA C 69 -9.41 -46.18 6.36
N LEU C 70 -8.44 -45.27 6.42
CA LEU C 70 -8.65 -43.81 6.55
C LEU C 70 -9.05 -43.27 5.17
N VAL C 71 -10.26 -42.71 5.07
CA VAL C 71 -10.85 -42.19 3.80
C VAL C 71 -11.16 -40.69 3.97
N ASP C 72 -10.71 -39.87 3.04
CA ASP C 72 -11.00 -38.40 2.99
C ASP C 72 -10.67 -37.87 1.60
N LEU C 73 -10.80 -36.55 1.39
CA LEU C 73 -10.57 -35.87 0.08
C LEU C 73 -9.16 -36.19 -0.42
N PRO C 74 -8.96 -36.28 -1.76
CA PRO C 74 -7.62 -36.43 -2.34
C PRO C 74 -6.60 -35.42 -1.79
N SER C 75 -7.05 -34.20 -1.48
CA SER C 75 -6.22 -33.08 -0.95
C SER C 75 -5.63 -33.41 0.43
N GLN C 76 -6.08 -34.50 1.06
CA GLN C 76 -5.68 -34.91 2.43
C GLN C 76 -4.78 -36.16 2.40
N GLU C 77 -4.35 -36.60 1.21
CA GLU C 77 -3.62 -37.87 1.00
C GLU C 77 -2.39 -37.95 1.92
N ASP C 78 -1.61 -36.87 2.01
CA ASP C 78 -0.32 -36.83 2.77
C ASP C 78 -0.59 -36.98 4.27
N LYS C 79 -1.57 -36.25 4.80
CA LYS C 79 -1.97 -36.31 6.23
C LYS C 79 -2.52 -37.71 6.55
N LEU C 80 -3.30 -38.32 5.66
CA LEU C 80 -3.92 -39.66 5.83
C LEU C 80 -2.83 -40.73 5.91
N THR C 81 -1.89 -40.70 4.98
CA THR C 81 -0.73 -41.64 4.91
C THR C 81 0.08 -41.52 6.20
N GLU C 82 0.32 -40.29 6.65
CA GLU C 82 1.07 -39.97 7.91
C GLU C 82 0.34 -40.62 9.10
N LEU C 83 -0.97 -40.41 9.22
CA LEU C 83 -1.82 -40.94 10.32
C LEU C 83 -1.86 -42.48 10.26
N ALA C 84 -2.10 -43.04 9.06
CA ALA C 84 -2.20 -44.49 8.81
C ALA C 84 -0.91 -45.18 9.25
N LYS C 85 0.24 -44.61 8.91
CA LYS C 85 1.59 -45.08 9.32
C LYS C 85 1.68 -45.04 10.86
N ASP C 86 1.28 -43.91 11.45
CA ASP C 86 1.34 -43.64 12.92
C ASP C 86 0.51 -44.69 13.67
N MET C 87 -0.73 -44.89 13.26
CA MET C 87 -1.70 -45.80 13.93
C MET C 87 -1.23 -47.26 13.79
N SER C 88 -0.75 -47.66 12.61
CA SER C 88 -0.22 -49.02 12.33
C SER C 88 0.91 -49.35 13.32
N GLU C 89 1.84 -48.41 13.52
CA GLU C 89 3.03 -48.54 14.41
C GLU C 89 2.59 -48.65 15.87
N ARG C 90 1.49 -47.99 16.25
CA ARG C 90 1.03 -47.88 17.66
C ARG C 90 0.19 -49.10 18.06
N PHE C 91 -0.77 -49.50 17.22
CA PHE C 91 -1.84 -50.49 17.56
C PHE C 91 -1.56 -51.85 16.89
N GLY C 92 -0.54 -51.93 16.03
CA GLY C 92 -0.07 -53.18 15.41
C GLY C 92 -1.14 -53.85 14.56
N THR C 93 -1.89 -53.06 13.78
CA THR C 93 -2.93 -53.53 12.83
C THR C 93 -2.73 -52.84 11.48
N ASN C 94 -3.30 -53.41 10.42
CA ASN C 94 -3.21 -52.83 9.05
C ASN C 94 -4.13 -51.62 8.95
N VAL C 95 -3.59 -50.42 9.19
CA VAL C 95 -4.28 -49.12 8.98
C VAL C 95 -3.67 -48.45 7.74
N ILE C 96 -4.51 -48.15 6.74
CA ILE C 96 -4.09 -47.67 5.39
C ILE C 96 -4.86 -46.38 5.06
N ALA C 97 -4.31 -45.58 4.14
CA ALA C 97 -4.93 -44.34 3.60
C ALA C 97 -5.48 -44.63 2.21
N LEU C 98 -6.78 -44.37 2.00
CA LEU C 98 -7.46 -44.45 0.68
C LEU C 98 -8.25 -43.15 0.47
N THR C 99 -7.85 -42.35 -0.52
CA THR C 99 -8.50 -41.05 -0.83
C THR C 99 -9.80 -41.32 -1.59
N CYS C 100 -10.79 -40.45 -1.43
CA CYS C 100 -12.09 -40.48 -2.16
C CYS C 100 -12.85 -39.18 -1.91
N ASP C 101 -13.36 -38.59 -2.99
CA ASP C 101 -14.40 -37.52 -2.96
C ASP C 101 -15.76 -38.22 -3.07
N VAL C 102 -16.61 -38.11 -2.04
CA VAL C 102 -17.91 -38.83 -1.92
C VAL C 102 -18.90 -38.24 -2.92
N THR C 103 -18.64 -37.04 -3.45
CA THR C 103 -19.45 -36.36 -4.49
C THR C 103 -19.12 -36.97 -5.87
N ASP C 104 -17.98 -37.66 -5.99
CA ASP C 104 -17.50 -38.29 -7.26
C ASP C 104 -17.85 -39.78 -7.25
N THR C 105 -18.88 -40.16 -8.02
CA THR C 105 -19.40 -41.54 -8.15
C THR C 105 -18.31 -42.50 -8.66
N VAL C 106 -17.45 -42.01 -9.56
CA VAL C 106 -16.35 -42.81 -10.18
C VAL C 106 -15.32 -43.14 -9.09
N GLN C 107 -15.02 -42.20 -8.20
CA GLN C 107 -14.04 -42.37 -7.09
C GLN C 107 -14.63 -43.32 -6.04
N VAL C 108 -15.93 -43.23 -5.76
CA VAL C 108 -16.65 -44.10 -4.80
C VAL C 108 -16.62 -45.55 -5.33
N ALA C 109 -16.85 -45.74 -6.63
CA ALA C 109 -16.80 -47.05 -7.31
C ALA C 109 -15.38 -47.64 -7.20
N GLU C 110 -14.36 -46.79 -7.34
CA GLU C 110 -12.93 -47.18 -7.19
C GLU C 110 -12.63 -47.50 -5.72
N LEU C 111 -13.19 -46.71 -4.79
CA LEU C 111 -13.02 -46.90 -3.32
C LEU C 111 -13.47 -48.31 -2.93
N LYS C 112 -14.63 -48.76 -3.43
CA LYS C 112 -15.18 -50.12 -3.17
C LYS C 112 -14.12 -51.16 -3.54
N THR C 113 -13.54 -51.06 -4.74
CA THR C 113 -12.51 -51.98 -5.29
C THR C 113 -11.31 -52.02 -4.36
N GLN C 114 -10.74 -50.85 -4.04
CA GLN C 114 -9.50 -50.70 -3.23
C GLN C 114 -9.74 -51.26 -1.81
N LEU C 115 -10.91 -51.00 -1.22
CA LEU C 115 -11.29 -51.52 0.13
C LEU C 115 -11.16 -53.04 0.13
N VAL C 116 -11.75 -53.71 -0.87
CA VAL C 116 -11.73 -55.20 -1.01
C VAL C 116 -10.28 -55.65 -1.26
N GLU C 117 -9.56 -54.96 -2.16
CA GLU C 117 -8.19 -55.33 -2.59
C GLU C 117 -7.20 -55.23 -1.42
N GLN C 118 -7.29 -54.17 -0.61
CA GLN C 118 -6.24 -53.77 0.36
C GLN C 118 -6.60 -54.22 1.79
N LEU C 119 -7.88 -54.20 2.17
CA LEU C 119 -8.36 -54.69 3.49
C LEU C 119 -8.69 -56.19 3.41
N GLY C 120 -9.39 -56.60 2.34
CA GLY C 120 -9.87 -57.98 2.14
C GLY C 120 -11.38 -58.04 2.20
N THR C 121 -11.97 -57.42 3.23
CA THR C 121 -13.44 -57.28 3.42
C THR C 121 -13.73 -56.05 4.26
N VAL C 122 -15.02 -55.75 4.46
CA VAL C 122 -15.52 -54.62 5.30
C VAL C 122 -16.56 -55.18 6.28
N ASP C 123 -16.22 -55.18 7.58
CA ASP C 123 -17.08 -55.65 8.70
C ASP C 123 -17.78 -54.47 9.37
N PHE C 124 -17.25 -53.25 9.22
CA PHE C 124 -17.86 -52.01 9.77
C PHE C 124 -17.54 -50.82 8.86
N ALA C 125 -18.37 -49.78 8.93
CA ALA C 125 -18.19 -48.50 8.21
C ALA C 125 -18.68 -47.35 9.09
N PHE C 126 -17.84 -46.34 9.28
CA PHE C 126 -18.19 -45.07 9.96
C PHE C 126 -18.30 -43.98 8.88
N LEU C 127 -19.53 -43.72 8.42
CA LEU C 127 -19.84 -42.71 7.38
C LEU C 127 -19.95 -41.36 8.08
N ASN C 128 -18.79 -40.72 8.29
CA ASN C 128 -18.58 -39.57 9.19
C ASN C 128 -18.34 -38.29 8.38
N ALA C 129 -17.95 -38.41 7.11
CA ALA C 129 -17.68 -37.27 6.21
C ALA C 129 -18.89 -36.35 6.18
N GLY C 130 -18.67 -35.05 6.40
CA GLY C 130 -19.73 -34.02 6.41
C GLY C 130 -19.16 -32.62 6.31
N VAL C 131 -20.01 -31.66 5.95
CA VAL C 131 -19.63 -30.23 5.74
C VAL C 131 -20.79 -29.34 6.22
N ASN C 132 -20.48 -28.10 6.60
CA ASN C 132 -21.46 -27.05 6.96
C ASN C 132 -21.16 -25.82 6.09
N VAL C 133 -21.86 -25.68 4.97
CA VAL C 133 -21.61 -24.61 3.95
C VAL C 133 -22.07 -23.28 4.55
N PRO C 134 -21.20 -22.23 4.57
CA PRO C 134 -21.63 -20.88 4.97
C PRO C 134 -22.76 -20.32 4.10
N GLY C 135 -23.60 -19.45 4.69
CA GLY C 135 -24.79 -18.85 4.06
C GLY C 135 -25.99 -19.77 4.14
N ASP C 136 -25.96 -20.76 5.03
CA ASP C 136 -26.99 -21.84 5.13
C ASP C 136 -28.08 -21.39 6.11
N ASP C 137 -28.79 -20.31 5.76
CA ASP C 137 -29.88 -19.71 6.57
C ASP C 137 -31.19 -19.88 5.80
N GLN C 138 -32.22 -19.08 6.13
CA GLN C 138 -33.54 -19.11 5.47
C GLN C 138 -33.42 -18.72 4.00
N ASP C 139 -32.39 -17.93 3.65
CA ASP C 139 -32.14 -17.40 2.28
C ASP C 139 -31.04 -18.22 1.58
N ALA C 140 -30.70 -19.40 2.12
CA ALA C 140 -29.69 -20.33 1.54
C ALA C 140 -29.98 -20.52 0.06
N THR C 141 -28.98 -20.25 -0.80
CA THR C 141 -29.11 -20.24 -2.27
C THR C 141 -29.07 -21.67 -2.82
N GLU C 142 -29.43 -21.84 -4.10
CA GLU C 142 -29.37 -23.11 -4.85
C GLU C 142 -27.99 -23.76 -4.65
N GLU C 143 -26.94 -22.94 -4.68
CA GLU C 143 -25.52 -23.36 -4.57
C GLU C 143 -25.26 -23.92 -3.16
N VAL C 144 -25.61 -23.17 -2.11
CA VAL C 144 -25.40 -23.57 -0.69
C VAL C 144 -26.20 -24.85 -0.43
N TRP C 145 -27.47 -24.86 -0.83
CA TRP C 145 -28.41 -25.98 -0.58
C TRP C 145 -27.88 -27.27 -1.23
N THR C 146 -27.71 -27.26 -2.56
CA THR C 146 -27.35 -28.45 -3.38
C THR C 146 -25.97 -28.98 -2.97
N ARG C 147 -25.01 -28.09 -2.71
CA ARG C 147 -23.64 -28.49 -2.27
C ARG C 147 -23.75 -29.29 -0.97
N THR C 148 -24.56 -28.81 -0.02
CA THR C 148 -24.79 -29.44 1.31
C THR C 148 -25.42 -30.82 1.12
N ILE C 149 -26.47 -30.92 0.31
CA ILE C 149 -27.18 -32.20 -0.03
C ILE C 149 -26.19 -33.13 -0.73
N ASN C 150 -25.51 -32.64 -1.77
CA ASN C 150 -24.57 -33.43 -2.62
C ASN C 150 -23.53 -34.11 -1.72
N ILE C 151 -22.95 -33.39 -0.77
CA ILE C 151 -21.85 -33.90 0.10
C ILE C 151 -22.45 -34.73 1.24
N ASN C 152 -23.31 -34.12 2.08
CA ASN C 152 -23.79 -34.72 3.34
C ASN C 152 -24.73 -35.89 3.06
N LEU C 153 -25.71 -35.71 2.18
CA LEU C 153 -26.80 -36.70 1.95
C LEU C 153 -26.36 -37.74 0.91
N ASN C 154 -26.16 -37.31 -0.34
CA ASN C 154 -25.86 -38.20 -1.49
C ASN C 154 -24.51 -38.89 -1.24
N GLY C 155 -23.50 -38.15 -0.77
CA GLY C 155 -22.15 -38.66 -0.49
C GLY C 155 -22.16 -39.75 0.56
N THR C 156 -22.94 -39.57 1.64
CA THR C 156 -23.05 -40.52 2.78
C THR C 156 -23.80 -41.79 2.32
N TYR C 157 -24.86 -41.61 1.52
CA TYR C 157 -25.63 -42.70 0.88
C TYR C 157 -24.68 -43.59 0.08
N ARG C 158 -23.89 -42.97 -0.82
CA ARG C 158 -22.88 -43.64 -1.68
C ARG C 158 -21.96 -44.53 -0.85
N THR C 159 -21.22 -43.90 0.09
CA THR C 159 -20.18 -44.55 0.93
C THR C 159 -20.84 -45.62 1.80
N GLY C 160 -22.08 -45.39 2.25
CA GLY C 160 -22.89 -46.38 2.97
C GLY C 160 -23.23 -47.57 2.08
N ARG C 161 -23.61 -47.31 0.83
CA ARG C 161 -24.07 -48.36 -0.13
C ARG C 161 -22.94 -49.34 -0.42
N ILE C 162 -21.72 -48.86 -0.66
CA ILE C 162 -20.56 -49.71 -1.02
C ILE C 162 -20.18 -50.57 0.19
N ALA C 163 -20.47 -50.08 1.41
CA ALA C 163 -20.16 -50.75 2.70
C ALA C 163 -21.01 -52.02 2.85
N HIS C 164 -22.34 -51.90 2.71
CA HIS C 164 -23.29 -53.03 2.90
C HIS C 164 -23.35 -53.91 1.65
N GLU C 165 -22.87 -53.42 0.50
CA GLU C 165 -22.68 -54.24 -0.73
C GLU C 165 -21.57 -55.26 -0.51
N ILE C 166 -20.40 -54.79 -0.04
CA ILE C 166 -19.20 -55.64 0.25
C ILE C 166 -19.59 -56.70 1.29
N MET C 167 -20.32 -56.30 2.33
CA MET C 167 -20.74 -57.19 3.45
C MET C 167 -21.57 -58.36 2.90
N ARG C 168 -22.57 -58.07 2.06
CA ARG C 168 -23.53 -59.06 1.53
C ARG C 168 -22.85 -59.94 0.48
N GLU C 169 -22.01 -59.34 -0.37
CA GLU C 169 -21.23 -60.04 -1.44
C GLU C 169 -20.28 -61.06 -0.80
N HIS C 170 -19.73 -60.76 0.39
CA HIS C 170 -18.79 -61.62 1.15
C HIS C 170 -19.55 -62.49 2.15
N GLY C 171 -20.88 -62.39 2.17
CA GLY C 171 -21.79 -63.31 2.90
C GLY C 171 -21.57 -63.28 4.41
N HIS C 172 -21.32 -62.10 4.98
CA HIS C 172 -21.23 -61.90 6.46
C HIS C 172 -21.89 -60.57 6.87
N GLY C 173 -22.25 -60.48 8.14
CA GLY C 173 -22.88 -59.29 8.73
C GLY C 173 -21.87 -58.18 8.98
N GLY C 174 -22.29 -57.11 9.65
CA GLY C 174 -21.45 -55.94 9.95
C GLY C 174 -22.23 -54.85 10.65
N SER C 175 -21.59 -53.70 10.89
CA SER C 175 -22.15 -52.55 11.64
C SER C 175 -21.88 -51.26 10.86
N LEU C 176 -22.95 -50.56 10.43
CA LEU C 176 -22.87 -49.22 9.82
C LEU C 176 -23.14 -48.18 10.92
N ILE C 177 -22.25 -47.20 11.07
CA ILE C 177 -22.46 -46.00 11.93
C ILE C 177 -22.42 -44.75 11.05
N PHE C 178 -23.53 -44.01 11.02
CA PHE C 178 -23.69 -42.74 10.26
C PHE C 178 -23.67 -41.56 11.24
N THR C 179 -22.73 -40.63 11.06
CA THR C 179 -22.70 -39.37 11.84
C THR C 179 -23.83 -38.47 11.34
N ALA C 180 -24.95 -38.44 12.09
CA ALA C 180 -26.02 -37.44 11.96
C ALA C 180 -25.54 -36.17 12.67
N ALA C 181 -26.44 -35.47 13.37
CA ALA C 181 -26.10 -34.33 14.24
C ALA C 181 -27.32 -33.97 15.10
N LEU C 182 -27.08 -33.23 16.16
CA LEU C 182 -28.12 -32.52 16.96
C LEU C 182 -28.97 -31.67 16.00
N SER C 183 -28.31 -31.02 15.03
CA SER C 183 -28.93 -30.15 13.98
C SER C 183 -30.04 -30.91 13.23
N GLY C 184 -29.90 -32.23 13.07
CA GLY C 184 -30.92 -33.11 12.47
C GLY C 184 -32.18 -33.22 13.32
N HIS C 185 -32.04 -33.16 14.64
CA HIS C 185 -33.15 -33.21 15.63
C HIS C 185 -33.73 -31.81 15.86
N ASN C 186 -32.86 -30.84 16.12
CA ASN C 186 -33.23 -29.45 16.52
C ASN C 186 -32.41 -28.44 15.70
N ALA C 187 -32.89 -27.18 15.62
CA ALA C 187 -32.14 -26.03 15.08
C ALA C 187 -31.33 -25.40 16.23
N ASN C 188 -30.00 -25.49 16.16
CA ASN C 188 -29.06 -25.02 17.21
C ASN C 188 -29.43 -23.58 17.61
N TYR C 189 -29.73 -23.35 18.90
CA TYR C 189 -30.02 -22.03 19.50
C TYR C 189 -28.70 -21.45 20.02
N MET C 190 -28.54 -20.12 20.01
CA MET C 190 -27.34 -19.44 20.56
C MET C 190 -27.73 -18.26 21.45
N MET C 191 -28.45 -17.27 20.90
CA MET C 191 -28.90 -16.05 21.65
C MET C 191 -30.14 -15.46 20.96
N GLY C 192 -31.27 -16.17 21.07
CA GLY C 192 -32.61 -15.72 20.61
C GLY C 192 -32.84 -15.96 19.13
N SER C 193 -32.04 -16.83 18.50
CA SER C 193 -32.17 -17.16 17.05
C SER C 193 -31.46 -18.48 16.75
N PRO C 194 -31.85 -19.19 15.68
CA PRO C 194 -31.15 -20.41 15.27
C PRO C 194 -29.89 -20.09 14.45
N THR C 195 -28.87 -20.94 14.55
CA THR C 195 -27.61 -20.84 13.78
C THR C 195 -27.89 -21.29 12.35
N PRO C 196 -27.07 -20.88 11.35
CA PRO C 196 -27.33 -21.25 9.96
C PRO C 196 -27.02 -22.73 9.66
N VAL C 197 -28.01 -23.60 9.86
CA VAL C 197 -27.92 -25.08 9.66
C VAL C 197 -29.19 -25.55 8.93
N ASN C 198 -29.68 -24.75 7.99
CA ASN C 198 -30.94 -24.98 7.22
C ASN C 198 -30.80 -26.31 6.45
N ALA C 199 -29.99 -26.32 5.39
CA ALA C 199 -29.67 -27.52 4.56
C ALA C 199 -28.96 -28.57 5.42
N TYR C 200 -28.03 -28.15 6.29
CA TYR C 200 -27.21 -29.05 7.16
C TYR C 200 -28.15 -29.94 7.98
N GLY C 201 -29.05 -29.33 8.75
CA GLY C 201 -30.07 -30.01 9.57
C GLY C 201 -30.89 -30.98 8.73
N ALA C 202 -31.36 -30.52 7.57
CA ALA C 202 -32.18 -31.32 6.62
C ALA C 202 -31.43 -32.60 6.22
N THR C 203 -30.17 -32.49 5.80
CA THR C 203 -29.34 -33.64 5.32
C THR C 203 -29.13 -34.64 6.47
N LYS C 204 -28.87 -34.13 7.70
CA LYS C 204 -28.57 -34.97 8.88
C LYS C 204 -29.84 -35.69 9.36
N ALA C 205 -31.01 -35.06 9.20
CA ALA C 205 -32.33 -35.68 9.46
C ALA C 205 -32.59 -36.80 8.44
N ALA C 206 -32.19 -36.59 7.18
CA ALA C 206 -32.35 -37.56 6.07
C ALA C 206 -31.50 -38.80 6.35
N ILE C 207 -30.26 -38.59 6.80
CA ILE C 207 -29.26 -39.66 7.12
C ILE C 207 -29.84 -40.57 8.22
N MET C 208 -30.51 -39.99 9.21
CA MET C 208 -31.06 -40.74 10.38
C MET C 208 -32.18 -41.68 9.92
N GLU C 209 -33.04 -41.23 9.00
CA GLU C 209 -34.18 -42.04 8.48
C GLU C 209 -33.67 -42.99 7.40
N HIS C 210 -32.58 -42.65 6.72
CA HIS C 210 -31.86 -43.55 5.78
C HIS C 210 -31.34 -44.75 6.57
N SER C 211 -30.55 -44.48 7.61
CA SER C 211 -29.94 -45.49 8.53
C SER C 211 -31.05 -46.38 9.13
N ARG C 212 -32.18 -45.77 9.48
CA ARG C 212 -33.35 -46.47 10.07
C ARG C 212 -33.93 -47.45 9.05
N TYR C 213 -34.06 -47.04 7.78
CA TYR C 213 -34.56 -47.92 6.69
C TYR C 213 -33.60 -49.10 6.49
N LEU C 214 -32.29 -48.82 6.38
CA LEU C 214 -31.24 -49.83 6.14
C LEU C 214 -31.24 -50.85 7.27
N ALA C 215 -31.41 -50.38 8.52
CA ALA C 215 -31.46 -51.23 9.73
C ALA C 215 -32.56 -52.29 9.59
N ALA C 216 -33.76 -51.88 9.14
CA ALA C 216 -34.93 -52.75 8.94
C ALA C 216 -34.69 -53.69 7.75
N ALA C 217 -34.13 -53.17 6.66
CA ALA C 217 -33.95 -53.88 5.38
C ALA C 217 -32.82 -54.92 5.48
N LEU C 218 -31.72 -54.59 6.18
CA LEU C 218 -30.46 -55.37 6.16
C LEU C 218 -30.30 -56.23 7.43
N ALA C 219 -31.30 -56.25 8.31
CA ALA C 219 -31.32 -57.11 9.52
C ALA C 219 -31.18 -58.58 9.11
N LYS C 220 -31.83 -58.98 8.01
CA LYS C 220 -31.78 -60.38 7.46
C LYS C 220 -30.32 -60.77 7.18
N ASP C 221 -29.50 -59.82 6.74
CA ASP C 221 -28.11 -60.03 6.26
C ASP C 221 -27.11 -59.90 7.42
N GLY C 222 -27.60 -59.75 8.67
CA GLY C 222 -26.77 -59.62 9.88
C GLY C 222 -26.08 -58.27 9.96
N ILE C 223 -26.59 -57.27 9.22
CA ILE C 223 -26.01 -55.90 9.17
C ILE C 223 -26.86 -54.97 10.04
N ARG C 224 -26.20 -54.27 10.98
CA ARG C 224 -26.82 -53.24 11.85
C ARG C 224 -26.50 -51.86 11.28
N SER C 225 -27.47 -50.94 11.34
CA SER C 225 -27.32 -49.51 10.94
C SER C 225 -27.84 -48.62 12.07
N ASN C 226 -26.96 -47.78 12.62
CA ASN C 226 -27.29 -46.81 13.71
C ASN C 226 -26.66 -45.47 13.36
N THR C 227 -27.13 -44.39 14.00
CA THR C 227 -26.56 -43.03 13.87
C THR C 227 -25.98 -42.57 15.20
N ILE C 228 -25.02 -41.65 15.15
CA ILE C 228 -24.56 -40.83 16.29
C ILE C 228 -24.92 -39.38 15.97
N SER C 229 -25.51 -38.67 16.93
CA SER C 229 -25.89 -37.24 16.83
C SER C 229 -25.06 -36.42 17.82
N PRO C 230 -23.85 -35.98 17.44
CA PRO C 230 -23.04 -35.12 18.29
C PRO C 230 -23.69 -33.73 18.48
N GLY C 231 -23.47 -33.11 19.63
CA GLY C 231 -23.94 -31.75 19.94
C GLY C 231 -22.89 -30.72 19.53
N TYR C 232 -21.97 -30.42 20.44
CA TYR C 232 -20.78 -29.57 20.20
C TYR C 232 -19.55 -30.35 20.65
N VAL C 233 -18.70 -30.76 19.69
CA VAL C 233 -17.44 -31.50 19.95
C VAL C 233 -16.28 -30.63 19.44
N TRP C 234 -15.34 -30.30 20.32
CA TRP C 234 -14.09 -29.58 19.98
C TRP C 234 -13.15 -30.54 19.24
N SER C 235 -13.45 -30.79 17.97
CA SER C 235 -12.80 -31.81 17.10
C SER C 235 -11.53 -31.23 16.47
N GLY C 236 -11.40 -29.90 16.44
CA GLY C 236 -10.36 -29.16 15.71
C GLY C 236 -10.97 -28.19 14.71
N ILE C 237 -12.23 -28.41 14.33
CA ILE C 237 -12.96 -27.62 13.30
C ILE C 237 -13.24 -26.20 13.81
N PHE C 238 -13.36 -26.01 15.13
CA PHE C 238 -13.71 -24.71 15.76
C PHE C 238 -12.45 -23.89 16.10
N ASN C 239 -11.26 -24.48 15.96
CA ASN C 239 -9.97 -23.83 16.31
C ASN C 239 -9.86 -22.48 15.58
N GLY C 240 -9.74 -21.39 16.34
CA GLY C 240 -9.54 -20.03 15.82
C GLY C 240 -10.81 -19.38 15.29
N ARG C 241 -11.94 -20.09 15.30
CA ARG C 241 -13.24 -19.62 14.76
C ARG C 241 -14.09 -18.98 15.87
N ILE C 242 -13.79 -19.31 17.14
CA ILE C 242 -14.68 -19.03 18.31
C ILE C 242 -13.87 -18.40 19.43
N ASP C 243 -14.40 -17.33 20.03
CA ASP C 243 -13.84 -16.65 21.23
C ASP C 243 -14.60 -17.16 22.47
N MET C 244 -14.22 -16.72 23.67
CA MET C 244 -14.79 -17.20 24.95
C MET C 244 -16.26 -16.80 25.08
N PRO C 245 -16.65 -15.55 24.71
CA PRO C 245 -18.06 -15.17 24.69
C PRO C 245 -18.94 -16.09 23.82
N GLY C 246 -18.45 -16.46 22.64
CA GLY C 246 -19.12 -17.40 21.72
C GLY C 246 -19.20 -18.79 22.32
N HIS C 247 -18.06 -19.31 22.77
CA HIS C 247 -17.92 -20.63 23.46
C HIS C 247 -19.00 -20.77 24.54
N ASP C 248 -19.10 -19.79 25.45
CA ASP C 248 -20.04 -19.79 26.61
C ASP C 248 -21.49 -19.63 26.12
N ALA C 249 -21.71 -18.77 25.12
CA ALA C 249 -23.04 -18.48 24.53
C ALA C 249 -23.62 -19.73 23.87
N MET C 250 -22.75 -20.54 23.24
CA MET C 250 -23.12 -21.84 22.61
C MET C 250 -23.47 -22.85 23.71
N LEU C 251 -22.71 -22.86 24.81
CA LEU C 251 -22.81 -23.85 25.92
C LEU C 251 -23.84 -23.40 26.96
N GLU C 252 -24.57 -22.31 26.70
CA GLU C 252 -25.68 -21.83 27.56
C GLU C 252 -26.74 -22.94 27.68
N VAL C 253 -26.99 -23.66 26.57
CA VAL C 253 -28.08 -24.68 26.46
C VAL C 253 -27.49 -26.10 26.53
N VAL C 254 -26.23 -26.24 26.98
CA VAL C 254 -25.58 -27.56 27.22
C VAL C 254 -25.37 -27.71 28.73
N PRO C 255 -26.17 -28.57 29.41
CA PRO C 255 -26.06 -28.76 30.85
C PRO C 255 -24.64 -29.00 31.37
N MET C 256 -23.83 -29.78 30.65
CA MET C 256 -22.43 -30.10 31.03
C MET C 256 -21.53 -28.87 30.83
N HIS C 257 -22.05 -27.81 30.18
CA HIS C 257 -21.39 -26.48 30.02
C HIS C 257 -19.95 -26.68 29.56
N ARG C 258 -19.75 -27.49 28.52
CA ARG C 258 -18.44 -27.75 27.87
C ARG C 258 -18.67 -28.46 26.55
N PHE C 259 -17.75 -28.27 25.60
CA PHE C 259 -17.68 -29.08 24.34
C PHE C 259 -17.27 -30.50 24.72
N GLY C 260 -17.77 -31.48 23.95
CA GLY C 260 -17.25 -32.85 23.98
C GLY C 260 -15.87 -32.90 23.32
N THR C 261 -15.16 -34.02 23.50
CA THR C 261 -13.84 -34.28 22.86
C THR C 261 -13.98 -35.50 21.95
N ASN C 262 -13.02 -35.69 21.04
CA ASN C 262 -13.06 -36.72 19.97
C ASN C 262 -13.15 -38.11 20.60
N ASP C 263 -12.51 -38.31 21.76
CA ASP C 263 -12.44 -39.60 22.49
C ASP C 263 -13.84 -40.02 22.96
N GLU C 264 -14.70 -39.05 23.27
CA GLU C 264 -16.08 -39.29 23.79
C GLU C 264 -16.98 -39.77 22.63
N ILE C 265 -16.74 -39.28 21.42
CA ILE C 265 -17.41 -39.79 20.17
C ILE C 265 -16.81 -41.15 19.81
N ALA C 266 -15.48 -41.28 19.89
CA ALA C 266 -14.72 -42.48 19.51
C ALA C 266 -15.20 -43.70 20.30
N SER C 267 -15.38 -43.53 21.61
CA SER C 267 -15.85 -44.60 22.55
C SER C 267 -17.25 -45.08 22.15
N THR C 268 -18.13 -44.15 21.73
CA THR C 268 -19.51 -44.44 21.27
C THR C 268 -19.46 -45.20 19.94
N VAL C 269 -18.55 -44.82 19.03
CA VAL C 269 -18.36 -45.49 17.71
C VAL C 269 -17.90 -46.94 17.96
N LEU C 270 -17.00 -47.16 18.92
CA LEU C 270 -16.50 -48.50 19.29
C LEU C 270 -17.67 -49.36 19.80
N PHE C 271 -18.52 -48.80 20.66
CA PHE C 271 -19.73 -49.46 21.19
C PHE C 271 -20.62 -49.96 20.05
N LEU C 272 -20.97 -49.06 19.11
CA LEU C 272 -21.92 -49.31 18.00
C LEU C 272 -21.33 -50.29 16.98
N ALA C 273 -20.01 -50.22 16.75
CA ALA C 273 -19.29 -51.07 15.79
C ALA C 273 -19.09 -52.48 16.36
N SER C 274 -18.87 -52.59 17.68
CA SER C 274 -18.53 -53.86 18.37
C SER C 274 -19.81 -54.64 18.73
N ASP C 275 -19.64 -55.87 19.23
CA ASP C 275 -20.75 -56.79 19.60
C ASP C 275 -21.40 -56.36 20.93
N ALA C 276 -20.84 -55.34 21.59
CA ALA C 276 -21.45 -54.69 22.78
C ALA C 276 -22.87 -54.21 22.42
N SER C 277 -23.06 -53.74 21.19
CA SER C 277 -24.34 -53.17 20.67
C SER C 277 -25.03 -54.16 19.73
N SER C 278 -24.89 -55.47 19.99
CA SER C 278 -25.30 -56.57 19.07
C SER C 278 -26.82 -56.60 18.86
N TYR C 279 -27.61 -56.06 19.79
CA TYR C 279 -29.09 -55.98 19.68
C TYR C 279 -29.55 -54.52 19.48
N VAL C 280 -28.60 -53.62 19.18
CA VAL C 280 -28.87 -52.17 18.91
C VAL C 280 -28.79 -51.95 17.40
N THR C 281 -29.91 -51.65 16.76
CA THR C 281 -30.00 -51.32 15.31
C THR C 281 -31.20 -50.40 15.05
N GLY C 282 -31.08 -49.52 14.04
CA GLY C 282 -32.16 -48.63 13.59
C GLY C 282 -32.49 -47.55 14.61
N THR C 283 -31.52 -47.17 15.44
CA THR C 283 -31.68 -46.15 16.51
C THR C 283 -30.54 -45.13 16.40
N ASP C 284 -30.61 -44.07 17.21
CA ASP C 284 -29.65 -42.94 17.25
C ASP C 284 -29.13 -42.78 18.68
N ILE C 285 -27.83 -42.55 18.84
CA ILE C 285 -27.20 -42.23 20.16
C ILE C 285 -26.74 -40.77 20.15
N ARG C 286 -27.44 -39.91 20.89
CA ARG C 286 -27.10 -38.48 21.06
C ARG C 286 -25.90 -38.36 22.00
N VAL C 287 -24.87 -37.63 21.58
CA VAL C 287 -23.64 -37.35 22.38
C VAL C 287 -23.45 -35.83 22.43
N ASP C 288 -24.30 -35.15 23.21
CA ASP C 288 -24.47 -33.68 23.18
C ASP C 288 -24.33 -33.06 24.57
N GLY C 289 -23.96 -33.85 25.58
CA GLY C 289 -23.82 -33.39 26.98
C GLY C 289 -25.12 -32.85 27.56
N GLY C 290 -26.26 -33.39 27.11
CA GLY C 290 -27.59 -33.07 27.65
C GLY C 290 -28.31 -31.97 26.88
N TYR C 291 -27.84 -31.61 25.68
CA TYR C 291 -28.48 -30.57 24.83
C TYR C 291 -29.95 -30.94 24.57
N SER C 292 -30.20 -32.20 24.16
CA SER C 292 -31.52 -32.76 23.80
C SER C 292 -32.59 -32.34 24.82
N VAL C 293 -32.19 -32.13 26.08
CA VAL C 293 -33.04 -31.63 27.19
C VAL C 293 -33.22 -30.12 27.03
N TYR D 21 -5.10 -12.08 44.06
CA TYR D 21 -4.68 -10.75 44.61
C TYR D 21 -3.88 -10.96 45.90
N PRO D 22 -2.53 -10.87 45.86
CA PRO D 22 -1.73 -10.89 47.09
C PRO D 22 -2.16 -9.83 48.10
N LEU D 23 -2.26 -10.21 49.38
CA LEU D 23 -2.72 -9.34 50.50
C LEU D 23 -1.51 -8.74 51.24
N ASP D 24 -0.41 -9.50 51.36
CA ASP D 24 0.76 -9.14 52.21
C ASP D 24 2.05 -9.60 51.51
N LYS D 25 2.46 -8.87 50.47
CA LYS D 25 3.69 -9.15 49.68
C LYS D 25 4.94 -8.67 50.46
N TRP D 26 4.74 -7.87 51.51
CA TRP D 26 5.82 -7.41 52.44
C TRP D 26 6.40 -8.59 53.23
N LYS D 27 5.73 -9.75 53.21
CA LYS D 27 6.20 -10.99 53.87
C LYS D 27 6.96 -11.88 52.87
N ASP D 28 6.74 -11.69 51.56
CA ASP D 28 7.42 -12.44 50.46
C ASP D 28 8.93 -12.14 50.50
N SER D 29 9.74 -13.16 50.21
CA SER D 29 11.21 -13.04 50.02
C SER D 29 11.46 -12.32 48.68
N ASN D 30 12.55 -11.53 48.61
CA ASN D 30 13.00 -10.81 47.38
C ASN D 30 11.97 -9.72 47.04
N TYR D 31 11.38 -9.07 48.05
CA TYR D 31 10.40 -7.95 47.88
C TYR D 31 10.89 -6.71 48.64
N SER D 32 11.06 -5.60 47.93
CA SER D 32 11.33 -4.25 48.49
C SER D 32 10.33 -3.25 47.90
N ILE D 33 9.65 -2.48 48.77
CA ILE D 33 8.72 -1.40 48.36
C ILE D 33 9.52 -0.36 47.54
N LEU D 34 10.79 -0.16 47.88
CA LEU D 34 11.71 0.82 47.23
C LEU D 34 12.02 0.38 45.78
N ASP D 35 11.99 -0.92 45.51
CA ASP D 35 12.28 -1.49 44.15
C ASP D 35 11.15 -1.14 43.19
N LYS D 36 9.95 -0.80 43.68
CA LYS D 36 8.80 -0.35 42.85
C LYS D 36 9.11 0.99 42.18
N PHE D 37 10.09 1.74 42.69
CA PHE D 37 10.51 3.08 42.19
C PHE D 37 11.69 2.95 41.23
N SER D 38 12.17 1.73 40.98
CA SER D 38 13.27 1.43 40.02
C SER D 38 12.76 1.53 38.58
N MET D 39 13.62 1.95 37.65
CA MET D 39 13.33 2.04 36.19
C MET D 39 14.39 1.24 35.41
N ARG D 40 14.99 0.23 36.05
CA ARG D 40 16.02 -0.65 35.43
C ARG D 40 15.37 -1.43 34.29
N GLY D 41 16.00 -1.40 33.10
CA GLY D 41 15.53 -2.09 31.88
C GLY D 41 14.41 -1.33 31.19
N ARG D 42 14.03 -0.16 31.72
CA ARG D 42 12.95 0.70 31.14
C ARG D 42 13.59 1.72 30.19
N LYS D 43 12.95 1.96 29.05
CA LYS D 43 13.41 2.94 28.02
C LYS D 43 12.27 3.90 27.71
N GLY D 44 12.60 5.17 27.48
CA GLY D 44 11.61 6.22 27.17
C GLY D 44 12.26 7.54 26.84
N PHE D 45 11.45 8.59 26.65
CA PHE D 45 11.89 9.94 26.26
C PHE D 45 11.15 11.00 27.07
N VAL D 46 11.74 12.21 27.09
CA VAL D 46 11.25 13.42 27.80
C VAL D 46 11.29 14.58 26.80
N THR D 47 10.15 15.15 26.44
CA THR D 47 10.10 16.38 25.59
C THR D 47 10.31 17.59 26.50
N GLY D 48 10.72 18.73 25.92
CA GLY D 48 11.12 19.94 26.66
C GLY D 48 12.32 19.67 27.56
N ALA D 49 13.23 18.79 27.13
CA ALA D 49 14.31 18.21 27.94
C ALA D 49 15.47 19.21 28.15
N ALA D 50 15.44 20.36 27.47
CA ALA D 50 16.41 21.46 27.67
C ALA D 50 16.01 22.29 28.90
N GLY D 51 14.71 22.37 29.19
CA GLY D 51 14.14 23.15 30.30
C GLY D 51 14.34 22.48 31.65
N GLY D 52 14.01 23.19 32.74
CA GLY D 52 14.25 22.77 34.14
C GLY D 52 13.54 21.47 34.49
N LEU D 53 12.21 21.42 34.32
CA LEU D 53 11.37 20.23 34.64
C LEU D 53 11.84 19.03 33.81
N GLY D 54 12.04 19.24 32.51
CA GLY D 54 12.38 18.19 31.51
C GLY D 54 13.68 17.47 31.84
N ARG D 55 14.78 18.22 32.02
CA ARG D 55 16.14 17.64 32.19
C ARG D 55 16.27 17.00 33.58
N ASN D 56 15.61 17.56 34.61
CA ASN D 56 15.67 17.04 35.99
C ASN D 56 14.86 15.74 36.09
N ALA D 57 13.70 15.68 35.42
CA ALA D 57 12.89 14.44 35.28
C ALA D 57 13.73 13.37 34.56
N ALA D 58 14.37 13.75 33.45
CA ALA D 58 15.26 12.88 32.65
C ALA D 58 16.39 12.34 33.52
N ALA D 59 17.05 13.21 34.29
CA ALA D 59 18.14 12.87 35.23
C ALA D 59 17.62 11.89 36.30
N ALA D 60 16.40 12.09 36.79
CA ALA D 60 15.74 11.26 37.83
C ALA D 60 15.46 9.86 37.28
N LEU D 61 14.89 9.78 36.08
CA LEU D 61 14.55 8.49 35.41
C LEU D 61 15.83 7.72 35.07
N ALA D 62 16.87 8.44 34.62
CA ALA D 62 18.20 7.88 34.30
C ALA D 62 18.83 7.28 35.55
N GLN D 63 18.88 8.05 36.64
CA GLN D 63 19.48 7.62 37.94
C GLN D 63 18.75 6.39 38.47
N ALA D 64 17.44 6.27 38.21
CA ALA D 64 16.59 5.12 38.60
C ALA D 64 16.91 3.90 37.74
N GLY D 65 17.67 4.08 36.65
CA GLY D 65 18.21 3.00 35.81
C GLY D 65 17.60 2.93 34.42
N ALA D 66 16.91 3.98 33.98
CA ALA D 66 16.23 4.05 32.65
C ALA D 66 17.19 4.56 31.58
N ASP D 67 17.00 4.11 30.34
CA ASP D 67 17.55 4.75 29.11
C ASP D 67 16.61 5.87 28.70
N VAL D 68 17.10 7.11 28.67
CA VAL D 68 16.27 8.33 28.42
C VAL D 68 16.76 9.01 27.15
N ALA D 69 15.82 9.46 26.31
CA ALA D 69 16.08 10.33 25.14
C ALA D 69 15.63 11.76 25.47
N LEU D 70 16.57 12.70 25.53
CA LEU D 70 16.32 14.15 25.76
C LEU D 70 15.81 14.75 24.44
N VAL D 71 14.55 15.18 24.41
CA VAL D 71 13.89 15.76 23.20
C VAL D 71 13.58 17.23 23.46
N ASP D 72 14.02 18.11 22.56
CA ASP D 72 13.71 19.57 22.56
C ASP D 72 13.88 20.11 21.13
N LEU D 73 13.79 21.42 20.94
CA LEU D 73 13.87 22.10 19.61
C LEU D 73 15.25 21.88 18.99
N PRO D 74 15.36 21.85 17.65
CA PRO D 74 16.66 21.79 16.97
C PRO D 74 17.72 22.78 17.48
N SER D 75 17.30 23.99 17.87
CA SER D 75 18.18 25.08 18.37
C SER D 75 18.84 24.66 19.70
N GLN D 76 18.27 23.68 20.40
CA GLN D 76 18.77 23.18 21.72
C GLN D 76 19.74 22.01 21.53
N GLU D 77 20.02 21.59 20.30
CA GLU D 77 20.76 20.34 19.98
C GLU D 77 22.08 20.28 20.76
N ASP D 78 22.87 21.37 20.76
CA ASP D 78 24.20 21.44 21.42
C ASP D 78 24.03 21.18 22.93
N LYS D 79 23.05 21.82 23.56
CA LYS D 79 22.78 21.69 25.02
C LYS D 79 22.32 20.27 25.35
N LEU D 80 21.39 19.72 24.55
CA LEU D 80 20.86 18.34 24.71
C LEU D 80 22.01 17.33 24.63
N THR D 81 22.94 17.52 23.69
CA THR D 81 24.11 16.62 23.45
C THR D 81 24.98 16.58 24.71
N GLU D 82 25.31 17.74 25.30
CA GLU D 82 26.22 17.82 26.48
C GLU D 82 25.48 17.29 27.72
N LEU D 83 24.19 17.59 27.87
CA LEU D 83 23.33 17.05 28.96
C LEU D 83 23.29 15.52 28.85
N ALA D 84 23.01 15.00 27.65
CA ALA D 84 22.86 13.55 27.36
C ALA D 84 24.17 12.81 27.67
N LYS D 85 25.33 13.41 27.35
CA LYS D 85 26.66 12.83 27.66
C LYS D 85 26.92 12.90 29.17
N ASP D 86 26.55 14.02 29.80
CA ASP D 86 26.72 14.25 31.27
C ASP D 86 25.92 13.20 32.05
N MET D 87 24.63 13.04 31.74
CA MET D 87 23.72 12.10 32.43
C MET D 87 24.16 10.65 32.17
N SER D 88 24.61 10.35 30.94
CA SER D 88 25.12 9.02 30.54
C SER D 88 26.33 8.64 31.41
N GLU D 89 27.26 9.57 31.60
CA GLU D 89 28.52 9.37 32.36
C GLU D 89 28.22 9.14 33.86
N ARG D 90 27.31 9.94 34.42
CA ARG D 90 26.99 9.97 35.88
C ARG D 90 26.23 8.71 36.30
N PHE D 91 25.30 8.23 35.46
CA PHE D 91 24.29 7.20 35.83
C PHE D 91 24.49 5.91 35.02
N GLY D 92 25.44 5.88 34.09
CA GLY D 92 25.83 4.68 33.33
C GLY D 92 24.65 4.03 32.61
N THR D 93 23.76 4.84 32.04
CA THR D 93 22.64 4.40 31.16
C THR D 93 22.79 5.11 29.82
N ASN D 94 22.14 4.58 28.78
CA ASN D 94 22.10 5.18 27.42
C ASN D 94 21.14 6.39 27.46
N VAL D 95 21.69 7.57 27.74
CA VAL D 95 20.97 8.87 27.62
C VAL D 95 21.44 9.56 26.34
N ILE D 96 20.51 9.85 25.43
CA ILE D 96 20.78 10.36 24.05
C ILE D 96 20.06 11.68 23.85
N ALA D 97 20.39 12.41 22.79
CA ALA D 97 19.79 13.69 22.39
C ALA D 97 19.11 13.54 21.02
N LEU D 98 17.81 13.82 20.94
CA LEU D 98 17.03 13.85 19.67
C LEU D 98 16.27 15.17 19.61
N THR D 99 16.43 15.94 18.54
CA THR D 99 15.73 17.22 18.32
C THR D 99 14.38 16.94 17.65
N CYS D 100 13.34 17.67 18.04
CA CYS D 100 12.00 17.64 17.40
C CYS D 100 11.19 18.86 17.81
N ASP D 101 10.84 19.70 16.83
CA ASP D 101 9.77 20.72 16.94
C ASP D 101 8.43 20.00 16.88
N VAL D 102 7.65 20.04 17.97
CA VAL D 102 6.38 19.28 18.13
C VAL D 102 5.28 19.89 17.25
N THR D 103 5.50 21.10 16.71
CA THR D 103 4.58 21.77 15.75
C THR D 103 4.80 21.21 14.34
N ASP D 104 5.97 20.60 14.09
CA ASP D 104 6.36 20.01 12.79
C ASP D 104 6.03 18.51 12.81
N THR D 105 5.04 18.09 12.02
CA THR D 105 4.54 16.69 11.94
C THR D 105 5.61 15.79 11.29
N VAL D 106 6.44 16.36 10.42
CA VAL D 106 7.54 15.63 9.70
C VAL D 106 8.60 15.23 10.74
N GLN D 107 9.02 16.17 11.58
CA GLN D 107 10.05 15.95 12.62
C GLN D 107 9.51 14.96 13.66
N VAL D 108 8.23 15.07 14.01
CA VAL D 108 7.52 14.14 14.94
C VAL D 108 7.57 12.72 14.34
N ALA D 109 7.29 12.60 13.04
CA ALA D 109 7.33 11.32 12.29
C ALA D 109 8.75 10.74 12.33
N GLU D 110 9.75 11.59 12.09
CA GLU D 110 11.20 11.23 12.14
C GLU D 110 11.56 10.80 13.57
N LEU D 111 11.06 11.53 14.58
CA LEU D 111 11.34 11.28 16.01
C LEU D 111 10.94 9.85 16.38
N LYS D 112 9.77 9.39 15.91
CA LYS D 112 9.23 8.03 16.21
C LYS D 112 10.22 6.95 15.73
N THR D 113 10.75 7.11 14.52
CA THR D 113 11.69 6.14 13.89
C THR D 113 12.99 6.09 14.70
N GLN D 114 13.55 7.26 15.03
CA GLN D 114 14.85 7.40 15.74
C GLN D 114 14.69 6.94 17.20
N LEU D 115 13.51 7.12 17.79
CA LEU D 115 13.21 6.62 19.15
C LEU D 115 13.33 5.08 19.14
N VAL D 116 12.70 4.43 18.17
CA VAL D 116 12.71 2.94 18.03
C VAL D 116 14.12 2.47 17.64
N GLU D 117 14.77 3.17 16.71
CA GLU D 117 16.08 2.77 16.13
C GLU D 117 17.19 2.85 17.20
N GLN D 118 17.18 3.90 18.04
CA GLN D 118 18.32 4.26 18.92
C GLN D 118 18.12 3.72 20.34
N LEU D 119 16.89 3.72 20.86
CA LEU D 119 16.56 3.17 22.21
C LEU D 119 16.16 1.69 22.10
N GLY D 120 15.38 1.33 21.08
CA GLY D 120 14.85 -0.02 20.87
C GLY D 120 13.34 -0.05 21.02
N THR D 121 12.83 0.49 22.12
CA THR D 121 11.39 0.62 22.42
C THR D 121 11.16 1.83 23.33
N VAL D 122 9.89 2.11 23.67
CA VAL D 122 9.47 3.19 24.60
C VAL D 122 8.53 2.58 25.65
N ASP D 123 8.96 2.57 26.91
CA ASP D 123 8.18 2.05 28.08
C ASP D 123 7.58 3.22 28.87
N PHE D 124 7.99 4.46 28.60
CA PHE D 124 7.47 5.68 29.25
C PHE D 124 7.76 6.92 28.38
N ALA D 125 6.94 7.97 28.55
CA ALA D 125 7.12 9.28 27.90
C ALA D 125 6.63 10.40 28.84
N PHE D 126 7.47 11.40 29.08
CA PHE D 126 7.12 12.66 29.79
C PHE D 126 6.93 13.75 28.74
N LEU D 127 5.67 13.96 28.31
CA LEU D 127 5.27 14.98 27.30
C LEU D 127 5.18 16.33 28.03
N ASN D 128 6.31 17.03 28.14
CA ASN D 128 6.54 18.14 29.09
C ASN D 128 6.74 19.46 28.33
N ALA D 129 6.98 19.41 27.01
CA ALA D 129 7.19 20.61 26.16
C ALA D 129 5.97 21.52 26.26
N GLY D 130 6.18 22.82 26.42
CA GLY D 130 5.11 23.83 26.51
C GLY D 130 5.64 25.25 26.52
N VAL D 131 4.81 26.23 26.14
CA VAL D 131 5.15 27.66 26.10
C VAL D 131 4.02 28.47 26.75
N ASN D 132 4.37 29.61 27.34
CA ASN D 132 3.42 30.64 27.84
C ASN D 132 3.63 31.88 26.96
N VAL D 133 2.83 32.03 25.91
CA VAL D 133 2.98 33.09 24.87
C VAL D 133 2.56 34.42 25.50
N PRO D 134 3.37 35.51 25.34
CA PRO D 134 2.99 36.82 25.86
C PRO D 134 1.72 37.38 25.19
N GLY D 135 0.97 38.20 25.92
CA GLY D 135 -0.30 38.82 25.47
C GLY D 135 -1.44 37.83 25.50
N ASP D 136 -1.35 36.80 26.34
CA ASP D 136 -2.34 35.70 26.46
C ASP D 136 -3.41 36.10 27.48
N ASP D 137 -4.13 37.20 27.22
CA ASP D 137 -5.18 37.75 28.11
C ASP D 137 -6.54 37.62 27.40
N GLN D 138 -7.55 38.37 27.86
CA GLN D 138 -8.93 38.36 27.30
C GLN D 138 -8.90 38.77 25.82
N ASP D 139 -7.93 39.60 25.43
CA ASP D 139 -7.76 40.12 24.05
C ASP D 139 -6.68 39.32 23.30
N ALA D 140 -6.41 38.08 23.73
CA ALA D 140 -5.45 37.15 23.07
C ALA D 140 -5.75 37.14 21.57
N THR D 141 -4.77 37.55 20.74
CA THR D 141 -4.88 37.62 19.26
C THR D 141 -4.95 36.20 18.69
N GLU D 142 -5.40 36.09 17.43
CA GLU D 142 -5.44 34.82 16.66
C GLU D 142 -4.08 34.13 16.72
N GLU D 143 -3.00 34.91 16.65
CA GLU D 143 -1.60 34.41 16.61
C GLU D 143 -1.21 33.85 17.98
N VAL D 144 -1.45 34.61 19.05
CA VAL D 144 -1.15 34.21 20.45
C VAL D 144 -1.94 32.94 20.79
N TRP D 145 -3.23 32.91 20.43
CA TRP D 145 -4.14 31.76 20.66
C TRP D 145 -3.64 30.53 19.89
N THR D 146 -3.56 30.63 18.56
CA THR D 146 -3.21 29.50 17.66
C THR D 146 -1.82 28.95 18.01
N ARG D 147 -0.85 29.84 18.28
CA ARG D 147 0.54 29.45 18.63
C ARG D 147 0.51 28.57 19.89
N THR D 148 -0.17 29.03 20.95
CA THR D 148 -0.30 28.33 22.25
C THR D 148 -0.93 26.94 22.03
N ILE D 149 -1.99 26.89 21.21
CA ILE D 149 -2.78 25.66 20.90
C ILE D 149 -1.91 24.71 20.06
N ASN D 150 -1.26 25.23 19.02
CA ASN D 150 -0.38 24.46 18.10
C ASN D 150 0.72 23.78 18.91
N ILE D 151 1.36 24.52 19.82
CA ILE D 151 2.50 24.00 20.63
C ILE D 151 1.97 23.11 21.75
N ASN D 152 1.18 23.67 22.67
CA ASN D 152 0.80 23.00 23.95
C ASN D 152 -0.15 21.83 23.67
N LEU D 153 -1.18 22.03 22.84
CA LEU D 153 -2.28 21.05 22.68
C LEU D 153 -1.93 20.04 21.57
N ASN D 154 -1.73 20.52 20.35
CA ASN D 154 -1.51 19.66 19.15
C ASN D 154 -0.12 19.01 19.23
N GLY D 155 0.88 19.75 19.70
CA GLY D 155 2.27 19.25 19.88
C GLY D 155 2.33 18.13 20.91
N THR D 156 1.62 18.29 22.03
CA THR D 156 1.57 17.31 23.16
C THR D 156 0.83 16.04 22.71
N TYR D 157 -0.28 16.20 21.99
CA TYR D 157 -1.06 15.09 21.39
C TYR D 157 -0.14 14.24 20.51
N ARG D 158 0.57 14.86 19.57
CA ARG D 158 1.47 14.21 18.58
C ARG D 158 2.52 13.35 19.29
N THR D 159 3.27 13.96 20.22
CA THR D 159 4.40 13.33 20.95
C THR D 159 3.86 12.23 21.86
N GLY D 160 2.65 12.40 22.39
CA GLY D 160 1.94 11.36 23.15
C GLY D 160 1.52 10.23 22.24
N ARG D 161 1.01 10.56 21.05
CA ARG D 161 0.46 9.59 20.07
C ARG D 161 1.55 8.60 19.64
N ILE D 162 2.75 9.10 19.31
CA ILE D 162 3.89 8.25 18.83
C ILE D 162 4.38 7.39 19.99
N ALA D 163 4.22 7.85 21.24
CA ALA D 163 4.63 7.13 22.47
C ALA D 163 3.80 5.85 22.63
N HIS D 164 2.46 5.96 22.58
CA HIS D 164 1.55 4.81 22.81
C HIS D 164 1.42 3.97 21.54
N GLU D 165 1.72 4.54 20.37
CA GLU D 165 1.84 3.78 19.09
C GLU D 165 2.98 2.76 19.23
N ILE D 166 4.16 3.22 19.64
CA ILE D 166 5.39 2.38 19.80
C ILE D 166 5.10 1.26 20.82
N MET D 167 4.51 1.61 21.97
CA MET D 167 4.16 0.66 23.07
C MET D 167 3.30 -0.48 22.52
N ARG D 168 2.25 -0.14 21.78
CA ARG D 168 1.23 -1.10 21.26
C ARG D 168 1.82 -1.89 20.10
N GLU D 169 2.65 -1.26 19.26
CA GLU D 169 3.33 -1.92 18.12
C GLU D 169 4.33 -2.94 18.64
N HIS D 170 4.91 -2.70 19.82
CA HIS D 170 5.94 -3.57 20.46
C HIS D 170 5.27 -4.51 21.48
N GLY D 171 3.93 -4.54 21.50
CA GLY D 171 3.13 -5.50 22.27
C GLY D 171 3.47 -5.51 23.75
N HIS D 172 3.60 -4.33 24.36
CA HIS D 172 3.83 -4.17 25.83
C HIS D 172 3.21 -2.85 26.31
N GLY D 173 3.09 -2.70 27.64
CA GLY D 173 2.52 -1.52 28.31
C GLY D 173 3.57 -0.47 28.58
N GLY D 174 3.20 0.57 29.34
CA GLY D 174 4.06 1.71 29.66
C GLY D 174 3.30 2.80 30.39
N SER D 175 3.94 3.94 30.62
CA SER D 175 3.43 5.07 31.44
C SER D 175 3.57 6.38 30.67
N LEU D 176 2.45 7.02 30.34
CA LEU D 176 2.40 8.41 29.78
C LEU D 176 2.27 9.40 30.93
N ILE D 177 3.16 10.40 30.99
CA ILE D 177 3.12 11.52 31.96
C ILE D 177 3.07 12.83 31.18
N PHE D 178 1.93 13.53 31.25
CA PHE D 178 1.70 14.85 30.59
C PHE D 178 1.87 15.96 31.63
N THR D 179 2.62 17.01 31.30
CA THR D 179 2.68 18.24 32.12
C THR D 179 1.44 19.09 31.81
N ALA D 180 0.45 19.07 32.70
CA ALA D 180 -0.66 20.03 32.73
C ALA D 180 -0.16 21.30 33.43
N ALA D 181 -1.01 22.00 34.17
CA ALA D 181 -0.60 23.19 34.97
C ALA D 181 -1.69 23.50 35.99
N LEU D 182 -1.37 24.40 36.93
CA LEU D 182 -2.36 25.03 37.83
C LEU D 182 -3.36 25.82 36.97
N SER D 183 -2.85 26.55 35.96
CA SER D 183 -3.63 27.34 34.98
C SER D 183 -4.70 26.48 34.30
N GLY D 184 -4.51 25.15 34.29
CA GLY D 184 -5.49 24.15 33.80
C GLY D 184 -6.72 24.06 34.69
N HIS D 185 -6.56 24.19 36.01
CA HIS D 185 -7.65 24.10 37.03
C HIS D 185 -8.21 25.50 37.32
N ASN D 186 -7.31 26.45 37.61
CA ASN D 186 -7.64 27.83 38.07
C ASN D 186 -6.83 28.84 37.28
N ALA D 187 -7.41 30.03 37.02
CA ALA D 187 -6.69 31.22 36.51
C ALA D 187 -5.83 31.78 37.64
N ASN D 188 -4.52 31.93 37.40
CA ASN D 188 -3.54 32.33 38.44
C ASN D 188 -3.93 33.70 39.00
N TYR D 189 -4.14 33.78 40.32
CA TYR D 189 -4.53 35.02 41.04
C TYR D 189 -3.32 35.95 41.16
N MET D 190 -3.55 37.24 40.91
CA MET D 190 -2.50 38.31 40.90
C MET D 190 -3.16 39.63 41.29
N MET D 191 -2.95 40.08 42.53
CA MET D 191 -3.40 41.40 43.05
C MET D 191 -4.78 41.76 42.48
N GLY D 192 -5.78 40.91 42.73
CA GLY D 192 -7.18 41.11 42.37
C GLY D 192 -7.44 40.97 40.87
N SER D 193 -6.62 40.16 40.18
CA SER D 193 -6.70 39.96 38.71
C SER D 193 -6.12 38.60 38.33
N PRO D 194 -6.51 38.03 37.16
CA PRO D 194 -5.84 36.85 36.63
C PRO D 194 -4.58 37.23 35.83
N THR D 195 -3.55 36.38 35.86
CA THR D 195 -2.35 36.48 34.98
C THR D 195 -2.79 36.16 33.55
N PRO D 196 -2.02 36.55 32.50
CA PRO D 196 -2.36 36.20 31.13
C PRO D 196 -2.11 34.69 30.88
N VAL D 197 -3.15 33.87 31.08
CA VAL D 197 -3.11 32.40 30.83
C VAL D 197 -4.43 31.96 30.19
N ASN D 198 -5.02 32.82 29.35
CA ASN D 198 -6.29 32.56 28.62
C ASN D 198 -6.15 31.27 27.80
N ALA D 199 -5.40 31.32 26.70
CA ALA D 199 -5.15 30.19 25.78
C ALA D 199 -4.35 29.10 26.50
N TYR D 200 -3.32 29.49 27.26
CA TYR D 200 -2.45 28.57 28.03
C TYR D 200 -3.31 27.64 28.90
N GLY D 201 -4.11 28.22 29.79
CA GLY D 201 -4.99 27.49 30.71
C GLY D 201 -5.91 26.53 29.97
N ALA D 202 -6.42 26.93 28.81
CA ALA D 202 -7.31 26.13 27.94
C ALA D 202 -6.58 24.87 27.46
N THR D 203 -5.32 24.99 27.05
CA THR D 203 -4.49 23.88 26.50
C THR D 203 -4.16 22.88 27.61
N LYS D 204 -3.91 23.35 28.83
CA LYS D 204 -3.55 22.50 29.99
C LYS D 204 -4.79 21.71 30.44
N ALA D 205 -5.96 22.36 30.48
CA ALA D 205 -7.28 21.71 30.71
C ALA D 205 -7.49 20.60 29.67
N ALA D 206 -7.28 20.93 28.39
CA ALA D 206 -7.44 20.00 27.24
C ALA D 206 -6.53 18.77 27.43
N ILE D 207 -5.27 18.99 27.79
CA ILE D 207 -4.24 17.92 28.00
C ILE D 207 -4.73 16.97 29.10
N MET D 208 -5.35 17.50 30.17
CA MET D 208 -5.81 16.69 31.33
C MET D 208 -6.93 15.73 30.89
N GLU D 209 -7.90 16.21 30.13
CA GLU D 209 -9.04 15.38 29.63
C GLU D 209 -8.56 14.45 28.50
N HIS D 210 -7.54 14.86 27.75
CA HIS D 210 -6.87 14.03 26.72
C HIS D 210 -6.20 12.84 27.41
N SER D 211 -5.41 13.09 28.45
CA SER D 211 -4.74 12.08 29.31
C SER D 211 -5.78 11.12 29.90
N ARG D 212 -6.91 11.65 30.37
CA ARG D 212 -8.01 10.87 30.98
C ARG D 212 -8.58 9.89 29.95
N TYR D 213 -8.86 10.36 28.73
CA TYR D 213 -9.41 9.52 27.63
C TYR D 213 -8.44 8.38 27.31
N LEU D 214 -7.16 8.69 27.16
CA LEU D 214 -6.09 7.71 26.85
C LEU D 214 -6.03 6.64 27.94
N ALA D 215 -6.13 7.06 29.21
CA ALA D 215 -6.11 6.17 30.40
C ALA D 215 -7.23 5.12 30.28
N ALA D 216 -8.40 5.53 29.79
CA ALA D 216 -9.58 4.65 29.58
C ALA D 216 -9.36 3.78 28.33
N ALA D 217 -8.88 4.37 27.24
CA ALA D 217 -8.77 3.73 25.90
C ALA D 217 -7.62 2.71 25.89
N LEU D 218 -6.50 3.00 26.57
CA LEU D 218 -5.24 2.21 26.48
C LEU D 218 -5.02 1.35 27.73
N ALA D 219 -5.95 1.33 28.68
CA ALA D 219 -5.90 0.49 29.90
C ALA D 219 -5.70 -0.98 29.50
N LYS D 220 -6.45 -1.45 28.50
CA LYS D 220 -6.44 -2.85 27.99
C LYS D 220 -5.07 -3.21 27.42
N ASP D 221 -4.32 -2.22 26.91
CA ASP D 221 -2.96 -2.40 26.34
C ASP D 221 -1.91 -2.24 27.45
N GLY D 222 -2.34 -2.15 28.71
CA GLY D 222 -1.48 -2.00 29.90
C GLY D 222 -0.72 -0.69 29.91
N ILE D 223 -1.31 0.38 29.36
CA ILE D 223 -0.70 1.74 29.28
C ILE D 223 -1.43 2.67 30.25
N ARG D 224 -0.70 3.24 31.21
CA ARG D 224 -1.21 4.24 32.18
C ARG D 224 -0.95 5.64 31.64
N SER D 225 -1.92 6.54 31.83
CA SER D 225 -1.89 7.97 31.39
C SER D 225 -2.31 8.88 32.54
N ASN D 226 -1.38 9.68 33.04
CA ASN D 226 -1.58 10.62 34.19
C ASN D 226 -0.98 11.98 33.83
N THR D 227 -1.49 13.05 34.45
CA THR D 227 -0.95 14.43 34.34
C THR D 227 -0.27 14.81 35.66
N ILE D 228 0.73 15.68 35.57
CA ILE D 228 1.25 16.50 36.70
C ILE D 228 0.81 17.94 36.44
N SER D 229 0.30 18.62 37.46
CA SER D 229 -0.15 20.03 37.42
C SER D 229 0.71 20.86 38.36
N PRO D 230 1.89 21.36 37.91
CA PRO D 230 2.74 22.17 38.77
C PRO D 230 2.11 23.53 39.05
N GLY D 231 2.35 24.08 40.24
CA GLY D 231 2.02 25.47 40.59
C GLY D 231 3.11 26.39 40.11
N TYR D 232 3.79 27.08 41.03
CA TYR D 232 4.96 27.95 40.75
C TYR D 232 6.24 27.16 41.05
N VAL D 233 6.92 26.70 40.00
CA VAL D 233 8.23 25.98 40.07
C VAL D 233 9.32 26.91 39.54
N TRP D 234 10.36 27.16 40.35
CA TRP D 234 11.57 27.94 39.95
C TRP D 234 12.46 27.04 39.09
N SER D 235 12.07 26.85 37.82
CA SER D 235 12.67 25.88 36.87
C SER D 235 13.91 26.49 36.18
N GLY D 236 14.05 27.82 36.24
CA GLY D 236 15.02 28.59 35.42
C GLY D 236 14.29 29.58 34.52
N ILE D 237 12.98 29.38 34.33
CA ILE D 237 12.12 30.15 33.38
C ILE D 237 11.87 31.57 33.92
N PHE D 238 11.93 31.76 35.25
CA PHE D 238 11.63 33.05 35.93
C PHE D 238 12.92 33.83 36.23
N ASN D 239 14.08 33.20 36.05
CA ASN D 239 15.40 33.78 36.44
C ASN D 239 15.53 35.19 35.84
N GLY D 240 15.73 36.18 36.71
CA GLY D 240 15.97 37.59 36.33
C GLY D 240 14.70 38.32 35.89
N ARG D 241 13.54 37.65 35.89
CA ARG D 241 12.27 38.22 35.34
C ARG D 241 11.35 38.70 36.49
N ILE D 242 11.62 38.31 37.73
CA ILE D 242 10.83 38.77 38.92
C ILE D 242 11.80 39.30 40.00
N ASP D 243 11.31 40.21 40.84
CA ASP D 243 12.01 40.78 42.02
C ASP D 243 11.40 40.17 43.28
N MET D 244 11.85 40.59 44.47
CA MET D 244 11.39 40.01 45.76
C MET D 244 9.94 40.41 46.03
N PRO D 245 9.54 41.69 45.85
CA PRO D 245 8.12 42.06 45.95
C PRO D 245 7.21 41.21 45.07
N GLY D 246 7.60 40.99 43.81
CA GLY D 246 6.87 40.17 42.83
C GLY D 246 6.86 38.70 43.22
N HIS D 247 7.97 38.21 43.76
CA HIS D 247 8.14 36.83 44.30
C HIS D 247 7.13 36.60 45.44
N ASP D 248 7.06 37.54 46.38
CA ASP D 248 6.18 37.47 47.58
C ASP D 248 4.72 37.67 47.16
N ALA D 249 4.44 38.60 46.26
CA ALA D 249 3.10 38.90 45.72
C ALA D 249 2.51 37.63 45.08
N MET D 250 3.33 36.85 44.39
CA MET D 250 2.94 35.60 43.69
C MET D 250 2.63 34.49 44.71
N LEU D 251 3.37 34.44 45.83
CA LEU D 251 3.30 33.35 46.83
C LEU D 251 2.32 33.70 47.96
N GLU D 252 1.62 34.84 47.85
CA GLU D 252 0.54 35.23 48.80
C GLU D 252 -0.51 34.11 48.88
N VAL D 253 -0.84 33.51 47.73
CA VAL D 253 -1.92 32.47 47.60
C VAL D 253 -1.30 31.07 47.62
N VAL D 254 0.00 30.94 47.93
CA VAL D 254 0.69 29.63 48.09
C VAL D 254 1.01 29.46 49.58
N PRO D 255 0.29 28.55 50.29
CA PRO D 255 0.50 28.34 51.73
C PRO D 255 1.97 28.14 52.13
N MET D 256 2.73 27.36 51.36
CA MET D 256 4.16 27.05 51.67
C MET D 256 5.04 28.30 51.49
N HIS D 257 4.55 29.34 50.81
CA HIS D 257 5.18 30.67 50.68
C HIS D 257 6.58 30.52 50.07
N ARG D 258 6.71 29.68 49.06
CA ARG D 258 7.95 29.47 48.27
C ARG D 258 7.58 28.82 46.94
N PHE D 259 8.43 29.00 45.93
CA PHE D 259 8.36 28.26 44.65
C PHE D 259 8.77 26.80 44.91
N GLY D 260 8.25 25.88 44.09
CA GLY D 260 8.77 24.51 43.99
C GLY D 260 10.09 24.51 43.27
N THR D 261 10.86 23.43 43.39
CA THR D 261 12.16 23.23 42.69
C THR D 261 12.02 22.04 41.74
N ASN D 262 12.95 21.90 40.80
CA ASN D 262 12.88 20.92 39.68
C ASN D 262 12.86 19.50 40.23
N ASP D 263 13.56 19.25 41.33
CA ASP D 263 13.71 17.90 41.97
C ASP D 263 12.36 17.44 42.53
N GLU D 264 11.53 18.37 42.98
CA GLU D 264 10.21 18.09 43.62
C GLU D 264 9.21 17.65 42.55
N ILE D 265 9.39 18.10 41.30
CA ILE D 265 8.62 17.63 40.10
C ILE D 265 9.17 16.28 39.64
N ALA D 266 10.50 16.13 39.62
CA ALA D 266 11.22 14.94 39.10
C ALA D 266 10.82 13.68 39.88
N SER D 267 10.76 13.79 41.22
CA SER D 267 10.35 12.68 42.12
C SER D 267 8.91 12.27 41.83
N THR D 268 8.04 13.23 41.49
CA THR D 268 6.62 12.99 41.12
C THR D 268 6.56 12.25 39.78
N VAL D 269 7.37 12.66 38.80
CA VAL D 269 7.46 12.02 37.46
C VAL D 269 7.91 10.57 37.64
N LEU D 270 8.92 10.33 38.49
CA LEU D 270 9.46 8.98 38.79
C LEU D 270 8.35 8.09 39.39
N PHE D 271 7.54 8.64 40.30
CA PHE D 271 6.40 7.94 40.95
C PHE D 271 5.42 7.44 39.88
N LEU D 272 4.99 8.33 38.98
CA LEU D 272 3.99 8.06 37.91
C LEU D 272 4.60 7.13 36.85
N ALA D 273 5.91 7.24 36.58
CA ALA D 273 6.64 6.45 35.57
C ALA D 273 6.84 5.01 36.06
N SER D 274 7.22 4.84 37.34
CA SER D 274 7.61 3.55 37.96
C SER D 274 6.36 2.72 38.30
N ASP D 275 6.59 1.47 38.74
CA ASP D 275 5.52 0.52 39.18
C ASP D 275 4.87 1.00 40.48
N ALA D 276 5.56 1.88 41.24
CA ALA D 276 5.05 2.49 42.49
C ALA D 276 3.61 2.96 42.30
N SER D 277 3.27 3.46 41.11
CA SER D 277 1.94 4.00 40.74
C SER D 277 1.21 3.03 39.79
N SER D 278 1.37 1.72 40.00
CA SER D 278 0.89 0.64 39.09
C SER D 278 -0.65 0.65 38.96
N TYR D 279 -1.37 1.14 39.97
CA TYR D 279 -2.86 1.17 39.99
C TYR D 279 -3.36 2.62 39.86
N VAL D 280 -2.49 3.52 39.41
CA VAL D 280 -2.78 4.99 39.24
C VAL D 280 -2.81 5.30 37.74
N THR D 281 -3.99 5.62 37.21
CA THR D 281 -4.18 6.01 35.78
C THR D 281 -5.41 6.92 35.65
N GLY D 282 -5.38 7.81 34.66
CA GLY D 282 -6.48 8.73 34.32
C GLY D 282 -6.72 9.76 35.42
N THR D 283 -5.68 10.08 36.19
CA THR D 283 -5.75 11.04 37.33
C THR D 283 -4.68 12.12 37.15
N ASP D 284 -4.68 13.09 38.07
CA ASP D 284 -3.78 14.27 38.07
C ASP D 284 -3.15 14.37 39.46
N ILE D 285 -1.84 14.64 39.52
CA ILE D 285 -1.12 14.96 40.78
C ILE D 285 -0.74 16.43 40.76
N ARG D 286 -1.39 17.25 41.60
CA ARG D 286 -1.08 18.70 41.76
C ARG D 286 0.16 18.83 42.64
N VAL D 287 1.16 19.59 42.15
CA VAL D 287 2.44 19.86 42.86
C VAL D 287 2.62 21.38 42.90
N ASP D 288 1.86 22.04 43.78
CA ASP D 288 1.69 23.52 43.80
C ASP D 288 1.86 24.07 45.23
N GLY D 289 2.37 23.27 46.16
CA GLY D 289 2.59 23.67 47.57
C GLY D 289 1.33 24.20 48.23
N GLY D 290 0.14 23.71 47.83
CA GLY D 290 -1.15 24.00 48.47
C GLY D 290 -1.92 25.14 47.81
N TYR D 291 -1.50 25.62 46.65
CA TYR D 291 -2.22 26.68 45.88
C TYR D 291 -3.69 26.29 45.70
N SER D 292 -3.94 25.06 45.25
CA SER D 292 -5.27 24.52 44.86
C SER D 292 -6.29 24.72 45.99
N VAL D 293 -5.84 24.66 47.25
CA VAL D 293 -6.68 24.83 48.47
C VAL D 293 -7.46 26.15 48.33
N PHE D 294 -6.74 27.26 48.12
CA PHE D 294 -7.33 28.60 47.85
C PHE D 294 -7.94 28.62 46.44
N LYS E 11 48.72 9.93 -4.64
CA LYS E 11 48.41 11.38 -4.44
C LYS E 11 47.58 11.90 -5.61
N THR E 12 47.86 11.46 -6.84
CA THR E 12 47.01 11.70 -8.05
C THR E 12 45.75 10.84 -7.92
N VAL E 13 44.62 11.32 -8.45
CA VAL E 13 43.30 10.61 -8.41
C VAL E 13 43.48 9.22 -9.03
N GLU E 14 44.25 9.13 -10.13
CA GLU E 14 44.47 7.87 -10.91
C GLU E 14 45.40 6.93 -10.13
N GLN E 15 46.38 7.48 -9.40
CA GLN E 15 47.31 6.71 -8.53
C GLN E 15 46.51 6.03 -7.41
N ILE E 16 45.47 6.69 -6.88
CA ILE E 16 44.59 6.15 -5.80
C ILE E 16 43.76 5.00 -6.39
N PHE E 17 43.17 5.19 -7.58
CA PHE E 17 42.38 4.16 -8.29
C PHE E 17 43.26 2.94 -8.61
N ASP E 18 44.52 3.16 -9.00
CA ASP E 18 45.50 2.10 -9.35
C ASP E 18 45.79 1.25 -8.11
N GLU E 19 45.83 1.88 -6.93
CA GLU E 19 46.11 1.21 -5.63
C GLU E 19 44.83 0.53 -5.12
N ARG E 20 43.66 1.17 -5.29
CA ARG E 20 42.35 0.61 -4.88
C ARG E 20 42.03 -0.64 -5.68
N TYR E 21 42.24 -0.59 -7.01
CA TYR E 21 41.75 -1.60 -7.98
C TYR E 21 42.91 -2.16 -8.82
N PRO E 22 43.61 -3.21 -8.34
CA PRO E 22 44.59 -3.92 -9.16
C PRO E 22 43.92 -4.60 -10.37
N LEU E 23 44.61 -4.60 -11.51
CA LEU E 23 44.08 -5.07 -12.83
C LEU E 23 44.47 -6.53 -13.07
N ASP E 24 45.67 -6.95 -12.66
CA ASP E 24 46.29 -8.24 -13.07
C ASP E 24 47.05 -8.84 -11.89
N LYS E 25 46.31 -9.29 -10.86
CA LYS E 25 46.86 -9.88 -9.61
C LYS E 25 47.65 -11.16 -9.93
N TRP E 26 47.30 -11.85 -11.02
CA TRP E 26 47.96 -13.11 -11.48
C TRP E 26 49.45 -12.86 -11.80
N LYS E 27 49.85 -11.60 -12.03
CA LYS E 27 51.26 -11.22 -12.31
C LYS E 27 52.03 -11.08 -10.98
N ASP E 28 51.34 -11.23 -9.84
CA ASP E 28 51.96 -11.52 -8.53
C ASP E 28 52.18 -13.04 -8.45
N SER E 29 53.45 -13.47 -8.34
CA SER E 29 53.85 -14.89 -8.34
C SER E 29 53.43 -15.57 -7.03
N ASN E 30 53.17 -14.79 -5.99
CA ASN E 30 52.72 -15.28 -4.65
C ASN E 30 51.20 -15.43 -4.63
N TYR E 31 50.50 -14.84 -5.59
CA TYR E 31 49.02 -14.83 -5.71
C TYR E 31 48.54 -16.11 -6.41
N SER E 32 47.40 -16.65 -5.95
CA SER E 32 46.68 -17.79 -6.59
C SER E 32 45.16 -17.60 -6.44
N ILE E 33 44.43 -17.76 -7.54
CA ILE E 33 42.94 -17.61 -7.61
C ILE E 33 42.28 -18.67 -6.71
N LEU E 34 42.93 -19.83 -6.56
CA LEU E 34 42.41 -21.00 -5.78
C LEU E 34 42.40 -20.69 -4.29
N ASP E 35 43.25 -19.75 -3.84
CA ASP E 35 43.34 -19.33 -2.41
C ASP E 35 42.05 -18.60 -1.99
N LYS E 36 41.30 -18.03 -2.95
CA LYS E 36 40.02 -17.33 -2.72
C LYS E 36 38.95 -18.29 -2.18
N PHE E 37 39.13 -19.61 -2.38
CA PHE E 37 38.15 -20.66 -1.99
C PHE E 37 38.49 -21.23 -0.62
N SER E 38 39.66 -20.88 -0.07
CA SER E 38 40.09 -21.24 1.31
C SER E 38 39.14 -20.59 2.33
N MET E 39 38.83 -21.30 3.41
CA MET E 39 38.08 -20.79 4.59
C MET E 39 38.95 -20.95 5.84
N ARG E 40 40.28 -20.99 5.66
CA ARG E 40 41.25 -21.14 6.78
C ARG E 40 41.21 -19.86 7.64
N GLY E 41 41.07 -20.04 8.96
CA GLY E 41 40.96 -18.94 9.93
C GLY E 41 39.56 -18.36 10.01
N ARG E 42 38.60 -18.94 9.28
CA ARG E 42 37.17 -18.49 9.26
C ARG E 42 36.36 -19.40 10.17
N LYS E 43 35.40 -18.84 10.90
CA LYS E 43 34.52 -19.57 11.86
C LYS E 43 33.07 -19.19 11.57
N GLY E 44 32.16 -20.17 11.60
CA GLY E 44 30.73 -19.97 11.30
C GLY E 44 29.89 -21.14 11.75
N PHE E 45 28.60 -21.13 11.41
CA PHE E 45 27.63 -22.18 11.78
C PHE E 45 26.66 -22.45 10.62
N VAL E 46 26.08 -23.65 10.63
CA VAL E 46 25.10 -24.15 9.63
C VAL E 46 23.87 -24.63 10.39
N THR E 47 22.69 -24.09 10.09
CA THR E 47 21.39 -24.54 10.66
C THR E 47 20.86 -25.67 9.80
N GLY E 48 20.04 -26.57 10.37
CA GLY E 48 19.57 -27.79 9.70
C GLY E 48 20.72 -28.72 9.33
N ALA E 49 21.77 -28.74 10.16
CA ALA E 49 23.08 -29.38 9.89
C ALA E 49 22.99 -30.91 9.97
N ALA E 50 21.84 -31.46 10.38
CA ALA E 50 21.58 -32.92 10.42
C ALA E 50 21.09 -33.40 9.05
N GLY E 51 20.41 -32.53 8.30
CA GLY E 51 19.93 -32.80 6.92
C GLY E 51 21.08 -32.93 5.94
N GLY E 52 20.77 -33.34 4.71
CA GLY E 52 21.76 -33.59 3.63
C GLY E 52 22.50 -32.32 3.23
N LEU E 53 21.77 -31.26 2.89
CA LEU E 53 22.35 -29.94 2.49
C LEU E 53 23.24 -29.42 3.62
N GLY E 54 22.75 -29.46 4.86
CA GLY E 54 23.42 -28.90 6.04
C GLY E 54 24.78 -29.51 6.29
N ARG E 55 24.84 -30.83 6.51
CA ARG E 55 26.05 -31.57 6.93
C ARG E 55 27.12 -31.50 5.84
N ASN E 56 26.71 -31.58 4.57
CA ASN E 56 27.62 -31.57 3.39
C ASN E 56 28.25 -30.18 3.23
N ALA E 57 27.44 -29.12 3.37
CA ALA E 57 27.88 -27.70 3.36
C ALA E 57 28.93 -27.50 4.47
N ALA E 58 28.64 -27.98 5.68
CA ALA E 58 29.52 -27.93 6.86
C ALA E 58 30.82 -28.71 6.60
N ALA E 59 30.70 -29.92 6.04
CA ALA E 59 31.84 -30.80 5.68
C ALA E 59 32.74 -30.09 4.66
N ALA E 60 32.14 -29.40 3.69
CA ALA E 60 32.84 -28.61 2.65
C ALA E 60 33.63 -27.47 3.31
N LEU E 61 32.94 -26.64 4.10
CA LEU E 61 33.52 -25.42 4.74
C LEU E 61 34.65 -25.84 5.71
N ALA E 62 34.47 -26.95 6.43
CA ALA E 62 35.48 -27.52 7.34
C ALA E 62 36.71 -27.94 6.54
N GLN E 63 36.50 -28.64 5.41
CA GLN E 63 37.56 -29.13 4.50
C GLN E 63 38.30 -27.96 3.86
N ALA E 64 37.61 -26.83 3.64
CA ALA E 64 38.20 -25.56 3.14
C ALA E 64 39.03 -24.88 4.24
N GLY E 65 38.83 -25.30 5.51
CA GLY E 65 39.69 -24.93 6.65
C GLY E 65 38.97 -24.17 7.76
N ALA E 66 37.63 -24.13 7.74
CA ALA E 66 36.82 -23.36 8.71
C ALA E 66 36.51 -24.20 9.95
N ASP E 67 36.39 -23.53 11.11
CA ASP E 67 35.71 -24.06 12.32
C ASP E 67 34.20 -23.88 12.10
N VAL E 68 33.39 -24.91 12.38
CA VAL E 68 31.94 -24.93 12.07
C VAL E 68 31.15 -25.46 13.28
N ALA E 69 30.14 -24.70 13.71
CA ALA E 69 29.08 -25.16 14.65
C ALA E 69 27.94 -25.78 13.83
N LEU E 70 27.61 -27.05 14.08
CA LEU E 70 26.51 -27.80 13.45
C LEU E 70 25.24 -27.60 14.29
N VAL E 71 24.24 -26.90 13.74
CA VAL E 71 23.01 -26.46 14.47
C VAL E 71 21.77 -27.16 13.88
N ASP E 72 20.98 -27.81 14.74
CA ASP E 72 19.68 -28.46 14.39
C ASP E 72 18.85 -28.66 15.67
N LEU E 73 17.69 -29.30 15.55
CA LEU E 73 16.71 -29.52 16.65
C LEU E 73 17.39 -30.30 17.79
N PRO E 74 16.96 -30.06 19.05
CA PRO E 74 17.39 -30.87 20.19
C PRO E 74 17.32 -32.39 19.99
N SER E 75 16.32 -32.87 19.24
CA SER E 75 16.09 -34.30 18.92
C SER E 75 17.26 -34.89 18.12
N GLN E 76 18.03 -34.05 17.40
CA GLN E 76 19.13 -34.48 16.50
C GLN E 76 20.49 -34.38 17.21
N GLU E 77 20.51 -34.13 18.53
CA GLU E 77 21.75 -33.83 19.30
C GLU E 77 22.80 -34.91 19.05
N ASP E 78 22.44 -36.18 19.25
CA ASP E 78 23.35 -37.34 19.11
C ASP E 78 23.96 -37.35 17.71
N LYS E 79 23.13 -37.17 16.68
CA LYS E 79 23.55 -37.17 15.26
C LYS E 79 24.56 -36.03 15.02
N LEU E 80 24.26 -34.82 15.51
CA LEU E 80 25.13 -33.63 15.40
C LEU E 80 26.48 -33.92 16.07
N THR E 81 26.47 -34.49 17.27
CA THR E 81 27.69 -34.85 18.06
C THR E 81 28.56 -35.80 17.22
N GLU E 82 27.95 -36.88 16.69
CA GLU E 82 28.64 -37.90 15.86
C GLU E 82 29.26 -37.24 14.62
N LEU E 83 28.48 -36.44 13.89
CA LEU E 83 28.91 -35.70 12.67
C LEU E 83 30.04 -34.71 13.02
N ALA E 84 29.91 -33.99 14.14
CA ALA E 84 30.85 -32.96 14.61
C ALA E 84 32.19 -33.62 14.97
N LYS E 85 32.15 -34.79 15.62
CA LYS E 85 33.36 -35.57 16.00
C LYS E 85 34.00 -36.15 14.73
N ASP E 86 33.17 -36.58 13.77
CA ASP E 86 33.60 -37.17 12.47
C ASP E 86 34.38 -36.12 11.67
N MET E 87 33.78 -34.95 11.42
CA MET E 87 34.35 -33.87 10.57
C MET E 87 35.62 -33.30 11.21
N SER E 88 35.69 -33.25 12.54
CA SER E 88 36.85 -32.74 13.30
C SER E 88 38.08 -33.61 13.02
N GLU E 89 37.94 -34.94 13.14
CA GLU E 89 39.01 -35.94 12.86
C GLU E 89 39.46 -35.83 11.41
N ARG E 90 38.52 -35.66 10.48
CA ARG E 90 38.75 -35.72 9.01
C ARG E 90 39.54 -34.48 8.54
N PHE E 91 39.06 -33.28 8.87
CA PHE E 91 39.52 -32.00 8.29
C PHE E 91 40.41 -31.23 9.27
N GLY E 92 40.59 -31.74 10.49
CA GLY E 92 41.48 -31.18 11.52
C GLY E 92 41.11 -29.76 11.91
N THR E 93 39.82 -29.42 11.86
CA THR E 93 39.27 -28.11 12.33
C THR E 93 38.43 -28.36 13.59
N ASN E 94 38.05 -27.27 14.28
CA ASN E 94 37.11 -27.29 15.42
C ASN E 94 35.68 -27.29 14.88
N VAL E 95 35.09 -28.48 14.70
CA VAL E 95 33.67 -28.67 14.31
C VAL E 95 32.89 -29.16 15.54
N ILE E 96 31.96 -28.33 16.02
CA ILE E 96 31.20 -28.56 17.29
C ILE E 96 29.71 -28.70 16.94
N ALA E 97 28.94 -29.26 17.87
CA ALA E 97 27.46 -29.37 17.79
C ALA E 97 26.84 -28.37 18.77
N LEU E 98 25.81 -27.64 18.33
CA LEU E 98 25.02 -26.70 19.16
C LEU E 98 23.54 -26.80 18.77
N THR E 99 22.76 -27.58 19.53
CA THR E 99 21.30 -27.79 19.31
C THR E 99 20.56 -26.48 19.56
N CYS E 100 19.55 -26.18 18.74
CA CYS E 100 18.70 -24.96 18.85
C CYS E 100 17.42 -25.12 18.01
N ASP E 101 16.26 -25.03 18.66
CA ASP E 101 14.95 -24.86 17.98
C ASP E 101 14.81 -23.39 17.57
N VAL E 102 14.75 -23.11 16.28
CA VAL E 102 14.82 -21.72 15.70
C VAL E 102 13.53 -20.97 16.01
N THR E 103 12.47 -21.68 16.42
CA THR E 103 11.17 -21.10 16.83
C THR E 103 11.25 -20.58 18.27
N ASP E 104 12.25 -21.02 19.05
CA ASP E 104 12.44 -20.64 20.47
C ASP E 104 13.48 -19.52 20.58
N THR E 105 13.04 -18.33 21.01
CA THR E 105 13.88 -17.10 21.11
C THR E 105 14.93 -17.24 22.22
N VAL E 106 14.63 -18.03 23.26
CA VAL E 106 15.55 -18.27 24.42
C VAL E 106 16.69 -19.20 23.97
N GLN E 107 16.38 -20.24 23.19
CA GLN E 107 17.38 -21.19 22.63
C GLN E 107 18.31 -20.47 21.62
N VAL E 108 17.77 -19.51 20.86
CA VAL E 108 18.53 -18.72 19.84
C VAL E 108 19.43 -17.71 20.55
N ALA E 109 19.00 -17.16 21.69
CA ALA E 109 19.82 -16.28 22.56
C ALA E 109 20.94 -17.11 23.19
N GLU E 110 20.63 -18.34 23.61
CA GLU E 110 21.60 -19.32 24.17
C GLU E 110 22.58 -19.75 23.07
N LEU E 111 22.11 -19.90 21.83
CA LEU E 111 22.96 -20.25 20.65
C LEU E 111 23.99 -19.14 20.42
N LYS E 112 23.53 -17.88 20.40
CA LYS E 112 24.38 -16.67 20.18
C LYS E 112 25.51 -16.64 21.22
N THR E 113 25.23 -16.99 22.46
CA THR E 113 26.20 -17.03 23.58
C THR E 113 27.25 -18.13 23.31
N GLN E 114 26.79 -19.35 23.03
CA GLN E 114 27.67 -20.54 22.87
C GLN E 114 28.51 -20.41 21.60
N LEU E 115 27.97 -19.80 20.54
CA LEU E 115 28.71 -19.50 19.29
C LEU E 115 29.94 -18.65 19.62
N VAL E 116 29.76 -17.57 20.38
CA VAL E 116 30.85 -16.65 20.81
C VAL E 116 31.76 -17.36 21.83
N GLU E 117 31.19 -18.20 22.70
CA GLU E 117 31.91 -18.85 23.83
C GLU E 117 32.78 -20.01 23.31
N GLN E 118 32.28 -20.80 22.37
CA GLN E 118 32.91 -22.08 21.93
C GLN E 118 33.70 -21.88 20.63
N LEU E 119 33.21 -21.08 19.68
CA LEU E 119 33.92 -20.76 18.41
C LEU E 119 34.84 -19.55 18.62
N GLY E 120 34.32 -18.47 19.19
CA GLY E 120 35.05 -17.19 19.38
C GLY E 120 34.38 -16.06 18.63
N THR E 121 33.97 -16.31 17.39
CA THR E 121 33.21 -15.35 16.54
C THR E 121 32.47 -16.11 15.43
N VAL E 122 31.83 -15.37 14.52
CA VAL E 122 31.04 -15.91 13.38
C VAL E 122 31.33 -15.03 12.16
N ASP E 123 32.05 -15.58 11.16
CA ASP E 123 32.45 -14.92 9.90
C ASP E 123 31.52 -15.33 8.76
N PHE E 124 30.81 -16.45 8.91
CA PHE E 124 29.82 -16.95 7.93
C PHE E 124 28.68 -17.67 8.66
N ALA E 125 27.50 -17.68 8.05
CA ALA E 125 26.31 -18.40 8.53
C ALA E 125 25.54 -18.97 7.32
N PHE E 126 25.23 -20.26 7.34
CA PHE E 126 24.36 -20.93 6.35
C PHE E 126 23.01 -21.23 7.01
N LEU E 127 22.05 -20.31 6.83
CA LEU E 127 20.69 -20.41 7.39
C LEU E 127 19.88 -21.36 6.50
N ASN E 128 20.01 -22.66 6.77
CA ASN E 128 19.58 -23.77 5.87
C ASN E 128 18.35 -24.48 6.46
N ALA E 129 18.19 -24.45 7.78
CA ALA E 129 17.04 -25.06 8.50
C ALA E 129 15.73 -24.63 7.84
N GLY E 130 14.83 -25.58 7.62
CA GLY E 130 13.56 -25.37 6.91
C GLY E 130 12.74 -26.65 6.88
N VAL E 131 11.44 -26.53 6.59
CA VAL E 131 10.48 -27.66 6.66
C VAL E 131 9.46 -27.51 5.53
N ASN E 132 8.95 -28.64 5.04
CA ASN E 132 7.80 -28.72 4.10
C ASN E 132 6.67 -29.45 4.85
N VAL E 133 5.59 -28.74 5.19
CA VAL E 133 4.49 -29.23 6.06
C VAL E 133 3.43 -29.91 5.19
N PRO E 134 2.98 -31.14 5.52
CA PRO E 134 1.92 -31.81 4.76
C PRO E 134 0.62 -31.00 4.70
N GLY E 135 -0.06 -31.04 3.54
CA GLY E 135 -1.33 -30.34 3.30
C GLY E 135 -1.12 -28.86 3.02
N ASP E 136 0.02 -28.50 2.44
CA ASP E 136 0.43 -27.10 2.15
C ASP E 136 -0.06 -26.72 0.75
N ASP E 137 -1.38 -26.78 0.52
CA ASP E 137 -2.02 -26.50 -0.79
C ASP E 137 -2.90 -25.24 -0.66
N GLN E 138 -3.81 -25.02 -1.62
CA GLN E 138 -4.72 -23.84 -1.66
C GLN E 138 -5.58 -23.81 -0.38
N ASP E 139 -5.87 -24.97 0.20
CA ASP E 139 -6.65 -25.13 1.46
C ASP E 139 -5.69 -25.41 2.63
N ALA E 140 -4.52 -24.76 2.66
CA ALA E 140 -3.58 -24.78 3.80
C ALA E 140 -4.28 -24.16 5.02
N THR E 141 -4.37 -24.91 6.12
CA THR E 141 -5.04 -24.50 7.37
C THR E 141 -4.16 -23.48 8.12
N GLU E 142 -4.72 -22.80 9.12
CA GLU E 142 -4.01 -21.85 10.01
C GLU E 142 -2.80 -22.58 10.64
N GLU E 143 -2.98 -23.86 11.00
CA GLU E 143 -1.95 -24.70 11.66
C GLU E 143 -0.78 -24.93 10.70
N VAL E 144 -1.08 -25.40 9.48
CA VAL E 144 -0.08 -25.71 8.42
C VAL E 144 0.65 -24.42 8.01
N TRP E 145 -0.11 -23.36 7.73
CA TRP E 145 0.42 -22.05 7.29
C TRP E 145 1.37 -21.47 8.34
N THR E 146 0.89 -21.24 9.56
CA THR E 146 1.64 -20.52 10.64
C THR E 146 2.89 -21.32 11.02
N ARG E 147 2.79 -22.65 11.06
CA ARG E 147 3.93 -23.55 11.39
C ARG E 147 5.05 -23.33 10.38
N THR E 148 4.72 -23.29 9.08
CA THR E 148 5.66 -23.05 7.96
C THR E 148 6.32 -21.68 8.16
N ILE E 149 5.52 -20.63 8.37
CA ILE E 149 5.99 -19.23 8.55
C ILE E 149 6.86 -19.14 9.82
N ASN E 150 6.43 -19.75 10.93
CA ASN E 150 7.15 -19.73 12.23
C ASN E 150 8.56 -20.31 12.05
N ILE E 151 8.68 -21.41 11.31
CA ILE E 151 9.97 -22.15 11.12
C ILE E 151 10.76 -21.48 9.99
N ASN E 152 10.22 -21.49 8.77
CA ASN E 152 10.95 -21.10 7.54
C ASN E 152 11.33 -19.62 7.60
N LEU E 153 10.36 -18.72 7.83
CA LEU E 153 10.58 -17.25 7.73
C LEU E 153 11.13 -16.72 9.05
N ASN E 154 10.35 -16.84 10.14
CA ASN E 154 10.65 -16.22 11.45
C ASN E 154 11.93 -16.86 12.04
N GLY E 155 12.07 -18.19 11.95
CA GLY E 155 13.24 -18.92 12.44
C GLY E 155 14.51 -18.51 11.73
N THR E 156 14.50 -18.50 10.39
CA THR E 156 15.63 -18.11 9.51
C THR E 156 16.05 -16.66 9.84
N TYR E 157 15.08 -15.77 10.05
CA TYR E 157 15.28 -14.35 10.41
C TYR E 157 16.10 -14.25 11.71
N ARG E 158 15.73 -15.03 12.73
CA ARG E 158 16.37 -15.02 14.08
C ARG E 158 17.83 -15.47 13.98
N THR E 159 18.05 -16.62 13.36
CA THR E 159 19.39 -17.27 13.24
C THR E 159 20.30 -16.36 12.38
N GLY E 160 19.76 -15.80 11.29
CA GLY E 160 20.44 -14.79 10.46
C GLY E 160 20.78 -13.54 11.27
N ARG E 161 19.88 -13.10 12.14
CA ARG E 161 20.02 -11.84 12.92
C ARG E 161 21.23 -11.95 13.87
N ILE E 162 21.32 -13.02 14.66
CA ILE E 162 22.39 -13.21 15.68
C ILE E 162 23.75 -13.32 14.98
N ALA E 163 23.78 -13.87 13.76
CA ALA E 163 25.00 -14.03 12.92
C ALA E 163 25.60 -12.65 12.63
N HIS E 164 24.81 -11.72 12.07
CA HIS E 164 25.28 -10.37 11.65
C HIS E 164 25.35 -9.44 12.87
N GLU E 165 24.65 -9.77 13.96
CA GLU E 165 24.81 -9.10 15.28
C GLU E 165 26.22 -9.38 15.80
N ILE E 166 26.65 -10.65 15.80
CA ILE E 166 27.98 -11.09 16.31
C ILE E 166 29.08 -10.41 15.47
N MET E 167 28.92 -10.42 14.14
CA MET E 167 29.89 -9.82 13.18
C MET E 167 30.13 -8.35 13.53
N ARG E 168 29.06 -7.57 13.65
CA ARG E 168 29.10 -6.10 13.87
C ARG E 168 29.61 -5.81 15.29
N GLU E 169 29.19 -6.61 16.27
CA GLU E 169 29.64 -6.51 17.69
C GLU E 169 31.15 -6.78 17.77
N HIS E 170 31.67 -7.67 16.93
CA HIS E 170 33.12 -8.07 16.88
C HIS E 170 33.88 -7.21 15.87
N GLY E 171 33.20 -6.25 15.22
CA GLY E 171 33.81 -5.21 14.37
C GLY E 171 34.51 -5.78 13.15
N HIS E 172 33.89 -6.74 12.46
CA HIS E 172 34.41 -7.33 11.20
C HIS E 172 33.24 -7.73 10.29
N GLY E 173 33.53 -7.98 9.02
CA GLY E 173 32.57 -8.39 8.00
C GLY E 173 32.30 -9.89 8.06
N GLY E 174 31.68 -10.44 7.01
CA GLY E 174 31.31 -11.86 6.91
C GLY E 174 30.33 -12.11 5.78
N SER E 175 29.83 -13.33 5.66
CA SER E 175 28.94 -13.77 4.55
C SER E 175 27.75 -14.55 5.10
N LEU E 176 26.53 -14.06 4.83
CA LEU E 176 25.26 -14.76 5.15
C LEU E 176 24.81 -15.51 3.89
N ILE E 177 24.47 -16.79 4.03
CA ILE E 177 23.91 -17.66 2.96
C ILE E 177 22.59 -18.23 3.46
N PHE E 178 21.48 -17.83 2.83
CA PHE E 178 20.11 -18.30 3.16
C PHE E 178 19.64 -19.30 2.10
N THR E 179 19.21 -20.49 2.53
CA THR E 179 18.61 -21.51 1.63
C THR E 179 17.18 -21.08 1.29
N ALA E 180 16.97 -20.58 0.07
CA ALA E 180 15.63 -20.30 -0.50
C ALA E 180 15.11 -21.60 -1.13
N ALA E 181 14.49 -21.52 -2.31
CA ALA E 181 14.07 -22.69 -3.12
C ALA E 181 13.58 -22.23 -4.49
N LEU E 182 13.44 -23.19 -5.41
CA LEU E 182 12.74 -23.03 -6.70
C LEU E 182 11.30 -22.56 -6.43
N SER E 183 10.68 -23.10 -5.37
CA SER E 183 9.28 -22.81 -4.94
C SER E 183 9.08 -21.31 -4.67
N GLY E 184 10.15 -20.59 -4.29
CA GLY E 184 10.15 -19.14 -4.05
C GLY E 184 10.01 -18.32 -5.33
N HIS E 185 10.42 -18.88 -6.47
CA HIS E 185 10.34 -18.24 -7.81
C HIS E 185 9.09 -18.71 -8.56
N ASN E 186 8.84 -20.02 -8.53
CA ASN E 186 7.79 -20.71 -9.33
C ASN E 186 7.10 -21.77 -8.47
N ALA E 187 5.87 -22.15 -8.82
CA ALA E 187 5.15 -23.31 -8.25
C ALA E 187 5.67 -24.59 -8.94
N ASN E 188 6.22 -25.53 -8.17
CA ASN E 188 6.82 -26.80 -8.67
C ASN E 188 5.79 -27.55 -9.53
N TYR E 189 6.20 -28.01 -10.72
CA TYR E 189 5.31 -28.62 -11.74
C TYR E 189 5.26 -30.14 -11.56
N MET E 190 4.04 -30.69 -11.49
CA MET E 190 3.76 -32.15 -11.50
C MET E 190 2.52 -32.41 -12.37
N MET E 191 2.74 -32.87 -13.60
CA MET E 191 1.71 -33.41 -14.54
C MET E 191 0.43 -32.56 -14.50
N GLY E 192 0.56 -31.23 -14.66
CA GLY E 192 -0.55 -30.30 -14.93
C GLY E 192 -0.86 -29.38 -13.75
N SER E 193 -0.55 -29.80 -12.53
CA SER E 193 -0.91 -29.11 -11.26
C SER E 193 0.35 -28.75 -10.48
N PRO E 194 0.32 -27.69 -9.64
CA PRO E 194 1.44 -27.37 -8.74
C PRO E 194 1.47 -28.34 -7.55
N THR E 195 2.66 -28.64 -7.04
CA THR E 195 2.89 -29.44 -5.80
C THR E 195 2.47 -28.60 -4.61
N PRO E 196 2.16 -29.20 -3.44
CA PRO E 196 1.73 -28.41 -2.27
C PRO E 196 2.89 -27.65 -1.63
N VAL E 197 3.12 -26.41 -2.08
CA VAL E 197 4.18 -25.49 -1.57
C VAL E 197 3.60 -24.07 -1.48
N ASN E 198 2.36 -23.94 -0.98
CA ASN E 198 1.64 -22.64 -0.87
C ASN E 198 2.38 -21.72 0.11
N ALA E 199 2.40 -22.10 1.40
CA ALA E 199 3.11 -21.39 2.49
C ALA E 199 4.63 -21.48 2.28
N TYR E 200 5.12 -22.68 1.93
CA TYR E 200 6.56 -22.97 1.74
C TYR E 200 7.14 -21.99 0.71
N GLY E 201 6.56 -21.95 -0.49
CA GLY E 201 6.94 -21.02 -1.57
C GLY E 201 7.00 -19.58 -1.08
N ALA E 202 5.97 -19.15 -0.35
CA ALA E 202 5.82 -17.78 0.21
C ALA E 202 7.03 -17.47 1.11
N THR E 203 7.40 -18.39 2.02
CA THR E 203 8.50 -18.17 3.02
C THR E 203 9.84 -18.07 2.30
N LYS E 204 10.05 -18.87 1.25
CA LYS E 204 11.34 -18.93 0.52
C LYS E 204 11.51 -17.65 -0.32
N ALA E 205 10.41 -17.11 -0.87
CA ALA E 205 10.37 -15.82 -1.59
C ALA E 205 10.63 -14.68 -0.60
N ALA E 206 10.12 -14.78 0.63
CA ALA E 206 10.30 -13.79 1.72
C ALA E 206 11.77 -13.76 2.15
N ILE E 207 12.39 -14.93 2.32
CA ILE E 207 13.82 -15.09 2.69
C ILE E 207 14.69 -14.38 1.64
N MET E 208 14.36 -14.52 0.36
CA MET E 208 15.13 -13.93 -0.77
C MET E 208 15.15 -12.40 -0.63
N GLU E 209 13.99 -11.75 -0.49
CA GLU E 209 13.90 -10.28 -0.40
C GLU E 209 14.41 -9.81 0.97
N HIS E 210 14.34 -10.67 1.99
CA HIS E 210 14.94 -10.43 3.33
C HIS E 210 16.46 -10.35 3.19
N SER E 211 17.05 -11.35 2.52
CA SER E 211 18.51 -11.42 2.22
C SER E 211 18.93 -10.18 1.44
N ARG E 212 18.13 -9.78 0.44
CA ARG E 212 18.40 -8.62 -0.45
C ARG E 212 18.44 -7.33 0.39
N TYR E 213 17.54 -7.17 1.37
CA TYR E 213 17.55 -5.97 2.25
C TYR E 213 18.84 -5.94 3.07
N LEU E 214 19.23 -7.08 3.66
CA LEU E 214 20.42 -7.18 4.55
C LEU E 214 21.68 -6.83 3.76
N ALA E 215 21.77 -7.29 2.50
CA ALA E 215 22.90 -7.04 1.57
C ALA E 215 23.10 -5.53 1.42
N ALA E 216 22.02 -4.77 1.20
CA ALA E 216 22.04 -3.31 1.04
C ALA E 216 22.40 -2.64 2.38
N ALA E 217 21.79 -3.11 3.47
CA ALA E 217 21.89 -2.52 4.83
C ALA E 217 23.28 -2.78 5.42
N LEU E 218 23.82 -4.00 5.23
CA LEU E 218 25.03 -4.48 5.97
C LEU E 218 26.31 -4.34 5.12
N ALA E 219 26.21 -3.90 3.86
CA ALA E 219 27.39 -3.69 2.97
C ALA E 219 28.41 -2.78 3.66
N LYS E 220 27.94 -1.71 4.32
CA LYS E 220 28.79 -0.73 5.05
C LYS E 220 29.53 -1.43 6.20
N ASP E 221 28.97 -2.51 6.74
CA ASP E 221 29.56 -3.30 7.86
C ASP E 221 30.44 -4.42 7.31
N GLY E 222 30.62 -4.49 5.99
CA GLY E 222 31.48 -5.49 5.32
C GLY E 222 30.85 -6.87 5.30
N ILE E 223 29.52 -6.94 5.40
CA ILE E 223 28.76 -8.23 5.45
C ILE E 223 28.01 -8.40 4.12
N ARG E 224 28.15 -9.58 3.51
CA ARG E 224 27.47 -9.97 2.24
C ARG E 224 26.31 -10.92 2.58
N SER E 225 25.21 -10.82 1.84
CA SER E 225 24.00 -11.68 2.01
C SER E 225 23.52 -12.19 0.65
N ASN E 226 23.49 -13.51 0.49
CA ASN E 226 23.09 -14.18 -0.78
C ASN E 226 22.20 -15.37 -0.44
N THR E 227 21.37 -15.78 -1.40
CA THR E 227 20.47 -16.96 -1.30
C THR E 227 20.89 -18.00 -2.35
N ILE E 228 20.80 -19.27 -1.98
CA ILE E 228 20.87 -20.44 -2.91
C ILE E 228 19.46 -20.98 -3.07
N SER E 229 19.00 -21.16 -4.32
CA SER E 229 17.68 -21.74 -4.66
C SER E 229 17.87 -23.12 -5.28
N PRO E 230 17.97 -24.19 -4.46
CA PRO E 230 18.01 -25.55 -4.98
C PRO E 230 16.72 -25.89 -5.75
N GLY E 231 16.85 -26.69 -6.81
CA GLY E 231 15.72 -27.32 -7.52
C GLY E 231 15.32 -28.61 -6.83
N TYR E 232 15.68 -29.75 -7.42
CA TYR E 232 15.45 -31.11 -6.87
C TYR E 232 16.79 -31.73 -6.50
N VAL E 233 17.12 -31.70 -5.20
CA VAL E 233 18.36 -32.31 -4.63
C VAL E 233 17.96 -33.57 -3.85
N TRP E 234 18.54 -34.71 -4.22
CA TRP E 234 18.39 -36.00 -3.49
C TRP E 234 19.24 -35.95 -2.22
N SER E 235 18.68 -35.40 -1.14
CA SER E 235 19.40 -35.06 0.12
C SER E 235 19.27 -36.18 1.15
N GLY E 236 18.26 -37.06 1.00
CA GLY E 236 17.92 -38.12 1.97
C GLY E 236 16.55 -37.91 2.57
N ILE E 237 15.94 -36.74 2.33
CA ILE E 237 14.53 -36.41 2.69
C ILE E 237 13.59 -37.35 1.92
N PHE E 238 14.01 -37.80 0.74
CA PHE E 238 13.30 -38.80 -0.12
C PHE E 238 13.84 -40.20 0.18
N ASN E 239 12.95 -41.11 0.60
CA ASN E 239 13.23 -42.54 0.87
C ASN E 239 14.68 -42.71 1.39
N MET E 244 11.59 -45.33 -11.13
CA MET E 244 11.16 -44.98 -12.51
C MET E 244 9.94 -44.06 -12.46
N PRO E 245 8.83 -44.42 -11.76
CA PRO E 245 7.64 -43.56 -11.75
C PRO E 245 7.77 -42.41 -10.74
N GLY E 246 7.04 -41.31 -10.98
CA GLY E 246 7.04 -40.11 -10.13
C GLY E 246 8.34 -39.31 -10.28
N HIS E 247 9.47 -39.94 -9.95
CA HIS E 247 10.85 -39.44 -10.15
C HIS E 247 10.99 -38.80 -11.54
N ASP E 248 10.61 -39.54 -12.59
CA ASP E 248 10.71 -39.10 -14.01
C ASP E 248 9.68 -38.00 -14.30
N ALA E 249 8.49 -38.08 -13.70
CA ALA E 249 7.41 -37.07 -13.83
C ALA E 249 7.90 -35.70 -13.34
N MET E 250 8.67 -35.69 -12.24
CA MET E 250 9.24 -34.46 -11.63
C MET E 250 10.43 -33.96 -12.47
N LEU E 251 11.22 -34.89 -13.03
CA LEU E 251 12.43 -34.59 -13.84
C LEU E 251 12.04 -34.33 -15.30
N GLU E 252 10.74 -34.38 -15.63
CA GLU E 252 10.20 -34.06 -16.98
C GLU E 252 10.59 -32.63 -17.36
N VAL E 253 10.61 -31.71 -16.39
CA VAL E 253 10.84 -30.24 -16.60
C VAL E 253 12.23 -29.84 -16.10
N VAL E 254 13.14 -30.81 -15.93
CA VAL E 254 14.58 -30.57 -15.56
C VAL E 254 15.46 -31.02 -16.72
N PRO E 255 15.98 -30.08 -17.53
CA PRO E 255 16.78 -30.42 -18.71
C PRO E 255 17.83 -31.52 -18.48
N MET E 256 18.57 -31.44 -17.38
CA MET E 256 19.67 -32.39 -17.03
C MET E 256 19.10 -33.75 -16.62
N HIS E 257 17.78 -33.85 -16.41
CA HIS E 257 17.02 -35.11 -16.19
C HIS E 257 17.66 -35.94 -15.06
N ARG E 258 18.09 -35.28 -13.99
CA ARG E 258 18.63 -35.93 -12.77
C ARG E 258 18.48 -34.98 -11.58
N PHE E 259 18.34 -35.52 -10.37
CA PHE E 259 18.38 -34.76 -9.10
C PHE E 259 19.81 -34.24 -8.90
N GLY E 260 19.95 -33.08 -8.26
CA GLY E 260 21.23 -32.61 -7.72
C GLY E 260 21.67 -33.48 -6.56
N THR E 261 22.96 -33.48 -6.24
CA THR E 261 23.53 -34.15 -5.04
C THR E 261 23.95 -33.07 -4.04
N ASN E 262 24.05 -33.44 -2.76
CA ASN E 262 24.33 -32.51 -1.62
C ASN E 262 25.65 -31.76 -1.87
N ASP E 263 26.62 -32.41 -2.51
CA ASP E 263 27.98 -31.85 -2.78
C ASP E 263 27.88 -30.73 -3.83
N GLU E 264 26.88 -30.79 -4.72
CA GLU E 264 26.67 -29.77 -5.78
C GLU E 264 26.11 -28.47 -5.15
N ILE E 265 25.39 -28.59 -4.03
CA ILE E 265 24.92 -27.43 -3.22
C ILE E 265 26.08 -26.97 -2.32
N ALA E 266 26.84 -27.92 -1.75
CA ALA E 266 27.96 -27.66 -0.83
C ALA E 266 29.02 -26.78 -1.52
N SER E 267 29.33 -27.05 -2.79
CA SER E 267 30.32 -26.30 -3.60
C SER E 267 29.82 -24.87 -3.86
N THR E 268 28.50 -24.70 -4.02
CA THR E 268 27.83 -23.37 -4.20
C THR E 268 27.92 -22.58 -2.90
N VAL E 269 27.72 -23.24 -1.75
CA VAL E 269 27.82 -22.61 -0.40
C VAL E 269 29.26 -22.11 -0.21
N LEU E 270 30.25 -22.95 -0.47
CA LEU E 270 31.69 -22.62 -0.29
C LEU E 270 32.06 -21.40 -1.16
N PHE E 271 31.53 -21.32 -2.38
CA PHE E 271 31.71 -20.16 -3.29
C PHE E 271 31.22 -18.87 -2.61
N LEU E 272 30.00 -18.91 -2.06
CA LEU E 272 29.32 -17.74 -1.45
C LEU E 272 29.93 -17.39 -0.08
N ALA E 273 30.45 -18.38 0.64
CA ALA E 273 31.04 -18.21 2.00
C ALA E 273 32.47 -17.65 1.88
N SER E 274 33.15 -17.91 0.76
CA SER E 274 34.58 -17.62 0.53
C SER E 274 34.77 -16.27 -0.19
N ASP E 275 36.03 -15.87 -0.37
CA ASP E 275 36.45 -14.61 -1.06
C ASP E 275 36.23 -14.74 -2.57
N ALA E 276 35.98 -15.95 -3.07
CA ALA E 276 35.64 -16.22 -4.49
C ALA E 276 34.44 -15.37 -4.91
N SER E 277 33.57 -14.99 -3.97
CA SER E 277 32.31 -14.25 -4.22
C SER E 277 32.34 -12.87 -3.55
N SER E 278 33.53 -12.28 -3.37
CA SER E 278 33.76 -11.04 -2.57
C SER E 278 32.98 -9.84 -3.13
N TYR E 279 32.60 -9.84 -4.42
CA TYR E 279 31.79 -8.76 -5.04
C TYR E 279 30.37 -9.26 -5.36
N VAL E 280 29.99 -10.39 -4.77
CA VAL E 280 28.63 -11.01 -4.93
C VAL E 280 27.86 -10.80 -3.63
N THR E 281 26.80 -9.99 -3.68
CA THR E 281 25.88 -9.74 -2.54
C THR E 281 24.50 -9.35 -3.09
N GLY E 282 23.44 -9.67 -2.33
CA GLY E 282 22.04 -9.28 -2.61
C GLY E 282 21.50 -9.96 -3.85
N THR E 283 21.95 -11.18 -4.14
CA THR E 283 21.47 -11.97 -5.31
C THR E 283 21.26 -13.44 -4.92
N ASP E 284 20.75 -14.22 -5.88
CA ASP E 284 20.36 -15.64 -5.73
C ASP E 284 21.15 -16.47 -6.74
N ILE E 285 21.52 -17.70 -6.37
CA ILE E 285 22.16 -18.70 -7.29
C ILE E 285 21.25 -19.93 -7.36
N ARG E 286 20.59 -20.11 -8.51
CA ARG E 286 19.70 -21.27 -8.78
C ARG E 286 20.57 -22.49 -9.09
N VAL E 287 20.46 -23.54 -8.27
CA VAL E 287 21.13 -24.85 -8.46
C VAL E 287 20.03 -25.89 -8.70
N ASP E 288 19.40 -25.84 -9.88
CA ASP E 288 18.13 -26.57 -10.19
C ASP E 288 18.26 -27.40 -11.47
N GLY E 289 19.48 -27.54 -12.03
CA GLY E 289 19.74 -28.34 -13.24
C GLY E 289 18.99 -27.81 -14.46
N GLY E 290 18.66 -26.52 -14.49
CA GLY E 290 18.06 -25.84 -15.65
C GLY E 290 16.54 -25.82 -15.61
N TYR E 291 15.92 -26.12 -14.46
CA TYR E 291 14.45 -26.10 -14.26
C TYR E 291 13.93 -24.72 -14.66
N SER E 292 14.49 -23.67 -14.05
CA SER E 292 14.09 -22.24 -14.16
C SER E 292 13.85 -21.86 -15.63
N VAL E 293 14.64 -22.42 -16.55
CA VAL E 293 14.54 -22.18 -18.01
C VAL E 293 13.11 -22.47 -18.47
N PHE E 294 12.59 -23.66 -18.16
CA PHE E 294 11.20 -24.09 -18.47
C PHE E 294 10.23 -23.36 -17.55
N LYS F 11 1.74 23.19 6.76
CA LYS F 11 2.56 24.23 6.06
C LYS F 11 2.11 24.35 4.60
N THR F 12 2.65 25.35 3.87
CA THR F 12 2.42 25.55 2.42
C THR F 12 2.95 24.33 1.65
N VAL F 13 3.98 23.66 2.19
CA VAL F 13 4.56 22.41 1.60
C VAL F 13 3.46 21.34 1.52
N GLU F 14 2.63 21.23 2.57
CA GLU F 14 1.56 20.21 2.68
C GLU F 14 0.40 20.58 1.75
N GLN F 15 0.09 21.89 1.64
CA GLN F 15 -0.94 22.45 0.73
C GLN F 15 -0.54 22.20 -0.74
N ILE F 16 0.76 22.25 -1.04
CA ILE F 16 1.30 21.97 -2.40
C ILE F 16 1.04 20.51 -2.74
N PHE F 17 1.36 19.58 -1.83
CA PHE F 17 1.18 18.12 -2.01
C PHE F 17 -0.31 17.79 -2.22
N ASP F 18 -1.18 18.41 -1.40
CA ASP F 18 -2.64 18.16 -1.38
C ASP F 18 -3.26 18.62 -2.70
N GLU F 19 -2.67 19.64 -3.35
CA GLU F 19 -3.11 20.18 -4.67
C GLU F 19 -2.56 19.28 -5.78
N ARG F 20 -1.28 18.93 -5.71
CA ARG F 20 -0.57 18.07 -6.72
C ARG F 20 -1.21 16.67 -6.77
N TYR F 21 -1.62 16.14 -5.62
CA TYR F 21 -2.07 14.73 -5.44
C TYR F 21 -3.46 14.69 -4.81
N PRO F 22 -4.55 14.81 -5.59
CA PRO F 22 -5.90 14.64 -5.06
C PRO F 22 -6.18 13.18 -4.67
N LEU F 23 -6.79 12.97 -3.50
CA LEU F 23 -6.94 11.65 -2.82
C LEU F 23 -8.19 10.91 -3.33
N ASP F 24 -9.26 11.64 -3.69
CA ASP F 24 -10.60 11.06 -3.92
C ASP F 24 -11.31 11.82 -5.05
N LYS F 25 -10.98 11.47 -6.31
CA LYS F 25 -11.63 12.02 -7.53
C LYS F 25 -13.03 11.44 -7.67
N TRP F 26 -13.29 10.26 -7.08
CA TRP F 26 -14.59 9.55 -7.13
C TRP F 26 -15.69 10.38 -6.48
N LYS F 27 -15.31 11.36 -5.65
CA LYS F 27 -16.25 12.30 -4.97
C LYS F 27 -16.49 13.53 -5.86
N ASP F 28 -16.26 13.42 -7.18
CA ASP F 28 -16.71 14.39 -8.20
C ASP F 28 -17.72 13.70 -9.11
N SER F 29 -18.94 14.25 -9.20
CA SER F 29 -20.07 13.73 -10.02
C SER F 29 -19.64 13.62 -11.49
N ASN F 30 -18.89 14.61 -11.99
CA ASN F 30 -18.47 14.72 -13.40
C ASN F 30 -17.39 13.69 -13.72
N TYR F 31 -16.60 13.27 -12.71
CA TYR F 31 -15.50 12.29 -12.85
C TYR F 31 -16.07 10.87 -12.94
N SER F 32 -15.44 10.03 -13.76
CA SER F 32 -15.70 8.56 -13.84
C SER F 32 -14.38 7.83 -14.14
N ILE F 33 -14.15 6.71 -13.45
CA ILE F 33 -12.95 5.84 -13.61
C ILE F 33 -12.98 5.18 -14.99
N LEU F 34 -14.17 5.02 -15.59
CA LEU F 34 -14.36 4.37 -16.92
C LEU F 34 -13.83 5.30 -18.02
N ASP F 35 -13.86 6.63 -17.82
CA ASP F 35 -13.37 7.64 -18.78
C ASP F 35 -11.88 7.41 -19.08
N LYS F 36 -11.14 6.80 -18.15
CA LYS F 36 -9.68 6.56 -18.25
C LYS F 36 -9.38 5.61 -19.41
N PHE F 37 -10.29 4.69 -19.73
CA PHE F 37 -10.12 3.63 -20.75
C PHE F 37 -10.54 4.15 -22.14
N SER F 38 -11.03 5.38 -22.21
CA SER F 38 -11.34 6.10 -23.48
C SER F 38 -10.04 6.36 -24.25
N MET F 39 -10.13 6.44 -25.58
CA MET F 39 -9.02 6.84 -26.47
C MET F 39 -9.53 7.89 -27.47
N ARG F 40 -10.50 8.69 -27.05
CA ARG F 40 -11.14 9.75 -27.87
C ARG F 40 -10.17 10.92 -28.02
N GLY F 41 -10.07 11.48 -29.22
CA GLY F 41 -9.17 12.60 -29.57
C GLY F 41 -7.71 12.18 -29.57
N ARG F 42 -7.43 10.88 -29.74
CA ARG F 42 -6.06 10.32 -29.76
CA ARG F 42 -6.06 10.31 -29.75
C ARG F 42 -5.81 9.61 -31.09
N LYS F 43 -4.55 9.58 -31.52
CA LYS F 43 -4.10 9.04 -32.82
C LYS F 43 -2.83 8.22 -32.61
N GLY F 44 -2.66 7.14 -33.37
CA GLY F 44 -1.50 6.23 -33.26
C GLY F 44 -1.52 5.18 -34.35
N PHE F 45 -0.56 4.26 -34.33
CA PHE F 45 -0.43 3.19 -35.35
C PHE F 45 -0.15 1.85 -34.67
N VAL F 46 -0.45 0.76 -35.39
CA VAL F 46 -0.26 -0.65 -34.96
C VAL F 46 0.49 -1.38 -36.08
N THR F 47 1.64 -1.99 -35.74
CA THR F 47 2.49 -2.77 -36.70
C THR F 47 2.05 -4.24 -36.61
N GLY F 48 2.29 -5.00 -37.68
CA GLY F 48 1.78 -6.38 -37.83
C GLY F 48 0.26 -6.42 -37.73
N ALA F 49 -0.41 -5.40 -38.27
CA ALA F 49 -1.86 -5.13 -38.09
C ALA F 49 -2.70 -5.95 -39.08
N ALA F 50 -2.08 -6.84 -39.86
CA ALA F 50 -2.76 -7.86 -40.69
C ALA F 50 -3.00 -9.12 -39.85
N GLY F 51 -2.07 -9.43 -38.94
CA GLY F 51 -2.15 -10.58 -38.01
C GLY F 51 -3.23 -10.39 -36.97
N GLY F 52 -3.55 -11.46 -36.23
CA GLY F 52 -4.67 -11.53 -35.26
C GLY F 52 -4.54 -10.50 -34.14
N LEU F 53 -3.39 -10.48 -33.46
CA LEU F 53 -3.12 -9.57 -32.30
C LEU F 53 -3.15 -8.11 -32.78
N GLY F 54 -2.55 -7.84 -33.94
CA GLY F 54 -2.44 -6.49 -34.52
C GLY F 54 -3.80 -5.88 -34.83
N ARG F 55 -4.61 -6.57 -35.64
CA ARG F 55 -5.91 -6.05 -36.14
C ARG F 55 -6.91 -5.95 -34.98
N ASN F 56 -6.92 -6.92 -34.06
CA ASN F 56 -7.84 -6.94 -32.90
C ASN F 56 -7.47 -5.84 -31.91
N ALA F 57 -6.17 -5.60 -31.69
CA ALA F 57 -5.64 -4.48 -30.86
C ALA F 57 -6.09 -3.16 -31.46
N ALA F 58 -5.80 -2.95 -32.75
CA ALA F 58 -6.19 -1.76 -33.54
C ALA F 58 -7.71 -1.53 -33.44
N ALA F 59 -8.49 -2.60 -33.60
CA ALA F 59 -9.98 -2.59 -33.56
C ALA F 59 -10.46 -2.12 -32.18
N ALA F 60 -9.82 -2.58 -31.11
CA ALA F 60 -10.13 -2.22 -29.70
C ALA F 60 -9.82 -0.74 -29.48
N LEU F 61 -8.69 -0.26 -30.01
CA LEU F 61 -8.24 1.16 -29.90
C LEU F 61 -9.21 2.06 -30.69
N ALA F 62 -9.72 1.59 -31.83
CA ALA F 62 -10.69 2.30 -32.68
C ALA F 62 -12.03 2.46 -31.95
N GLN F 63 -12.49 1.41 -31.26
CA GLN F 63 -13.79 1.37 -30.55
C GLN F 63 -13.74 2.29 -29.32
N ALA F 64 -12.57 2.40 -28.68
CA ALA F 64 -12.28 3.37 -27.60
C ALA F 64 -12.29 4.79 -28.16
N GLY F 65 -12.14 4.93 -29.48
CA GLY F 65 -12.35 6.19 -30.24
C GLY F 65 -11.04 6.83 -30.70
N ALA F 66 -10.09 6.02 -31.18
CA ALA F 66 -8.74 6.45 -31.59
C ALA F 66 -8.55 6.26 -33.10
N ASP F 67 -7.87 7.21 -33.75
CA ASP F 67 -7.41 7.08 -35.16
C ASP F 67 -6.23 6.10 -35.17
N VAL F 68 -6.32 5.04 -35.98
CA VAL F 68 -5.32 3.92 -36.01
C VAL F 68 -4.86 3.72 -37.46
N ALA F 69 -3.55 3.90 -37.71
CA ALA F 69 -2.87 3.50 -38.96
C ALA F 69 -2.50 2.02 -38.86
N LEU F 70 -3.04 1.19 -39.76
CA LEU F 70 -2.79 -0.28 -39.81
C LEU F 70 -1.53 -0.52 -40.66
N VAL F 71 -0.43 -0.89 -40.01
CA VAL F 71 0.92 -1.04 -40.64
C VAL F 71 1.26 -2.53 -40.74
N ASP F 72 1.63 -2.97 -41.95
CA ASP F 72 2.12 -4.35 -42.23
C ASP F 72 2.85 -4.34 -43.58
N LEU F 73 3.25 -5.52 -44.06
CA LEU F 73 4.07 -5.69 -45.29
C LEU F 73 3.32 -5.13 -46.51
N PRO F 74 4.05 -4.64 -47.54
CA PRO F 74 3.44 -4.23 -48.81
C PRO F 74 2.45 -5.26 -49.39
N SER F 75 2.72 -6.55 -49.19
CA SER F 75 1.91 -7.70 -49.69
C SER F 75 0.51 -7.70 -49.07
N GLN F 76 0.33 -7.08 -47.90
CA GLN F 76 -0.95 -7.08 -47.13
C GLN F 76 -1.79 -5.84 -47.46
N GLU F 77 -1.38 -5.01 -48.42
CA GLU F 77 -2.00 -3.70 -48.76
C GLU F 77 -3.52 -3.86 -48.89
N ASP F 78 -3.97 -4.86 -49.65
CA ASP F 78 -5.42 -5.12 -49.94
C ASP F 78 -6.14 -5.45 -48.63
N LYS F 79 -5.61 -6.42 -47.87
CA LYS F 79 -6.19 -6.91 -46.59
C LYS F 79 -6.18 -5.76 -45.56
N LEU F 80 -5.19 -4.87 -45.61
CA LEU F 80 -5.06 -3.70 -44.70
C LEU F 80 -6.18 -2.69 -45.01
N THR F 81 -6.31 -2.28 -46.28
CA THR F 81 -7.23 -1.20 -46.74
C THR F 81 -8.69 -1.59 -46.47
N GLU F 82 -9.04 -2.88 -46.59
CA GLU F 82 -10.42 -3.40 -46.35
C GLU F 82 -10.67 -3.50 -44.84
N LEU F 83 -9.65 -3.87 -44.05
CA LEU F 83 -9.71 -3.87 -42.56
C LEU F 83 -9.84 -2.42 -42.07
N ALA F 84 -9.03 -1.51 -42.62
CA ALA F 84 -9.05 -0.06 -42.33
C ALA F 84 -10.45 0.52 -42.59
N LYS F 85 -11.10 0.06 -43.67
CA LYS F 85 -12.45 0.51 -44.10
C LYS F 85 -13.52 -0.06 -43.16
N ASP F 86 -13.44 -1.35 -42.84
CA ASP F 86 -14.41 -2.09 -41.98
C ASP F 86 -14.43 -1.48 -40.57
N MET F 87 -13.25 -1.24 -40.00
CA MET F 87 -13.08 -0.66 -38.63
C MET F 87 -13.57 0.80 -38.62
N SER F 88 -13.40 1.52 -39.73
CA SER F 88 -13.80 2.95 -39.89
C SER F 88 -15.32 3.08 -39.79
N GLU F 89 -16.07 2.27 -40.56
CA GLU F 89 -17.56 2.34 -40.64
C GLU F 89 -18.17 1.78 -39.35
N ARG F 90 -17.51 0.80 -38.70
CA ARG F 90 -18.01 0.12 -37.48
C ARG F 90 -17.97 1.06 -36.28
N PHE F 91 -16.85 1.77 -36.07
CA PHE F 91 -16.57 2.59 -34.87
C PHE F 91 -16.44 4.08 -35.22
N GLY F 92 -16.78 4.45 -36.47
CA GLY F 92 -16.79 5.85 -36.95
C GLY F 92 -15.51 6.59 -36.59
N THR F 93 -14.36 6.06 -37.00
CA THR F 93 -13.01 6.61 -36.70
C THR F 93 -12.15 6.63 -37.96
N ASN F 94 -11.12 7.48 -37.99
CA ASN F 94 -10.14 7.57 -39.10
C ASN F 94 -9.11 6.43 -38.93
N VAL F 95 -9.48 5.23 -39.39
CA VAL F 95 -8.59 4.03 -39.44
C VAL F 95 -8.06 3.89 -40.87
N ILE F 96 -6.80 4.27 -41.10
CA ILE F 96 -6.13 4.25 -42.43
C ILE F 96 -5.23 3.01 -42.52
N ALA F 97 -4.66 2.77 -43.70
CA ALA F 97 -3.71 1.66 -43.99
C ALA F 97 -2.42 2.24 -44.57
N LEU F 98 -1.27 1.87 -43.99
CA LEU F 98 0.08 2.26 -44.45
C LEU F 98 1.00 1.04 -44.43
N THR F 99 1.49 0.61 -45.60
CA THR F 99 2.45 -0.51 -45.76
C THR F 99 3.86 0.01 -45.43
N CYS F 100 4.65 -0.81 -44.73
CA CYS F 100 6.08 -0.53 -44.42
C CYS F 100 6.79 -1.81 -43.97
N ASP F 101 7.70 -2.31 -44.79
CA ASP F 101 8.70 -3.33 -44.39
C ASP F 101 9.64 -2.69 -43.36
N VAL F 102 9.60 -3.17 -42.12
CA VAL F 102 10.28 -2.52 -40.95
C VAL F 102 11.80 -2.78 -41.00
N THR F 103 12.25 -3.73 -41.85
CA THR F 103 13.69 -4.03 -42.08
C THR F 103 14.26 -3.07 -43.12
N ASP F 104 13.40 -2.36 -43.87
CA ASP F 104 13.79 -1.34 -44.88
C ASP F 104 13.68 0.06 -44.26
N THR F 105 14.81 0.72 -44.04
CA THR F 105 14.91 2.06 -43.40
C THR F 105 14.17 3.11 -44.26
N VAL F 106 14.26 2.98 -45.58
CA VAL F 106 13.64 3.90 -46.59
C VAL F 106 12.12 3.93 -46.38
N GLN F 107 11.50 2.76 -46.20
CA GLN F 107 10.04 2.60 -46.00
C GLN F 107 9.65 3.15 -44.62
N VAL F 108 10.48 2.90 -43.61
CA VAL F 108 10.29 3.37 -42.20
C VAL F 108 10.36 4.90 -42.18
N ALA F 109 11.34 5.48 -42.88
CA ALA F 109 11.55 6.95 -43.01
C ALA F 109 10.33 7.59 -43.70
N GLU F 110 9.73 6.89 -44.67
CA GLU F 110 8.56 7.37 -45.45
C GLU F 110 7.27 7.13 -44.64
N LEU F 111 7.22 6.06 -43.84
CA LEU F 111 6.08 5.76 -42.92
C LEU F 111 5.93 6.91 -41.92
N LYS F 112 7.05 7.34 -41.32
CA LYS F 112 7.13 8.50 -40.39
C LYS F 112 6.44 9.71 -41.03
N THR F 113 6.78 10.01 -42.29
CA THR F 113 6.23 11.15 -43.08
C THR F 113 4.71 11.00 -43.21
N GLN F 114 4.23 9.81 -43.57
CA GLN F 114 2.79 9.57 -43.89
C GLN F 114 1.96 9.52 -42.61
N LEU F 115 2.50 8.95 -41.52
CA LEU F 115 1.86 8.94 -40.19
C LEU F 115 1.52 10.38 -39.78
N VAL F 116 2.47 11.30 -39.89
CA VAL F 116 2.32 12.73 -39.50
C VAL F 116 1.30 13.40 -40.44
N GLU F 117 1.43 13.19 -41.75
CA GLU F 117 0.64 13.90 -42.80
C GLU F 117 -0.80 13.36 -42.85
N GLN F 118 -0.98 12.05 -43.04
CA GLN F 118 -2.30 11.42 -43.30
C GLN F 118 -3.12 11.36 -42.00
N LEU F 119 -2.47 11.11 -40.85
CA LEU F 119 -3.14 10.86 -39.55
C LEU F 119 -3.21 12.16 -38.74
N GLY F 120 -2.08 12.87 -38.62
CA GLY F 120 -1.97 14.14 -37.88
C GLY F 120 -0.83 14.12 -36.89
N THR F 121 -0.81 13.10 -36.01
CA THR F 121 0.25 12.89 -34.98
C THR F 121 0.20 11.44 -34.49
N VAL F 122 1.06 11.11 -33.52
CA VAL F 122 1.15 9.77 -32.87
C VAL F 122 1.15 9.97 -31.34
N ASP F 123 0.03 9.63 -30.69
CA ASP F 123 -0.16 9.62 -29.22
C ASP F 123 0.25 8.25 -28.66
N PHE F 124 0.04 7.18 -29.44
CA PHE F 124 0.38 5.78 -29.06
C PHE F 124 0.96 5.03 -30.27
N ALA F 125 1.72 3.98 -30.00
CA ALA F 125 2.29 3.06 -31.00
C ALA F 125 2.30 1.64 -30.43
N PHE F 126 1.64 0.70 -31.10
CA PHE F 126 1.67 -0.75 -30.79
C PHE F 126 2.63 -1.43 -31.77
N LEU F 127 3.87 -1.64 -31.33
CA LEU F 127 5.00 -2.14 -32.16
C LEU F 127 5.00 -3.68 -32.07
N ASN F 128 4.08 -4.30 -32.80
CA ASN F 128 3.66 -5.71 -32.66
C ASN F 128 4.34 -6.59 -33.71
N ALA F 129 4.71 -6.02 -34.87
CA ALA F 129 5.38 -6.74 -35.98
C ALA F 129 6.49 -7.63 -35.41
N GLY F 130 6.45 -8.93 -35.75
CA GLY F 130 7.47 -9.92 -35.37
C GLY F 130 7.29 -11.21 -36.16
N VAL F 131 8.23 -12.15 -36.03
CA VAL F 131 8.26 -13.41 -36.83
C VAL F 131 9.06 -14.47 -36.06
N ASN F 132 8.65 -15.74 -36.18
CA ASN F 132 9.42 -16.92 -35.73
C ASN F 132 9.88 -17.68 -36.98
N VAL F 133 11.19 -17.80 -37.17
CA VAL F 133 11.84 -18.40 -38.38
C VAL F 133 12.06 -19.89 -38.12
N PRO F 134 11.70 -20.79 -39.07
CA PRO F 134 11.99 -22.22 -38.91
C PRO F 134 13.49 -22.54 -38.74
N GLY F 135 13.79 -23.59 -37.96
CA GLY F 135 15.16 -24.03 -37.64
C GLY F 135 15.84 -23.12 -36.62
N ASP F 136 15.05 -22.51 -35.72
CA ASP F 136 15.52 -21.51 -34.71
C ASP F 136 15.87 -22.27 -33.42
N ASP F 137 16.77 -23.26 -33.51
CA ASP F 137 17.17 -24.14 -32.38
C ASP F 137 18.64 -23.82 -32.02
N GLN F 138 19.31 -24.75 -31.34
CA GLN F 138 20.74 -24.59 -30.92
C GLN F 138 21.62 -24.42 -32.16
N ASP F 139 21.23 -25.04 -33.28
CA ASP F 139 21.96 -25.01 -34.57
C ASP F 139 21.31 -23.99 -35.52
N ALA F 140 20.79 -22.89 -35.00
CA ALA F 140 20.24 -21.76 -35.80
C ALA F 140 21.38 -21.18 -36.65
N THR F 141 21.22 -21.22 -37.98
CA THR F 141 22.25 -20.77 -38.97
C THR F 141 22.34 -19.24 -38.92
N GLU F 142 23.38 -18.68 -39.56
CA GLU F 142 23.61 -17.22 -39.67
C GLU F 142 22.38 -16.56 -40.29
N GLU F 143 21.80 -17.19 -41.32
CA GLU F 143 20.59 -16.70 -42.04
C GLU F 143 19.40 -16.67 -41.06
N VAL F 144 19.17 -17.77 -40.33
CA VAL F 144 18.03 -17.93 -39.38
C VAL F 144 18.21 -16.93 -38.22
N TRP F 145 19.43 -16.75 -37.73
CA TRP F 145 19.75 -15.83 -36.60
C TRP F 145 19.51 -14.38 -37.04
N THR F 146 20.22 -13.92 -38.07
CA THR F 146 20.24 -12.50 -38.53
C THR F 146 18.85 -12.10 -39.04
N ARG F 147 18.14 -13.00 -39.71
CA ARG F 147 16.77 -12.76 -40.23
C ARG F 147 15.85 -12.37 -39.06
N THR F 148 15.93 -13.09 -37.94
CA THR F 148 15.13 -12.88 -36.71
C THR F 148 15.54 -11.56 -36.03
N ILE F 149 16.84 -11.32 -35.87
CA ILE F 149 17.42 -10.10 -35.24
C ILE F 149 17.00 -8.88 -36.06
N ASN F 150 17.14 -8.96 -37.38
CA ASN F 150 16.88 -7.82 -38.32
C ASN F 150 15.39 -7.44 -38.26
N ILE F 151 14.50 -8.42 -38.17
CA ILE F 151 13.03 -8.18 -38.15
C ILE F 151 12.61 -7.78 -36.73
N ASN F 152 12.74 -8.70 -35.77
CA ASN F 152 12.18 -8.56 -34.40
C ASN F 152 12.84 -7.38 -33.68
N LEU F 153 14.17 -7.35 -33.58
CA LEU F 153 14.92 -6.37 -32.75
C LEU F 153 15.10 -5.05 -33.50
N ASN F 154 15.77 -5.08 -34.66
CA ASN F 154 16.12 -3.87 -35.44
C ASN F 154 14.85 -3.23 -35.99
N GLY F 155 13.95 -4.03 -36.58
CA GLY F 155 12.66 -3.58 -37.11
C GLY F 155 11.86 -2.82 -36.06
N THR F 156 11.66 -3.45 -34.90
CA THR F 156 10.91 -2.88 -33.75
C THR F 156 11.56 -1.56 -33.33
N TYR F 157 12.86 -1.58 -33.04
CA TYR F 157 13.68 -0.40 -32.65
C TYR F 157 13.35 0.79 -33.56
N ARG F 158 13.48 0.60 -34.87
CA ARG F 158 13.24 1.63 -35.92
C ARG F 158 11.81 2.18 -35.79
N THR F 159 10.83 1.27 -35.76
CA THR F 159 9.38 1.59 -35.68
C THR F 159 9.08 2.28 -34.36
N GLY F 160 9.69 1.80 -33.27
CA GLY F 160 9.61 2.43 -31.93
C GLY F 160 10.22 3.82 -31.94
N ARG F 161 11.33 4.01 -32.67
CA ARG F 161 12.11 5.28 -32.69
C ARG F 161 11.27 6.40 -33.34
N ILE F 162 10.68 6.13 -34.51
CA ILE F 162 9.89 7.14 -35.28
C ILE F 162 8.67 7.55 -34.46
N ALA F 163 8.13 6.64 -33.63
CA ALA F 163 6.95 6.88 -32.77
C ALA F 163 7.27 7.99 -31.74
N HIS F 164 8.33 7.80 -30.94
CA HIS F 164 8.72 8.76 -29.87
C HIS F 164 9.45 9.97 -30.47
N GLU F 165 9.96 9.85 -31.71
CA GLU F 165 10.51 10.99 -32.49
C GLU F 165 9.38 11.98 -32.79
N ILE F 166 8.27 11.50 -33.35
CA ILE F 166 7.06 12.31 -33.71
C ILE F 166 6.55 13.02 -32.45
N MET F 167 6.44 12.29 -31.34
CA MET F 167 5.85 12.77 -30.06
C MET F 167 6.63 14.00 -29.58
N ARG F 168 7.95 13.89 -29.46
CA ARG F 168 8.84 14.99 -28.98
C ARG F 168 8.83 16.14 -29.99
N GLU F 169 8.91 15.83 -31.29
CA GLU F 169 8.89 16.81 -32.40
C GLU F 169 7.56 17.58 -32.39
N HIS F 170 6.46 16.92 -32.00
CA HIS F 170 5.10 17.53 -31.90
C HIS F 170 4.89 18.13 -30.51
N GLY F 171 5.79 17.84 -29.56
CA GLY F 171 5.84 18.48 -28.23
C GLY F 171 4.71 18.03 -27.33
N HIS F 172 4.54 16.71 -27.17
CA HIS F 172 3.53 16.08 -26.28
C HIS F 172 3.96 14.66 -25.90
N GLY F 173 3.26 14.06 -24.95
CA GLY F 173 3.54 12.71 -24.42
C GLY F 173 2.93 11.62 -25.28
N GLY F 174 2.92 10.38 -24.79
CA GLY F 174 2.35 9.22 -25.50
C GLY F 174 2.64 7.90 -24.79
N SER F 175 2.19 6.79 -25.39
CA SER F 175 2.28 5.42 -24.83
C SER F 175 2.82 4.44 -25.88
N LEU F 176 4.02 3.90 -25.64
CA LEU F 176 4.64 2.85 -26.50
C LEU F 176 4.31 1.48 -25.90
N ILE F 177 3.73 0.59 -26.70
CA ILE F 177 3.46 -0.84 -26.33
C ILE F 177 4.23 -1.74 -27.31
N PHE F 178 5.24 -2.42 -26.80
CA PHE F 178 6.07 -3.40 -27.57
C PHE F 178 5.56 -4.82 -27.25
N THR F 179 5.26 -5.60 -28.27
CA THR F 179 4.90 -7.04 -28.12
C THR F 179 6.19 -7.83 -27.90
N ALA F 180 6.39 -8.36 -26.68
CA ALA F 180 7.47 -9.29 -26.31
C ALA F 180 6.94 -10.72 -26.45
N ALA F 181 7.36 -11.63 -25.56
CA ALA F 181 6.85 -13.02 -25.46
C ALA F 181 7.42 -13.66 -24.19
N LEU F 182 6.88 -14.83 -23.81
CA LEU F 182 7.38 -15.66 -22.68
C LEU F 182 8.69 -16.35 -23.11
N SER F 183 8.91 -16.49 -24.43
CA SER F 183 10.19 -16.93 -25.04
C SER F 183 11.32 -15.98 -24.61
N GLY F 184 10.97 -14.70 -24.36
CA GLY F 184 11.86 -13.65 -23.82
C GLY F 184 12.17 -13.84 -22.35
N HIS F 185 11.34 -14.62 -21.63
CA HIS F 185 11.49 -14.94 -20.19
C HIS F 185 12.01 -16.37 -20.01
N ASN F 186 11.43 -17.32 -20.73
CA ASN F 186 11.61 -18.79 -20.56
C ASN F 186 11.74 -19.46 -21.93
N ALA F 187 12.57 -20.50 -22.03
CA ALA F 187 12.56 -21.43 -23.18
C ALA F 187 11.26 -22.23 -23.12
N ASN F 188 10.39 -22.06 -24.13
CA ASN F 188 9.03 -22.68 -24.18
C ASN F 188 9.19 -24.19 -24.04
N TYR F 189 8.53 -24.78 -23.03
CA TYR F 189 8.63 -26.21 -22.65
C TYR F 189 7.73 -27.06 -23.57
N MET F 190 8.27 -28.16 -24.10
CA MET F 190 7.53 -29.17 -24.89
C MET F 190 8.07 -30.57 -24.57
N MET F 191 7.55 -31.18 -23.49
CA MET F 191 7.75 -32.61 -23.11
C MET F 191 9.24 -32.95 -23.08
N GLY F 192 10.00 -32.28 -22.20
CA GLY F 192 11.43 -32.55 -21.94
C GLY F 192 12.35 -31.58 -22.65
N SER F 193 12.04 -31.26 -23.91
CA SER F 193 12.87 -30.42 -24.82
C SER F 193 12.22 -29.05 -25.01
N PRO F 194 13.00 -27.99 -25.34
CA PRO F 194 12.45 -26.68 -25.63
C PRO F 194 12.01 -26.54 -27.10
N THR F 195 11.12 -25.59 -27.38
CA THR F 195 10.67 -25.22 -28.76
C THR F 195 11.79 -24.47 -29.46
N PRO F 196 11.84 -24.47 -30.81
CA PRO F 196 12.80 -23.65 -31.55
C PRO F 196 12.50 -22.14 -31.45
N VAL F 197 12.99 -21.51 -30.38
CA VAL F 197 12.79 -20.04 -30.08
C VAL F 197 14.11 -19.44 -29.56
N ASN F 198 15.25 -19.91 -30.10
CA ASN F 198 16.62 -19.51 -29.67
C ASN F 198 16.82 -18.01 -29.94
N ALA F 199 16.86 -17.61 -31.21
CA ALA F 199 17.00 -16.21 -31.67
C ALA F 199 15.73 -15.43 -31.32
N TYR F 200 14.56 -16.06 -31.48
CA TYR F 200 13.23 -15.44 -31.26
C TYR F 200 13.16 -14.89 -29.83
N GLY F 201 13.43 -15.73 -28.84
CA GLY F 201 13.46 -15.37 -27.41
C GLY F 201 14.43 -14.24 -27.13
N ALA F 202 15.65 -14.33 -27.68
CA ALA F 202 16.73 -13.34 -27.53
C ALA F 202 16.21 -11.94 -27.91
N THR F 203 15.52 -11.83 -29.06
CA THR F 203 15.00 -10.54 -29.59
C THR F 203 13.93 -9.98 -28.65
N LYS F 204 13.02 -10.83 -28.18
CA LYS F 204 11.88 -10.44 -27.31
C LYS F 204 12.41 -9.97 -25.95
N ALA F 205 13.45 -10.63 -25.42
CA ALA F 205 14.18 -10.24 -24.19
C ALA F 205 14.88 -8.91 -24.40
N ALA F 206 15.42 -8.68 -25.61
CA ALA F 206 16.11 -7.44 -26.02
C ALA F 206 15.07 -6.32 -26.13
N ILE F 207 13.94 -6.59 -26.77
CA ILE F 207 12.79 -5.65 -26.93
C ILE F 207 12.35 -5.18 -25.53
N MET F 208 12.28 -6.11 -24.56
CA MET F 208 11.85 -5.83 -23.17
C MET F 208 12.77 -4.78 -22.53
N GLU F 209 14.08 -5.02 -22.52
CA GLU F 209 15.09 -4.15 -21.87
C GLU F 209 15.25 -2.84 -22.68
N HIS F 210 14.92 -2.87 -23.97
CA HIS F 210 14.87 -1.66 -24.85
C HIS F 210 13.73 -0.75 -24.38
N SER F 211 12.53 -1.31 -24.22
CA SER F 211 11.31 -0.61 -23.72
C SER F 211 11.60 0.00 -22.35
N ARG F 212 12.26 -0.76 -21.46
CA ARG F 212 12.64 -0.33 -20.10
C ARG F 212 13.54 0.90 -20.18
N TYR F 213 14.49 0.94 -21.12
CA TYR F 213 15.42 2.09 -21.27
C TYR F 213 14.65 3.33 -21.72
N LEU F 214 13.80 3.19 -22.74
CA LEU F 214 13.01 4.32 -23.33
C LEU F 214 12.12 4.92 -22.24
N ALA F 215 11.52 4.08 -21.39
CA ALA F 215 10.66 4.49 -20.24
C ALA F 215 11.45 5.44 -19.34
N ALA F 216 12.69 5.08 -18.99
CA ALA F 216 13.61 5.89 -18.14
C ALA F 216 14.01 7.18 -18.87
N ALA F 217 14.32 7.08 -20.15
CA ALA F 217 14.91 8.17 -20.98
C ALA F 217 13.83 9.18 -21.40
N LEU F 218 12.61 8.73 -21.67
CA LEU F 218 11.53 9.56 -22.27
C LEU F 218 10.42 9.87 -21.26
N ALA F 219 10.63 9.64 -19.96
CA ALA F 219 9.67 9.98 -18.88
C ALA F 219 9.50 11.49 -18.83
N LYS F 220 10.60 12.24 -18.90
CA LYS F 220 10.66 13.73 -18.92
C LYS F 220 9.85 14.29 -20.10
N ASP F 221 9.60 13.48 -21.14
CA ASP F 221 8.90 13.90 -22.39
C ASP F 221 7.42 13.48 -22.33
N GLY F 222 6.98 12.89 -21.21
CA GLY F 222 5.59 12.45 -20.99
C GLY F 222 5.25 11.20 -21.78
N ILE F 223 6.27 10.41 -22.16
CA ILE F 223 6.12 9.16 -22.96
C ILE F 223 6.31 7.96 -22.02
N ARG F 224 5.33 7.06 -21.97
CA ARG F 224 5.40 5.77 -21.24
C ARG F 224 5.76 4.67 -22.25
N SER F 225 6.51 3.67 -21.81
CA SER F 225 6.97 2.51 -22.63
C SER F 225 6.82 1.23 -21.82
N ASN F 226 5.97 0.32 -22.29
CA ASN F 226 5.68 -0.98 -21.61
C ASN F 226 5.69 -2.10 -22.66
N THR F 227 5.81 -3.34 -22.20
CA THR F 227 5.75 -4.57 -23.04
C THR F 227 4.57 -5.43 -22.62
N ILE F 228 4.01 -6.18 -23.57
CA ILE F 228 3.03 -7.27 -23.36
C ILE F 228 3.72 -8.58 -23.76
N SER F 229 3.77 -9.54 -22.83
CA SER F 229 4.40 -10.88 -23.03
C SER F 229 3.30 -11.94 -23.12
N PRO F 230 2.59 -12.05 -24.26
CA PRO F 230 1.54 -13.05 -24.42
C PRO F 230 2.11 -14.47 -24.34
N GLY F 231 1.34 -15.40 -23.76
CA GLY F 231 1.63 -16.85 -23.80
C GLY F 231 1.13 -17.44 -25.11
N TYR F 232 0.60 -18.65 -25.06
CA TYR F 232 -0.04 -19.33 -26.23
C TYR F 232 -1.37 -18.62 -26.52
N VAL F 233 -1.40 -17.83 -27.60
CA VAL F 233 -2.60 -17.10 -28.09
C VAL F 233 -3.01 -17.66 -29.45
N TRP F 234 -4.28 -18.01 -29.63
CA TRP F 234 -4.86 -18.53 -30.88
C TRP F 234 -5.28 -17.36 -31.77
N SER F 235 -4.31 -16.74 -32.45
CA SER F 235 -4.49 -15.53 -33.29
C SER F 235 -4.76 -15.91 -34.75
N GLY F 236 -4.57 -17.19 -35.10
CA GLY F 236 -4.66 -17.70 -36.48
C GLY F 236 -3.29 -18.03 -37.06
N ILE F 237 -2.21 -17.77 -36.30
CA ILE F 237 -0.79 -17.92 -36.74
C ILE F 237 -0.55 -19.36 -37.23
N PHE F 238 -1.06 -20.36 -36.51
CA PHE F 238 -0.89 -21.81 -36.83
C PHE F 238 -2.24 -22.52 -36.75
N ASN F 239 -3.16 -22.16 -37.67
CA ASN F 239 -4.44 -22.85 -37.90
C ASN F 239 -4.20 -24.02 -38.85
N GLY F 240 -4.73 -25.21 -38.52
CA GLY F 240 -4.53 -26.46 -39.29
C GLY F 240 -3.08 -26.89 -39.31
N ARG F 241 -2.26 -26.42 -38.36
CA ARG F 241 -0.82 -26.74 -38.21
C ARG F 241 -0.55 -27.34 -36.83
N ILE F 242 -1.61 -27.61 -36.05
CA ILE F 242 -1.54 -28.21 -34.69
C ILE F 242 -2.79 -29.09 -34.50
N ASP F 243 -2.59 -30.41 -34.41
CA ASP F 243 -3.65 -31.40 -34.06
C ASP F 243 -3.95 -31.26 -32.56
N MET F 244 -5.15 -31.68 -32.12
CA MET F 244 -5.61 -31.55 -30.71
C MET F 244 -4.66 -32.29 -29.77
N PRO F 245 -4.09 -33.45 -30.15
CA PRO F 245 -2.96 -34.04 -29.43
C PRO F 245 -1.84 -33.03 -29.09
N GLY F 246 -1.46 -32.21 -30.07
CA GLY F 246 -0.47 -31.11 -29.91
C GLY F 246 -1.01 -30.01 -29.02
N HIS F 247 -2.26 -29.58 -29.27
CA HIS F 247 -2.99 -28.54 -28.50
C HIS F 247 -2.97 -28.88 -27.00
N ASP F 248 -3.51 -30.06 -26.63
CA ASP F 248 -3.63 -30.53 -25.23
C ASP F 248 -2.24 -30.74 -24.62
N ALA F 249 -1.24 -31.11 -25.43
CA ALA F 249 0.16 -31.32 -25.02
C ALA F 249 0.82 -29.98 -24.67
N MET F 250 0.56 -28.95 -25.49
CA MET F 250 1.13 -27.58 -25.33
C MET F 250 0.60 -26.91 -24.05
N LEU F 251 -0.65 -27.20 -23.67
CA LEU F 251 -1.36 -26.55 -22.54
C LEU F 251 -1.16 -27.34 -21.24
N GLU F 252 -0.30 -28.37 -21.26
CA GLU F 252 0.22 -29.07 -20.04
C GLU F 252 0.54 -28.04 -18.96
N VAL F 253 1.35 -27.03 -19.31
CA VAL F 253 2.03 -26.09 -18.38
C VAL F 253 1.30 -24.74 -18.38
N VAL F 254 0.03 -24.70 -18.82
CA VAL F 254 -0.87 -23.51 -18.72
C VAL F 254 -2.02 -23.88 -17.79
N PRO F 255 -2.01 -23.41 -16.52
CA PRO F 255 -3.06 -23.72 -15.55
C PRO F 255 -4.49 -23.55 -16.08
N MET F 256 -4.74 -22.51 -16.89
CA MET F 256 -6.09 -22.19 -17.44
C MET F 256 -6.48 -23.21 -18.52
N HIS F 257 -5.52 -23.99 -19.03
CA HIS F 257 -5.72 -25.12 -19.98
C HIS F 257 -6.55 -24.66 -21.18
N ARG F 258 -6.19 -23.49 -21.74
CA ARG F 258 -6.78 -22.96 -23.00
C ARG F 258 -5.82 -21.92 -23.59
N PHE F 259 -5.78 -21.80 -24.92
CA PHE F 259 -5.10 -20.70 -25.64
C PHE F 259 -5.79 -19.38 -25.30
N GLY F 260 -5.03 -18.29 -25.29
CA GLY F 260 -5.58 -16.93 -25.26
C GLY F 260 -6.26 -16.61 -26.58
N THR F 261 -7.09 -15.57 -26.61
CA THR F 261 -7.75 -15.05 -27.83
C THR F 261 -7.29 -13.60 -28.06
N ASN F 262 -7.44 -13.11 -29.29
CA ASN F 262 -6.90 -11.80 -29.74
C ASN F 262 -7.51 -10.68 -28.90
N ASP F 263 -8.77 -10.82 -28.50
CA ASP F 263 -9.54 -9.82 -27.70
C ASP F 263 -8.91 -9.66 -26.30
N GLU F 264 -8.38 -10.75 -25.73
CA GLU F 264 -7.81 -10.78 -24.35
C GLU F 264 -6.44 -10.08 -24.34
N ILE F 265 -5.82 -9.93 -25.52
CA ILE F 265 -4.59 -9.10 -25.73
C ILE F 265 -5.01 -7.67 -26.04
N ALA F 266 -6.09 -7.50 -26.82
CA ALA F 266 -6.63 -6.18 -27.25
C ALA F 266 -6.96 -5.32 -26.03
N SER F 267 -7.59 -5.90 -25.01
CA SER F 267 -7.99 -5.21 -23.75
C SER F 267 -6.73 -4.75 -22.98
N THR F 268 -5.66 -5.55 -23.00
CA THR F 268 -4.36 -5.24 -22.34
C THR F 268 -3.69 -4.07 -23.05
N VAL F 269 -3.69 -4.07 -24.38
CA VAL F 269 -3.13 -2.97 -25.23
C VAL F 269 -3.90 -1.68 -24.91
N LEU F 270 -5.23 -1.76 -24.87
CA LEU F 270 -6.11 -0.61 -24.54
C LEU F 270 -5.69 -0.02 -23.18
N PHE F 271 -5.55 -0.86 -22.16
CA PHE F 271 -5.16 -0.48 -20.78
C PHE F 271 -3.84 0.30 -20.81
N LEU F 272 -2.83 -0.23 -21.50
CA LEU F 272 -1.46 0.37 -21.57
C LEU F 272 -1.49 1.64 -22.42
N ALA F 273 -2.28 1.67 -23.50
CA ALA F 273 -2.42 2.81 -24.42
C ALA F 273 -3.17 3.96 -23.72
N SER F 274 -4.18 3.63 -22.90
CA SER F 274 -5.11 4.60 -22.25
C SER F 274 -4.52 5.14 -20.94
N ASP F 275 -5.22 6.08 -20.31
CA ASP F 275 -4.78 6.76 -19.04
C ASP F 275 -5.00 5.83 -17.84
N ALA F 276 -5.70 4.71 -18.03
CA ALA F 276 -5.92 3.68 -16.98
C ALA F 276 -4.57 3.22 -16.40
N SER F 277 -3.49 3.30 -17.20
CA SER F 277 -2.12 2.87 -16.83
C SER F 277 -1.17 4.07 -16.79
N SER F 278 -1.68 5.26 -16.43
CA SER F 278 -0.97 6.57 -16.50
C SER F 278 0.27 6.59 -15.59
N TYR F 279 0.36 5.72 -14.57
CA TYR F 279 1.55 5.60 -13.69
C TYR F 279 2.24 4.24 -13.90
N VAL F 280 2.04 3.64 -15.07
CA VAL F 280 2.71 2.36 -15.49
C VAL F 280 3.66 2.69 -16.64
N THR F 281 4.97 2.48 -16.43
CA THR F 281 6.02 2.64 -17.46
C THR F 281 7.22 1.76 -17.11
N GLY F 282 7.91 1.23 -18.12
CA GLY F 282 9.15 0.45 -17.97
C GLY F 282 8.93 -0.89 -17.31
N THR F 283 7.71 -1.46 -17.44
CA THR F 283 7.35 -2.80 -16.90
C THR F 283 6.73 -3.65 -18.00
N ASP F 284 6.44 -4.91 -17.68
CA ASP F 284 5.87 -5.93 -18.59
C ASP F 284 4.55 -6.44 -17.99
N ILE F 285 3.55 -6.70 -18.84
CA ILE F 285 2.29 -7.39 -18.45
C ILE F 285 2.22 -8.71 -19.22
N ARG F 286 2.40 -9.83 -18.50
CA ARG F 286 2.29 -11.20 -19.04
C ARG F 286 0.80 -11.55 -19.17
N VAL F 287 0.40 -12.04 -20.34
CA VAL F 287 -1.00 -12.49 -20.64
C VAL F 287 -0.90 -13.94 -21.15
N ASP F 288 -0.71 -14.90 -20.24
CA ASP F 288 -0.25 -16.28 -20.56
C ASP F 288 -1.11 -17.34 -19.85
N GLY F 289 -2.20 -16.96 -19.20
CA GLY F 289 -3.09 -17.87 -18.45
C GLY F 289 -2.37 -18.65 -17.36
N GLY F 290 -1.34 -18.05 -16.76
CA GLY F 290 -0.61 -18.60 -15.60
C GLY F 290 0.60 -19.44 -15.98
N TYR F 291 1.02 -19.42 -17.26
CA TYR F 291 2.18 -20.18 -17.77
C TYR F 291 3.41 -19.89 -16.90
N SER F 292 3.66 -18.60 -16.61
CA SER F 292 4.87 -18.08 -15.94
C SER F 292 5.01 -18.63 -14.52
N VAL F 293 3.93 -19.16 -13.94
CA VAL F 293 3.92 -19.76 -12.58
C VAL F 293 4.77 -21.04 -12.61
N PHE F 294 4.67 -21.82 -13.68
CA PHE F 294 5.49 -23.04 -13.93
C PHE F 294 6.77 -22.64 -14.67
N LYS G 11 -21.88 55.55 61.44
CA LYS G 11 -22.76 54.47 60.87
C LYS G 11 -22.95 54.69 59.37
N THR G 12 -21.98 55.31 58.69
CA THR G 12 -22.04 55.62 57.24
C THR G 12 -21.78 54.33 56.45
N VAL G 13 -20.75 53.56 56.83
CA VAL G 13 -20.30 52.33 56.11
C VAL G 13 -21.41 51.26 56.19
N GLU G 14 -22.10 51.15 57.33
CA GLU G 14 -23.20 50.18 57.52
C GLU G 14 -24.41 50.62 56.68
N GLN G 15 -24.66 51.94 56.59
CA GLN G 15 -25.72 52.52 55.72
C GLN G 15 -25.36 52.30 54.25
N ILE G 16 -24.08 52.44 53.88
CA ILE G 16 -23.56 52.18 52.50
C ILE G 16 -23.82 50.71 52.16
N PHE G 17 -23.55 49.78 53.08
CA PHE G 17 -23.76 48.32 52.91
C PHE G 17 -25.26 48.02 52.79
N ASP G 18 -26.10 48.73 53.56
CA ASP G 18 -27.56 48.49 53.65
C ASP G 18 -28.21 48.79 52.29
N GLU G 19 -27.74 49.82 51.60
CA GLU G 19 -28.30 50.28 50.29
C GLU G 19 -27.61 49.53 49.14
N ARG G 20 -26.34 49.13 49.31
CA ARG G 20 -25.61 48.26 48.34
C ARG G 20 -26.28 46.88 48.27
N TYR G 21 -26.72 46.36 49.42
CA TYR G 21 -27.18 44.96 49.60
C TYR G 21 -28.58 44.93 50.24
N PRO G 22 -29.65 45.14 49.45
CA PRO G 22 -31.02 44.95 49.95
C PRO G 22 -31.24 43.49 50.37
N LEU G 23 -31.89 43.28 51.52
CA LEU G 23 -32.04 41.94 52.17
C LEU G 23 -33.35 41.27 51.73
N ASP G 24 -34.40 42.05 51.47
CA ASP G 24 -35.78 41.54 51.28
C ASP G 24 -36.50 42.38 50.20
N LYS G 25 -36.18 42.14 48.93
CA LYS G 25 -36.77 42.83 47.77
C LYS G 25 -38.23 42.40 47.56
N TRP G 26 -38.59 41.20 48.03
CA TRP G 26 -39.94 40.60 47.92
C TRP G 26 -40.99 41.46 48.66
N LYS G 27 -40.55 42.32 49.58
CA LYS G 27 -41.43 43.22 50.38
C LYS G 27 -41.94 44.38 49.49
N ASP G 28 -41.23 44.69 48.40
CA ASP G 28 -41.73 45.63 47.35
C ASP G 28 -42.79 44.90 46.52
N SER G 29 -44.00 45.45 46.46
CA SER G 29 -45.15 44.88 45.68
C SER G 29 -44.86 44.98 44.18
N ASN G 30 -44.11 45.99 43.76
CA ASN G 30 -43.70 46.21 42.33
C ASN G 30 -42.74 45.11 41.90
N TYR G 31 -41.90 44.61 42.84
CA TYR G 31 -40.84 43.60 42.59
C TYR G 31 -41.45 42.22 42.40
N SER G 32 -40.87 41.41 41.50
CA SER G 32 -41.18 39.97 41.28
C SER G 32 -39.91 39.22 40.89
N ILE G 33 -39.70 38.03 41.50
CA ILE G 33 -38.55 37.13 41.22
C ILE G 33 -38.63 36.64 39.77
N LEU G 34 -39.85 36.52 39.23
CA LEU G 34 -40.14 36.00 37.88
C LEU G 34 -39.67 37.00 36.81
N ASP G 35 -39.54 38.28 37.17
CA ASP G 35 -39.06 39.36 36.26
C ASP G 35 -37.60 39.11 35.87
N LYS G 36 -36.81 38.47 36.75
CA LYS G 36 -35.36 38.24 36.56
C LYS G 36 -35.09 37.35 35.34
N PHE G 37 -36.03 36.47 34.98
CA PHE G 37 -35.89 35.46 33.89
C PHE G 37 -36.24 36.09 32.54
N SER G 38 -36.82 37.29 32.53
CA SER G 38 -37.18 38.07 31.32
C SER G 38 -35.91 38.43 30.54
N MET G 39 -36.04 38.62 29.23
CA MET G 39 -34.94 39.05 28.33
C MET G 39 -35.43 40.21 27.44
N ARG G 40 -36.36 41.03 27.95
CA ARG G 40 -36.90 42.22 27.24
C ARG G 40 -35.82 43.30 27.19
N GLY G 41 -35.48 43.76 25.98
CA GLY G 41 -34.41 44.75 25.74
C GLY G 41 -33.06 44.08 25.51
N ARG G 42 -32.96 42.78 25.78
CA ARG G 42 -31.72 41.99 25.60
C ARG G 42 -31.61 41.58 24.13
N LYS G 43 -30.43 41.74 23.54
CA LYS G 43 -30.12 41.35 22.14
C LYS G 43 -28.82 40.53 22.14
N GLY G 44 -28.81 39.39 21.44
CA GLY G 44 -27.68 38.47 21.40
C GLY G 44 -27.75 37.54 20.21
N PHE G 45 -26.90 36.51 20.18
CA PHE G 45 -26.80 35.53 19.06
C PHE G 45 -26.45 34.15 19.59
N VAL G 46 -26.84 33.13 18.82
CA VAL G 46 -26.62 31.68 19.11
C VAL G 46 -25.90 31.07 17.91
N THR G 47 -24.76 30.41 18.13
CA THR G 47 -23.99 29.66 17.10
C THR G 47 -24.53 28.23 17.06
N GLY G 48 -24.39 27.54 15.93
CA GLY G 48 -24.97 26.21 15.69
C GLY G 48 -26.49 26.24 15.89
N ALA G 49 -27.14 27.31 15.40
CA ALA G 49 -28.57 27.62 15.65
C ALA G 49 -29.49 26.79 14.75
N ALA G 50 -28.93 26.02 13.80
CA ALA G 50 -29.67 25.05 12.95
C ALA G 50 -29.94 23.77 13.75
N GLY G 51 -29.00 23.38 14.63
CA GLY G 51 -29.09 22.18 15.48
C GLY G 51 -30.17 22.29 16.53
N GLY G 52 -30.43 21.17 17.24
CA GLY G 52 -31.49 21.05 18.25
C GLY G 52 -31.32 22.02 19.41
N LEU G 53 -30.16 21.99 20.08
CA LEU G 53 -29.85 22.84 21.26
C LEU G 53 -29.92 24.32 20.84
N GLY G 54 -29.30 24.66 19.71
CA GLY G 54 -29.19 26.05 19.21
C GLY G 54 -30.55 26.71 19.03
N ARG G 55 -31.42 26.12 18.19
CA ARG G 55 -32.73 26.70 17.78
C ARG G 55 -33.68 26.77 18.98
N ASN G 56 -33.65 25.78 19.88
CA ASN G 56 -34.51 25.72 21.09
C ASN G 56 -34.08 26.80 22.08
N ALA G 57 -32.77 26.93 22.33
CA ALA G 57 -32.17 27.99 23.18
C ALA G 57 -32.53 29.36 22.63
N ALA G 58 -32.40 29.55 21.31
CA ALA G 58 -32.76 30.79 20.58
C ALA G 58 -34.25 31.08 20.78
N ALA G 59 -35.10 30.05 20.62
CA ALA G 59 -36.58 30.14 20.76
C ALA G 59 -36.94 30.53 22.20
N ALA G 60 -36.28 29.93 23.19
CA ALA G 60 -36.46 30.21 24.63
C ALA G 60 -36.16 31.69 24.89
N LEU G 61 -35.00 32.17 24.42
CA LEU G 61 -34.54 33.58 24.58
C LEU G 61 -35.49 34.53 23.84
N ALA G 62 -35.99 34.11 22.67
CA ALA G 62 -36.95 34.87 21.84
C ALA G 62 -38.29 35.04 22.58
N GLN G 63 -38.83 33.94 23.09
CA GLN G 63 -40.12 33.93 23.85
C GLN G 63 -39.97 34.72 25.15
N ALA G 64 -38.76 34.74 25.73
CA ALA G 64 -38.41 35.52 26.94
C ALA G 64 -38.27 37.00 26.60
N GLY G 65 -38.31 37.36 25.31
CA GLY G 65 -38.48 38.74 24.81
C GLY G 65 -37.20 39.34 24.25
N ALA G 66 -36.22 38.51 23.86
CA ALA G 66 -34.92 38.95 23.31
C ALA G 66 -34.97 38.98 21.78
N ASP G 67 -34.20 39.88 21.17
CA ASP G 67 -33.82 39.82 19.73
C ASP G 67 -32.66 38.84 19.61
N VAL G 68 -32.71 37.93 18.62
CA VAL G 68 -31.73 36.81 18.47
C VAL G 68 -31.28 36.73 17.01
N ALA G 69 -29.97 36.65 16.78
CA ALA G 69 -29.34 36.26 15.50
C ALA G 69 -29.02 34.77 15.55
N LEU G 70 -29.60 33.99 14.63
CA LEU G 70 -29.31 32.54 14.46
C LEU G 70 -28.07 32.42 13.58
N VAL G 71 -27.01 31.78 14.09
CA VAL G 71 -25.68 31.69 13.41
C VAL G 71 -25.35 30.21 13.18
N ASP G 72 -25.00 29.85 11.95
CA ASP G 72 -24.60 28.47 11.56
C ASP G 72 -23.89 28.51 10.19
N LEU G 73 -23.54 27.34 9.65
CA LEU G 73 -22.82 27.18 8.36
C LEU G 73 -23.64 27.79 7.23
N PRO G 74 -22.98 28.28 6.16
CA PRO G 74 -23.67 28.71 4.95
C PRO G 74 -24.66 27.66 4.40
N SER G 75 -24.34 26.38 4.58
CA SER G 75 -25.13 25.21 4.06
C SER G 75 -26.50 25.11 4.75
N GLN G 76 -26.70 25.78 5.88
CA GLN G 76 -27.94 25.72 6.71
C GLN G 76 -28.75 27.01 6.55
N GLU G 77 -28.48 27.82 5.51
CA GLU G 77 -29.09 29.16 5.32
C GLU G 77 -30.61 29.06 5.20
N ASP G 78 -31.09 28.07 4.42
CA ASP G 78 -32.54 27.80 4.21
C ASP G 78 -33.21 27.54 5.57
N LYS G 79 -32.65 26.63 6.36
CA LYS G 79 -33.16 26.20 7.69
C LYS G 79 -33.12 27.38 8.66
N LEU G 80 -32.08 28.22 8.58
CA LEU G 80 -31.89 29.39 9.48
C LEU G 80 -32.97 30.43 9.22
N THR G 81 -33.10 30.90 7.96
CA THR G 81 -34.10 31.91 7.53
C THR G 81 -35.51 31.41 7.88
N GLU G 82 -35.75 30.10 7.70
CA GLU G 82 -37.02 29.41 8.04
C GLU G 82 -37.28 29.54 9.55
N LEU G 83 -36.30 29.15 10.38
CA LEU G 83 -36.37 29.19 11.86
C LEU G 83 -36.52 30.65 12.34
N ALA G 84 -35.70 31.55 11.79
CA ALA G 84 -35.64 32.99 12.14
C ALA G 84 -36.99 33.66 11.82
N LYS G 85 -37.65 33.23 10.75
CA LYS G 85 -38.99 33.74 10.34
C LYS G 85 -40.06 33.17 11.28
N ASP G 86 -40.01 31.85 11.54
CA ASP G 86 -40.97 31.12 12.39
C ASP G 86 -41.02 31.77 13.78
N MET G 87 -39.86 31.94 14.42
CA MET G 87 -39.72 32.45 15.81
C MET G 87 -40.09 33.93 15.87
N SER G 88 -39.81 34.70 14.82
CA SER G 88 -40.13 36.15 14.71
C SER G 88 -41.66 36.35 14.74
N GLU G 89 -42.43 35.36 14.29
CA GLU G 89 -43.92 35.39 14.27
C GLU G 89 -44.47 34.87 15.61
N ARG G 90 -44.01 33.70 16.05
CA ARG G 90 -44.49 33.02 17.29
C ARG G 90 -44.32 33.93 18.50
N PHE G 91 -43.18 34.63 18.57
CA PHE G 91 -42.82 35.60 19.62
C PHE G 91 -42.47 36.93 18.95
N GLY G 92 -43.07 38.04 19.41
CA GLY G 92 -42.95 39.36 18.78
C GLY G 92 -41.58 39.97 18.99
N THR G 93 -40.55 39.38 18.39
CA THR G 93 -39.12 39.80 18.51
C THR G 93 -38.45 39.76 17.14
N ASN G 94 -37.27 40.38 17.03
CA ASN G 94 -36.45 40.43 15.79
C ASN G 94 -35.45 39.27 15.81
N VAL G 95 -35.89 38.09 15.38
CA VAL G 95 -35.02 36.88 15.19
C VAL G 95 -34.58 36.85 13.73
N ILE G 96 -33.28 37.06 13.48
CA ILE G 96 -32.68 37.15 12.12
C ILE G 96 -31.74 35.95 11.91
N ALA G 97 -31.34 35.71 10.66
CA ALA G 97 -30.46 34.59 10.24
C ALA G 97 -29.19 35.15 9.62
N LEU G 98 -28.03 34.86 10.24
CA LEU G 98 -26.68 35.21 9.75
C LEU G 98 -25.85 33.94 9.64
N THR G 99 -25.37 33.61 8.44
CA THR G 99 -24.46 32.47 8.16
C THR G 99 -23.02 32.89 8.48
N CYS G 100 -22.25 32.00 9.12
CA CYS G 100 -20.81 32.18 9.39
C CYS G 100 -20.16 30.83 9.74
N ASP G 101 -19.05 30.51 9.07
CA ASP G 101 -18.15 29.37 9.44
C ASP G 101 -17.15 29.89 10.48
N VAL G 102 -17.15 29.29 11.67
CA VAL G 102 -16.40 29.78 12.87
C VAL G 102 -14.90 29.52 12.67
N THR G 103 -14.52 28.63 11.74
CA THR G 103 -13.10 28.33 11.39
C THR G 103 -12.54 29.41 10.45
N ASP G 104 -13.42 30.17 9.77
CA ASP G 104 -13.04 31.23 8.80
C ASP G 104 -13.01 32.59 9.54
N THR G 105 -11.81 33.16 9.74
CA THR G 105 -11.58 34.41 10.49
C THR G 105 -12.23 35.60 9.78
N VAL G 106 -12.29 35.58 8.45
CA VAL G 106 -12.89 36.67 7.61
C VAL G 106 -14.40 36.70 7.84
N GLN G 107 -15.06 35.54 7.81
CA GLN G 107 -16.53 35.39 8.03
C GLN G 107 -16.90 35.84 9.45
N VAL G 108 -16.07 35.49 10.44
CA VAL G 108 -16.28 35.84 11.88
C VAL G 108 -16.14 37.37 12.05
N ALA G 109 -15.14 37.98 11.39
CA ALA G 109 -14.93 39.44 11.35
C ALA G 109 -16.16 40.13 10.76
N GLU G 110 -16.75 39.54 9.72
CA GLU G 110 -17.95 40.05 9.02
C GLU G 110 -19.19 39.83 9.89
N LEU G 111 -19.27 38.69 10.59
CA LEU G 111 -20.38 38.38 11.53
C LEU G 111 -20.48 39.49 12.58
N LYS G 112 -19.34 39.87 13.18
CA LYS G 112 -19.26 40.96 14.20
C LYS G 112 -19.90 42.23 13.64
N THR G 113 -19.52 42.61 12.42
CA THR G 113 -20.01 43.84 11.73
C THR G 113 -21.55 43.78 11.61
N GLN G 114 -22.09 42.65 11.18
CA GLN G 114 -23.54 42.47 10.90
C GLN G 114 -24.33 42.43 12.21
N LEU G 115 -23.81 41.75 13.24
CA LEU G 115 -24.44 41.72 14.59
C LEU G 115 -24.70 43.16 15.05
N VAL G 116 -23.67 44.01 15.04
CA VAL G 116 -23.73 45.42 15.52
C VAL G 116 -24.78 46.19 14.70
N GLU G 117 -24.80 46.01 13.38
CA GLU G 117 -25.60 46.84 12.44
C GLU G 117 -27.05 46.34 12.37
N GLN G 118 -27.28 45.02 12.45
CA GLN G 118 -28.62 44.40 12.21
C GLN G 118 -29.38 44.26 13.54
N LEU G 119 -28.70 43.88 14.63
CA LEU G 119 -29.30 43.77 15.99
C LEU G 119 -29.24 45.13 16.71
N GLY G 120 -28.07 45.78 16.66
CA GLY G 120 -27.76 47.01 17.40
C GLY G 120 -26.55 46.81 18.30
N THR G 121 -26.62 45.80 19.18
CA THR G 121 -25.52 45.41 20.11
C THR G 121 -25.64 43.91 20.41
N VAL G 122 -24.81 43.43 21.34
CA VAL G 122 -24.81 42.02 21.84
C VAL G 122 -24.74 42.06 23.37
N ASP G 123 -25.81 41.63 24.04
CA ASP G 123 -25.94 41.55 25.52
C ASP G 123 -25.64 40.12 26.00
N PHE G 124 -25.90 39.11 25.15
CA PHE G 124 -25.61 37.69 25.43
C PHE G 124 -25.07 37.01 24.16
N ALA G 125 -24.38 35.89 24.36
CA ALA G 125 -23.84 35.02 23.29
C ALA G 125 -23.85 33.57 23.77
N PHE G 126 -24.45 32.67 22.99
CA PHE G 126 -24.48 31.20 23.25
C PHE G 126 -23.58 30.53 22.21
N LEU G 127 -22.31 30.32 22.56
CA LEU G 127 -21.27 29.72 21.69
C LEU G 127 -21.48 28.19 21.71
N ASN G 128 -22.36 27.72 20.82
CA ASN G 128 -22.95 26.35 20.87
C ASN G 128 -22.38 25.49 19.75
N ALA G 129 -22.02 26.09 18.61
CA ALA G 129 -21.43 25.40 17.43
C ALA G 129 -20.35 24.41 17.90
N GLY G 130 -20.37 23.20 17.36
CA GLY G 130 -19.41 22.12 17.68
C GLY G 130 -19.69 20.86 16.88
N VAL G 131 -18.69 19.99 16.73
CA VAL G 131 -18.77 18.74 15.93
C VAL G 131 -18.11 17.59 16.71
N ASN G 132 -18.56 16.36 16.44
CA ASN G 132 -17.91 15.10 16.87
C ASN G 132 -17.47 14.36 15.61
N VAL G 133 -16.18 14.45 15.26
CA VAL G 133 -15.60 13.89 14.00
C VAL G 133 -15.44 12.39 14.18
N PRO G 134 -15.87 11.56 13.21
CA PRO G 134 -15.73 10.11 13.33
C PRO G 134 -14.25 9.68 13.33
N GLY G 135 -13.95 8.59 14.05
CA GLY G 135 -12.58 8.07 14.24
C GLY G 135 -11.82 8.86 15.29
N ASP G 136 -12.54 9.50 16.22
CA ASP G 136 -11.97 10.34 17.30
C ASP G 136 -11.69 9.45 18.51
N ASP G 137 -10.74 8.52 18.38
CA ASP G 137 -10.37 7.55 19.43
C ASP G 137 -8.88 7.72 19.78
N GLN G 138 -8.24 6.70 20.36
CA GLN G 138 -6.81 6.73 20.79
C GLN G 138 -5.91 6.89 19.56
N ASP G 139 -6.36 6.44 18.38
CA ASP G 139 -5.62 6.52 17.10
C ASP G 139 -6.17 7.66 16.22
N ALA G 140 -6.75 8.69 16.84
CA ALA G 140 -7.25 9.90 16.16
C ALA G 140 -6.12 10.50 15.32
N THR G 141 -6.31 10.60 13.99
CA THR G 141 -5.30 11.07 13.01
C THR G 141 -5.12 12.59 13.13
N GLU G 142 -4.07 13.12 12.50
CA GLU G 142 -3.79 14.57 12.39
C GLU G 142 -5.04 15.28 11.87
N GLU G 143 -5.68 14.75 10.84
CA GLU G 143 -6.89 15.32 10.19
C GLU G 143 -8.02 15.42 11.23
N VAL G 144 -8.33 14.30 11.89
CA VAL G 144 -9.45 14.18 12.87
C VAL G 144 -9.21 15.13 14.04
N TRP G 145 -7.99 15.13 14.58
CA TRP G 145 -7.61 15.96 15.77
C TRP G 145 -7.73 17.45 15.42
N THR G 146 -7.05 17.89 14.36
CA THR G 146 -6.92 19.33 13.99
C THR G 146 -8.29 19.88 13.58
N ARG G 147 -9.12 19.07 12.91
CA ARG G 147 -10.50 19.47 12.49
C ARG G 147 -11.35 19.73 13.73
N THR G 148 -11.24 18.88 14.75
CA THR G 148 -11.97 18.99 16.05
C THR G 148 -11.52 20.26 16.78
N ILE G 149 -10.20 20.49 16.88
CA ILE G 149 -9.62 21.69 17.58
C ILE G 149 -10.01 22.95 16.80
N ASN G 150 -9.89 22.94 15.47
CA ASN G 150 -10.16 24.11 14.60
C ASN G 150 -11.60 24.59 14.80
N ILE G 151 -12.57 23.67 14.84
CA ILE G 151 -14.01 24.00 15.00
C ILE G 151 -14.31 24.24 16.48
N ASN G 152 -14.21 23.20 17.31
CA ASN G 152 -14.67 23.20 18.72
C ASN G 152 -13.92 24.27 19.53
N LEU G 153 -12.59 24.28 19.50
CA LEU G 153 -11.77 25.17 20.38
C LEU G 153 -11.57 26.55 19.72
N ASN G 154 -10.89 26.58 18.56
CA ASN G 154 -10.51 27.84 17.86
C ASN G 154 -11.77 28.57 17.41
N GLY G 155 -12.73 27.86 16.82
CA GLY G 155 -14.02 28.41 16.36
C GLY G 155 -14.78 29.09 17.49
N THR G 156 -14.90 28.41 18.64
CA THR G 156 -15.63 28.90 19.84
C THR G 156 -14.92 30.13 20.41
N TYR G 157 -13.59 30.12 20.44
CA TYR G 157 -12.74 31.22 20.96
C TYR G 157 -13.05 32.52 20.20
N ARG G 158 -13.02 32.47 18.86
CA ARG G 158 -13.22 33.64 17.96
C ARG G 158 -14.62 34.23 18.19
N THR G 159 -15.62 33.36 18.27
CA THR G 159 -17.06 33.74 18.38
C THR G 159 -17.31 34.35 19.76
N GLY G 160 -16.74 33.77 20.81
CA GLY G 160 -16.74 34.34 22.16
C GLY G 160 -16.05 35.70 22.20
N ARG G 161 -14.94 35.84 21.49
CA ARG G 161 -14.08 37.06 21.51
C ARG G 161 -14.85 38.25 20.94
N ILE G 162 -15.52 38.07 19.80
CA ILE G 162 -16.29 39.16 19.12
C ILE G 162 -17.49 39.55 19.99
N ALA G 163 -18.03 38.61 20.77
CA ALA G 163 -19.15 38.82 21.71
C ALA G 163 -18.73 39.84 22.79
N HIS G 164 -17.63 39.59 23.49
CA HIS G 164 -17.13 40.44 24.61
C HIS G 164 -16.34 41.64 24.06
N GLU G 165 -16.01 41.64 22.77
CA GLU G 165 -15.47 42.84 22.05
C GLU G 165 -16.62 43.86 21.91
N ILE G 166 -17.71 43.44 21.27
CA ILE G 166 -18.93 44.28 21.03
C ILE G 166 -19.40 44.89 22.35
N MET G 167 -19.48 44.07 23.41
CA MET G 167 -19.98 44.46 24.75
C MET G 167 -19.16 45.62 25.31
N ARG G 168 -17.83 45.46 25.38
CA ARG G 168 -16.89 46.46 25.94
C ARG G 168 -16.82 47.69 25.02
N GLU G 169 -16.95 47.48 23.70
CA GLU G 169 -16.89 48.55 22.66
C GLU G 169 -18.12 49.47 22.79
N HIS G 170 -19.26 48.93 23.25
CA HIS G 170 -20.53 49.68 23.47
C HIS G 170 -20.66 50.10 24.94
N GLY G 171 -19.67 49.74 25.78
CA GLY G 171 -19.58 50.18 27.19
C GLY G 171 -20.72 49.64 28.02
N HIS G 172 -20.84 48.31 28.12
CA HIS G 172 -21.87 47.62 28.94
C HIS G 172 -21.49 46.14 29.16
N GLY G 173 -22.14 45.50 30.13
CA GLY G 173 -21.93 44.08 30.49
C GLY G 173 -22.70 43.15 29.59
N GLY G 174 -22.80 41.88 29.99
CA GLY G 174 -23.48 40.82 29.21
C GLY G 174 -23.18 39.44 29.77
N SER G 175 -23.68 38.40 29.10
CA SER G 175 -23.58 36.99 29.56
C SER G 175 -23.10 36.09 28.41
N LEU G 176 -21.87 35.56 28.53
CA LEU G 176 -21.30 34.54 27.63
C LEU G 176 -21.68 33.15 28.14
N ILE G 177 -22.25 32.30 27.27
CA ILE G 177 -22.62 30.89 27.58
C ILE G 177 -21.95 29.98 26.54
N PHE G 178 -20.99 29.17 26.97
CA PHE G 178 -20.22 28.22 26.13
C PHE G 178 -20.76 26.80 26.35
N THR G 179 -21.15 26.11 25.27
CA THR G 179 -21.56 24.68 25.33
C THR G 179 -20.30 23.83 25.45
N ALA G 180 -20.00 23.36 26.66
CA ALA G 180 -18.94 22.37 26.94
C ALA G 180 -19.52 20.98 26.67
N ALA G 181 -19.21 19.98 27.48
CA ALA G 181 -19.79 18.63 27.42
C ALA G 181 -19.40 17.83 28.65
N LEU G 182 -20.13 16.73 28.87
CA LEU G 182 -19.79 15.65 29.84
C LEU G 182 -18.41 15.08 29.50
N SER G 183 -18.11 14.96 28.20
CA SER G 183 -16.82 14.49 27.64
C SER G 183 -15.65 15.34 28.18
N GLY G 184 -15.90 16.63 28.44
CA GLY G 184 -14.92 17.58 29.02
C GLY G 184 -14.50 17.20 30.44
N HIS G 185 -15.37 16.49 31.18
CA HIS G 185 -15.11 16.04 32.56
C HIS G 185 -14.69 14.56 32.58
N ASN G 186 -15.41 13.72 31.81
CA ASN G 186 -15.31 12.24 31.87
C ASN G 186 -15.37 11.66 30.46
N ALA G 187 -14.59 10.61 30.18
CA ALA G 187 -14.71 9.78 28.96
C ALA G 187 -16.02 9.00 29.03
N ASN G 188 -16.92 9.24 28.05
CA ASN G 188 -18.31 8.69 28.02
C ASN G 188 -18.24 7.16 28.06
N TYR G 189 -18.94 6.55 29.01
CA TYR G 189 -18.93 5.08 29.26
C TYR G 189 -19.99 4.39 28.38
N MET G 190 -19.61 3.32 27.69
CA MET G 190 -20.54 2.42 26.96
C MET G 190 -19.95 1.00 26.90
N MET G 191 -20.63 0.04 27.54
CA MET G 191 -20.34 -1.42 27.48
C MET G 191 -18.87 -1.68 27.82
N GLY G 192 -18.38 -1.07 28.91
CA GLY G 192 -17.05 -1.36 29.51
C GLY G 192 -15.90 -0.73 28.76
N SER G 193 -16.15 0.34 27.99
CA SER G 193 -15.13 1.08 27.18
C SER G 193 -15.57 2.52 26.97
N PRO G 194 -14.63 3.46 26.71
CA PRO G 194 -14.98 4.84 26.39
C PRO G 194 -15.40 5.01 24.92
N THR G 195 -16.33 5.94 24.66
CA THR G 195 -16.79 6.30 23.29
C THR G 195 -15.72 7.16 22.62
N PRO G 196 -15.70 7.27 21.27
CA PRO G 196 -14.70 8.09 20.58
C PRO G 196 -14.88 9.59 20.81
N VAL G 197 -14.27 10.11 21.90
CA VAL G 197 -14.33 11.55 22.29
C VAL G 197 -12.94 12.00 22.78
N ASN G 198 -11.88 11.54 22.10
CA ASN G 198 -10.46 11.86 22.44
C ASN G 198 -10.25 13.37 22.28
N ALA G 199 -10.24 13.86 21.03
CA ALA G 199 -10.05 15.28 20.67
C ALA G 199 -11.25 16.10 21.16
N TYR G 200 -12.48 15.58 20.95
CA TYR G 200 -13.76 16.25 21.31
C TYR G 200 -13.74 16.63 22.79
N GLY G 201 -13.39 15.68 23.67
CA GLY G 201 -13.29 15.87 25.12
C GLY G 201 -12.28 16.95 25.49
N ALA G 202 -11.12 16.94 24.82
CA ALA G 202 -10.02 17.91 25.04
C ALA G 202 -10.52 19.35 24.79
N THR G 203 -11.24 19.57 23.69
CA THR G 203 -11.73 20.91 23.26
C THR G 203 -12.76 21.43 24.26
N LYS G 204 -13.59 20.54 24.80
CA LYS G 204 -14.69 20.89 25.76
C LYS G 204 -14.08 21.21 27.14
N ALA G 205 -13.07 20.44 27.55
CA ALA G 205 -12.27 20.72 28.78
C ALA G 205 -11.58 22.08 28.63
N ALA G 206 -11.09 22.40 27.43
CA ALA G 206 -10.38 23.66 27.08
C ALA G 206 -11.36 24.83 27.13
N ILE G 207 -12.56 24.66 26.57
CA ILE G 207 -13.63 25.69 26.51
C ILE G 207 -13.99 26.13 27.95
N MET G 208 -14.07 25.17 28.87
CA MET G 208 -14.47 25.41 30.29
C MET G 208 -13.43 26.31 30.97
N GLU G 209 -12.15 25.99 30.86
CA GLU G 209 -11.06 26.78 31.51
C GLU G 209 -10.88 28.11 30.76
N HIS G 210 -11.25 28.17 29.48
CA HIS G 210 -11.29 29.42 28.68
C HIS G 210 -12.36 30.35 29.24
N SER G 211 -13.60 29.83 29.35
CA SER G 211 -14.77 30.53 29.95
C SER G 211 -14.40 31.03 31.35
N ARG G 212 -13.74 30.20 32.15
CA ARG G 212 -13.30 30.51 33.54
C ARG G 212 -12.33 31.69 33.53
N TYR G 213 -11.40 31.75 32.58
CA TYR G 213 -10.42 32.86 32.49
C TYR G 213 -11.15 34.17 32.16
N LEU G 214 -12.09 34.14 31.22
CA LEU G 214 -12.85 35.33 30.76
C LEU G 214 -13.71 35.86 31.92
N ALA G 215 -14.30 34.95 32.70
CA ALA G 215 -15.10 35.27 33.91
C ALA G 215 -14.28 36.15 34.86
N ALA G 216 -13.03 35.77 35.11
CA ALA G 216 -12.09 36.52 35.98
C ALA G 216 -11.69 37.84 35.32
N ALA G 217 -11.37 37.79 34.02
CA ALA G 217 -10.79 38.92 33.23
C ALA G 217 -11.83 40.01 32.99
N LEU G 218 -13.09 39.65 32.75
CA LEU G 218 -14.15 40.56 32.21
C LEU G 218 -15.20 40.89 33.29
N ALA G 219 -14.97 40.53 34.55
CA ALA G 219 -15.85 40.89 35.69
C ALA G 219 -15.95 42.42 35.80
N LYS G 220 -14.83 43.13 35.62
CA LYS G 220 -14.75 44.62 35.63
C LYS G 220 -15.77 45.21 34.65
N ASP G 221 -15.92 44.60 33.47
CA ASP G 221 -16.68 45.13 32.32
C ASP G 221 -18.16 44.73 32.44
N GLY G 222 -18.54 44.07 33.53
CA GLY G 222 -19.92 43.64 33.82
C GLY G 222 -20.32 42.42 33.00
N ILE G 223 -19.33 41.68 32.49
CA ILE G 223 -19.54 40.49 31.61
C ILE G 223 -19.37 39.22 32.43
N ARG G 224 -20.37 38.32 32.37
CA ARG G 224 -20.36 37.00 33.03
C ARG G 224 -20.08 35.93 31.99
N SER G 225 -19.34 34.88 32.36
CA SER G 225 -18.96 33.76 31.47
C SER G 225 -19.18 32.43 32.20
N ASN G 226 -20.00 31.56 31.63
CA ASN G 226 -20.33 30.23 32.22
C ASN G 226 -20.38 29.19 31.08
N THR G 227 -20.21 27.92 31.45
CA THR G 227 -20.40 26.77 30.55
C THR G 227 -21.64 26.00 30.98
N ILE G 228 -22.32 25.40 30.01
CA ILE G 228 -23.32 24.31 30.20
C ILE G 228 -22.67 23.03 29.69
N SER G 229 -22.72 21.96 30.48
CA SER G 229 -22.21 20.62 30.12
C SER G 229 -23.38 19.66 29.95
N PRO G 230 -23.99 19.58 28.74
CA PRO G 230 -25.06 18.62 28.48
C PRO G 230 -24.52 17.19 28.56
N GLY G 231 -25.31 16.29 29.16
CA GLY G 231 -25.13 14.84 29.02
C GLY G 231 -25.73 14.37 27.71
N TYR G 232 -26.34 13.19 27.67
CA TYR G 232 -27.02 12.64 26.48
C TYR G 232 -28.32 13.41 26.26
N VAL G 233 -28.34 14.28 25.24
CA VAL G 233 -29.53 15.08 24.83
C VAL G 233 -29.98 14.60 23.45
N TRP G 234 -31.20 14.06 23.35
CA TRP G 234 -31.82 13.63 22.06
C TRP G 234 -32.23 14.87 21.28
N SER G 235 -31.26 15.56 20.67
CA SER G 235 -31.43 16.83 19.92
C SER G 235 -31.86 16.52 18.47
N GLY G 236 -31.59 15.30 18.00
CA GLY G 236 -31.88 14.84 16.62
C GLY G 236 -30.59 14.56 15.85
N ILE G 237 -29.72 13.71 16.40
CA ILE G 237 -28.39 13.35 15.82
C ILE G 237 -28.15 11.85 16.01
N PRO G 245 -31.74 -0.49 21.62
CA PRO G 245 -30.59 -1.34 21.26
C PRO G 245 -29.32 -0.87 21.98
N GLY G 246 -28.60 0.12 21.43
CA GLY G 246 -27.46 0.78 22.07
C GLY G 246 -27.90 2.01 22.85
N HIS G 247 -29.21 2.32 22.81
CA HIS G 247 -29.86 3.45 23.53
C HIS G 247 -29.78 3.20 25.05
N ASP G 248 -30.16 1.99 25.50
CA ASP G 248 -30.18 1.60 26.93
C ASP G 248 -28.76 1.33 27.43
N ALA G 249 -27.83 0.99 26.52
CA ALA G 249 -26.38 0.78 26.80
C ALA G 249 -25.76 2.08 27.29
N MET G 250 -26.11 3.21 26.66
CA MET G 250 -25.65 4.58 27.01
C MET G 250 -26.27 5.03 28.34
N LEU G 251 -27.58 4.78 28.51
CA LEU G 251 -28.38 5.22 29.69
C LEU G 251 -28.17 4.27 30.88
N GLU G 252 -27.31 3.25 30.71
CA GLU G 252 -26.89 2.31 31.78
C GLU G 252 -26.43 3.11 33.00
N VAL G 253 -25.62 4.15 32.78
CA VAL G 253 -24.93 4.96 33.83
C VAL G 253 -25.58 6.34 33.96
N VAL G 254 -26.87 6.46 33.62
CA VAL G 254 -27.67 7.72 33.76
C VAL G 254 -28.85 7.43 34.69
N PRO G 255 -28.81 7.88 35.97
CA PRO G 255 -29.84 7.56 36.95
C PRO G 255 -31.29 7.78 36.48
N MET G 256 -31.54 8.84 35.71
CA MET G 256 -32.89 9.18 35.16
C MET G 256 -33.28 8.19 34.06
N HIS G 257 -32.31 7.44 33.53
CA HIS G 257 -32.50 6.34 32.53
C HIS G 257 -33.31 6.88 31.34
N ARG G 258 -32.98 8.09 30.87
CA ARG G 258 -33.59 8.73 29.68
C ARG G 258 -32.67 9.85 29.19
N PHE G 259 -32.73 10.15 27.89
CA PHE G 259 -32.05 11.30 27.25
C PHE G 259 -32.70 12.60 27.73
N GLY G 260 -31.94 13.69 27.72
CA GLY G 260 -32.47 15.06 27.86
C GLY G 260 -33.14 15.50 26.57
N THR G 261 -34.03 16.49 26.66
CA THR G 261 -34.69 17.15 25.50
C THR G 261 -34.10 18.55 25.35
N ASN G 262 -34.18 19.12 24.14
CA ASN G 262 -33.57 20.42 23.77
C ASN G 262 -34.06 21.52 24.72
N ASP G 263 -35.33 21.46 25.13
CA ASP G 263 -35.99 22.48 25.99
C ASP G 263 -35.37 22.47 27.39
N GLU G 264 -34.93 21.31 27.89
CA GLU G 264 -34.32 21.13 29.23
C GLU G 264 -32.96 21.83 29.27
N ILE G 265 -32.28 21.93 28.12
CA ILE G 265 -31.03 22.72 27.93
C ILE G 265 -31.40 24.19 27.73
N ALA G 266 -32.45 24.46 26.95
CA ALA G 266 -32.93 25.83 26.61
C ALA G 266 -33.22 26.62 27.89
N SER G 267 -33.90 26.00 28.87
CA SER G 267 -34.28 26.61 30.17
C SER G 267 -33.02 26.93 30.99
N THR G 268 -31.95 26.14 30.83
CA THR G 268 -30.64 26.35 31.50
C THR G 268 -29.90 27.52 30.83
N VAL G 269 -30.03 27.67 29.52
CA VAL G 269 -29.43 28.81 28.75
C VAL G 269 -30.11 30.10 29.21
N LEU G 270 -31.45 30.12 29.28
CA LEU G 270 -32.25 31.30 29.68
C LEU G 270 -31.80 31.76 31.06
N PHE G 271 -31.64 30.81 32.00
CA PHE G 271 -31.17 31.06 33.39
C PHE G 271 -29.84 31.83 33.36
N LEU G 272 -28.87 31.31 32.60
CA LEU G 272 -27.48 31.85 32.56
C LEU G 272 -27.44 33.16 31.77
N ALA G 273 -28.32 33.34 30.78
CA ALA G 273 -28.42 34.57 29.96
C ALA G 273 -29.09 35.69 30.76
N SER G 274 -30.10 35.35 31.57
CA SER G 274 -30.96 36.31 32.32
C SER G 274 -30.29 36.74 33.63
N ASP G 275 -30.91 37.70 34.33
CA ASP G 275 -30.45 38.25 35.63
C ASP G 275 -30.67 37.22 36.75
N ALA G 276 -31.43 36.15 36.48
CA ALA G 276 -31.65 35.01 37.40
C ALA G 276 -30.30 34.47 37.91
N SER G 277 -29.24 34.60 37.11
CA SER G 277 -27.87 34.09 37.40
C SER G 277 -26.87 35.25 37.51
N SER G 278 -27.30 36.40 38.06
CA SER G 278 -26.53 37.68 38.08
C SER G 278 -25.28 37.58 38.95
N TYR G 279 -25.17 36.60 39.85
CA TYR G 279 -23.95 36.37 40.69
C TYR G 279 -23.29 35.03 40.32
N VAL G 280 -23.67 34.45 39.18
CA VAL G 280 -23.12 33.17 38.65
C VAL G 280 -22.16 33.49 37.49
N THR G 281 -20.86 33.26 37.69
CA THR G 281 -19.81 33.45 36.66
C THR G 281 -18.61 32.54 36.96
N GLY G 282 -17.93 32.07 35.93
CA GLY G 282 -16.71 31.24 36.02
C GLY G 282 -16.99 29.85 36.55
N THR G 283 -18.18 29.31 36.25
CA THR G 283 -18.61 27.95 36.69
C THR G 283 -19.34 27.23 35.56
N ASP G 284 -19.69 25.96 35.81
CA ASP G 284 -20.35 25.04 34.84
C ASP G 284 -21.67 24.55 35.45
N ILE G 285 -22.71 24.43 34.62
CA ILE G 285 -23.98 23.74 35.00
C ILE G 285 -24.09 22.45 34.18
N ARG G 286 -23.99 21.30 34.84
CA ARG G 286 -24.13 19.95 34.22
C ARG G 286 -25.61 19.62 34.09
N VAL G 287 -26.10 19.46 32.86
CA VAL G 287 -27.50 19.07 32.54
C VAL G 287 -27.45 17.67 31.90
N ASP G 288 -27.24 16.63 32.73
CA ASP G 288 -26.86 15.27 32.27
C ASP G 288 -27.71 14.18 32.94
N GLY G 289 -28.78 14.55 33.65
CA GLY G 289 -29.68 13.60 34.34
C GLY G 289 -28.96 12.73 35.36
N GLY G 290 -27.89 13.24 35.97
CA GLY G 290 -27.18 12.59 37.10
C GLY G 290 -26.06 11.66 36.68
N TYR G 291 -25.61 11.72 35.42
CA TYR G 291 -24.47 10.90 34.90
C TYR G 291 -23.25 11.12 35.79
N SER G 292 -22.90 12.40 36.04
CA SER G 292 -21.68 12.86 36.76
C SER G 292 -21.53 12.18 38.13
N VAL G 293 -22.62 11.66 38.69
CA VAL G 293 -22.64 11.01 40.03
C VAL G 293 -21.78 9.74 39.99
N PHE G 294 -21.83 8.99 38.89
CA PHE G 294 -21.07 7.73 38.68
C PHE G 294 -19.67 8.07 38.13
N THR H 12 12.14 74.63 -29.73
CA THR H 12 12.02 73.86 -28.45
C THR H 12 10.61 73.29 -28.30
N VAL H 13 9.58 73.94 -28.86
CA VAL H 13 8.17 73.44 -28.86
C VAL H 13 8.14 72.04 -29.49
N GLU H 14 8.89 71.85 -30.59
CA GLU H 14 9.00 70.58 -31.34
C GLU H 14 9.79 69.56 -30.49
N GLN H 15 10.83 70.02 -29.80
CA GLN H 15 11.74 69.18 -28.98
C GLN H 15 10.96 68.61 -27.78
N ILE H 16 9.98 69.38 -27.26
CA ILE H 16 9.06 68.94 -26.16
C ILE H 16 8.25 67.74 -26.66
N PHE H 17 7.65 67.85 -27.85
CA PHE H 17 6.82 66.78 -28.48
C PHE H 17 7.70 65.56 -28.80
N ASP H 18 8.96 65.79 -29.21
CA ASP H 18 9.90 64.74 -29.67
C ASP H 18 10.15 63.72 -28.55
N GLU H 19 10.29 64.18 -27.30
CA GLU H 19 10.66 63.33 -26.13
C GLU H 19 9.41 62.87 -25.38
N ARG H 20 8.27 63.56 -25.55
CA ARG H 20 6.94 63.08 -25.08
C ARG H 20 6.53 61.83 -25.87
N TYR H 21 6.69 61.87 -27.20
CA TYR H 21 6.16 60.86 -28.16
C TYR H 21 7.30 60.22 -28.96
N PRO H 22 7.96 59.16 -28.44
CA PRO H 22 8.89 58.36 -29.25
C PRO H 22 8.19 57.74 -30.48
N LEU H 23 8.88 57.75 -31.62
CA LEU H 23 8.33 57.34 -32.95
C LEU H 23 8.70 55.89 -33.28
N ASP H 24 9.84 55.40 -32.77
CA ASP H 24 10.42 54.08 -33.14
C ASP H 24 11.11 53.46 -31.92
N LYS H 25 10.30 52.89 -31.01
CA LYS H 25 10.77 52.22 -29.77
C LYS H 25 11.51 50.92 -30.11
N TRP H 26 11.18 50.31 -31.25
CA TRP H 26 11.77 49.04 -31.74
C TRP H 26 13.27 49.20 -32.02
N LYS H 27 13.74 50.44 -32.20
CA LYS H 27 15.19 50.75 -32.42
C LYS H 27 15.97 50.56 -31.11
N ASP H 28 15.29 50.45 -29.97
CA ASP H 28 15.88 50.04 -28.67
C ASP H 28 15.88 48.51 -28.62
N SER H 29 17.07 47.88 -28.53
CA SER H 29 17.27 46.42 -28.51
C SER H 29 16.76 45.82 -27.19
N ASN H 30 16.60 46.64 -26.15
CA ASN H 30 16.02 46.24 -24.82
C ASN H 30 14.50 46.19 -24.92
N TYR H 31 13.90 46.89 -25.89
CA TYR H 31 12.43 47.00 -26.09
C TYR H 31 11.92 45.75 -26.83
N SER H 32 10.73 45.27 -26.44
CA SER H 32 9.96 44.22 -27.14
C SER H 32 8.47 44.56 -27.09
N ILE H 33 7.77 44.45 -28.22
CA ILE H 33 6.31 44.69 -28.37
C ILE H 33 5.54 43.65 -27.54
N LEU H 34 6.10 42.44 -27.40
CA LEU H 34 5.45 41.28 -26.73
C LEU H 34 5.39 41.50 -25.21
N ASP H 35 6.27 42.33 -24.66
CA ASP H 35 6.30 42.67 -23.20
C ASP H 35 5.02 43.43 -22.81
N LYS H 36 4.40 44.14 -23.76
CA LYS H 36 3.15 44.91 -23.55
C LYS H 36 2.01 44.00 -23.09
N PHE H 37 2.07 42.71 -23.45
CA PHE H 37 1.02 41.70 -23.18
C PHE H 37 1.28 40.97 -21.85
N SER H 38 2.43 41.24 -21.21
CA SER H 38 2.77 40.70 -19.87
C SER H 38 1.88 41.37 -18.82
N MET H 39 1.51 40.60 -17.78
CA MET H 39 0.73 41.10 -16.61
C MET H 39 1.55 40.81 -15.34
N ARG H 40 2.88 40.75 -15.46
CA ARG H 40 3.82 40.51 -14.33
C ARG H 40 3.72 41.67 -13.33
N GLY H 41 3.54 41.34 -12.04
CA GLY H 41 3.43 42.32 -10.94
C GLY H 41 2.02 42.84 -10.76
N ARG H 42 1.18 42.79 -11.81
CA ARG H 42 -0.20 43.33 -11.81
C ARG H 42 -1.10 42.43 -10.96
N LYS H 43 -2.11 43.03 -10.32
CA LYS H 43 -3.09 42.33 -9.44
C LYS H 43 -4.49 42.84 -9.76
N GLY H 44 -5.47 41.94 -9.77
CA GLY H 44 -6.87 42.27 -10.11
C GLY H 44 -7.80 41.12 -9.79
N PHE H 45 -9.08 41.24 -10.16
CA PHE H 45 -10.14 40.24 -9.88
C PHE H 45 -11.06 40.08 -11.09
N VAL H 46 -11.66 38.89 -11.19
CA VAL H 46 -12.64 38.50 -12.25
C VAL H 46 -13.93 38.07 -11.54
N THR H 47 -15.04 38.78 -11.79
CA THR H 47 -16.40 38.38 -11.32
C THR H 47 -16.96 37.34 -12.30
N GLY H 48 -17.86 36.47 -11.82
CA GLY H 48 -18.40 35.33 -12.59
C GLY H 48 -17.30 34.32 -12.91
N ALA H 49 -16.34 34.13 -12.00
CA ALA H 49 -15.08 33.37 -12.21
C ALA H 49 -15.33 31.86 -12.16
N ALA H 50 -16.55 31.40 -11.86
CA ALA H 50 -16.97 29.98 -11.91
C ALA H 50 -17.29 29.58 -13.35
N GLY H 51 -17.80 30.52 -14.15
CA GLY H 51 -18.21 30.30 -15.56
C GLY H 51 -17.00 30.23 -16.49
N GLY H 52 -17.22 29.77 -17.73
CA GLY H 52 -16.18 29.52 -18.74
C GLY H 52 -15.37 30.76 -19.06
N LEU H 53 -16.05 31.85 -19.42
CA LEU H 53 -15.42 33.15 -19.77
C LEU H 53 -14.56 33.64 -18.60
N GLY H 54 -15.12 33.64 -17.39
CA GLY H 54 -14.48 34.15 -16.16
C GLY H 54 -13.21 33.40 -15.82
N ARG H 55 -13.26 32.08 -15.72
CA ARG H 55 -12.12 31.25 -15.24
C ARG H 55 -11.00 31.26 -16.29
N ASN H 56 -11.33 31.22 -17.58
CA ASN H 56 -10.35 31.22 -18.69
C ASN H 56 -9.71 32.62 -18.79
N ALA H 57 -10.47 33.69 -18.54
CA ALA H 57 -9.97 35.08 -18.45
C ALA H 57 -8.96 35.16 -17.29
N ALA H 58 -9.35 34.68 -16.11
CA ALA H 58 -8.50 34.64 -14.88
C ALA H 58 -7.24 33.82 -15.17
N ALA H 59 -7.40 32.65 -15.80
CA ALA H 59 -6.30 31.71 -16.15
C ALA H 59 -5.31 32.38 -17.11
N ALA H 60 -5.82 33.11 -18.10
CA ALA H 60 -5.01 33.86 -19.09
C ALA H 60 -4.19 34.94 -18.37
N LEU H 61 -4.85 35.72 -17.50
CA LEU H 61 -4.23 36.82 -16.73
C LEU H 61 -3.20 36.24 -15.74
N ALA H 62 -3.48 35.08 -15.15
CA ALA H 62 -2.59 34.35 -14.23
C ALA H 62 -1.35 33.88 -14.97
N GLN H 63 -1.52 33.33 -16.18
CA GLN H 63 -0.43 32.81 -17.06
C GLN H 63 0.43 33.98 -17.56
N ALA H 64 -0.16 35.17 -17.73
CA ALA H 64 0.55 36.41 -18.14
C ALA H 64 1.36 36.98 -16.96
N GLY H 65 1.14 36.45 -15.74
CA GLY H 65 2.00 36.67 -14.56
C GLY H 65 1.34 37.52 -13.48
N ALA H 66 0.01 37.64 -13.49
CA ALA H 66 -0.76 38.49 -12.54
C ALA H 66 -1.27 37.64 -11.37
N ASP H 67 -1.49 38.29 -10.21
CA ASP H 67 -2.28 37.75 -9.07
C ASP H 67 -3.76 38.02 -9.36
N VAL H 68 -4.61 37.01 -9.22
CA VAL H 68 -6.04 37.06 -9.64
C VAL H 68 -6.93 36.56 -8.49
N ALA H 69 -7.95 37.34 -8.13
CA ALA H 69 -9.04 36.93 -7.22
C ALA H 69 -10.21 36.42 -8.05
N LEU H 70 -10.59 35.15 -7.87
CA LEU H 70 -11.77 34.52 -8.52
C LEU H 70 -13.01 34.85 -7.69
N VAL H 71 -13.96 35.58 -8.27
CA VAL H 71 -15.16 36.13 -7.58
C VAL H 71 -16.42 35.56 -8.23
N ASP H 72 -17.30 34.94 -7.43
CA ASP H 72 -18.61 34.40 -7.86
C ASP H 72 -19.50 34.22 -6.62
N LEU H 73 -20.68 33.61 -6.79
CA LEU H 73 -21.68 33.40 -5.71
C LEU H 73 -21.11 32.50 -4.62
N PRO H 74 -21.50 32.72 -3.33
CA PRO H 74 -21.15 31.81 -2.24
C PRO H 74 -21.29 30.32 -2.56
N SER H 75 -22.32 29.94 -3.34
CA SER H 75 -22.64 28.55 -3.73
C SER H 75 -21.48 27.92 -4.52
N GLN H 76 -20.60 28.73 -5.12
CA GLN H 76 -19.46 28.29 -5.97
C GLN H 76 -18.15 28.25 -5.17
N GLU H 77 -18.21 28.45 -3.84
CA GLU H 77 -17.03 28.61 -2.96
C GLU H 77 -16.03 27.47 -3.20
N ASP H 78 -16.51 26.22 -3.22
CA ASP H 78 -15.66 25.00 -3.35
C ASP H 78 -15.02 24.96 -4.74
N LYS H 79 -15.80 25.24 -5.80
CA LYS H 79 -15.31 25.26 -7.20
C LYS H 79 -14.26 26.38 -7.33
N LEU H 80 -14.58 27.59 -6.86
CA LEU H 80 -13.67 28.76 -6.87
C LEU H 80 -12.37 28.41 -6.13
N THR H 81 -12.47 27.75 -4.98
CA THR H 81 -11.32 27.38 -4.10
C THR H 81 -10.38 26.44 -4.86
N GLU H 82 -10.91 25.48 -5.61
CA GLU H 82 -10.11 24.45 -6.34
C GLU H 82 -9.49 25.07 -7.59
N LEU H 83 -10.23 25.93 -8.30
CA LEU H 83 -9.74 26.67 -9.49
C LEU H 83 -8.55 27.56 -9.09
N ALA H 84 -8.68 28.29 -7.97
CA ALA H 84 -7.64 29.19 -7.42
C ALA H 84 -6.39 28.38 -7.04
N LYS H 85 -6.58 27.17 -6.50
CA LYS H 85 -5.48 26.25 -6.12
C LYS H 85 -4.82 25.70 -7.39
N ASP H 86 -5.62 25.35 -8.40
CA ASP H 86 -5.16 24.80 -9.71
C ASP H 86 -4.28 25.84 -10.42
N MET H 87 -4.79 27.07 -10.57
CA MET H 87 -4.11 28.18 -11.29
C MET H 87 -2.86 28.62 -10.54
N SER H 88 -2.92 28.67 -9.20
CA SER H 88 -1.77 28.98 -8.31
C SER H 88 -0.62 28.00 -8.58
N GLU H 89 -0.94 26.70 -8.66
CA GLU H 89 0.02 25.59 -8.91
C GLU H 89 0.61 25.73 -10.32
N ARG H 90 -0.23 25.97 -11.33
CA ARG H 90 0.14 25.94 -12.77
C ARG H 90 1.06 27.11 -13.13
N PHE H 91 0.66 28.34 -12.80
CA PHE H 91 1.27 29.60 -13.29
C PHE H 91 2.15 30.24 -12.21
N GLY H 92 2.10 29.74 -10.97
CA GLY H 92 2.98 30.15 -9.86
C GLY H 92 2.74 31.58 -9.40
N THR H 93 1.52 32.10 -9.58
CA THR H 93 1.08 33.44 -9.10
C THR H 93 0.06 33.25 -7.97
N ASN H 94 -0.27 34.33 -7.26
CA ASN H 94 -1.24 34.31 -6.13
C ASN H 94 -2.65 34.38 -6.72
N VAL H 95 -3.30 33.23 -6.89
CA VAL H 95 -4.73 33.12 -7.30
C VAL H 95 -5.54 32.68 -6.09
N ILE H 96 -6.56 33.47 -5.73
CA ILE H 96 -7.41 33.30 -4.51
C ILE H 96 -8.87 33.26 -4.94
N ALA H 97 -9.74 32.70 -4.08
CA ALA H 97 -11.20 32.66 -4.24
C ALA H 97 -11.85 33.60 -3.22
N LEU H 98 -12.64 34.57 -3.70
CA LEU H 98 -13.43 35.50 -2.85
C LEU H 98 -14.87 35.50 -3.37
N THR H 99 -15.78 34.79 -2.68
CA THR H 99 -17.23 34.73 -3.01
C THR H 99 -17.86 36.10 -2.71
N CYS H 100 -18.82 36.51 -3.52
CA CYS H 100 -19.56 37.78 -3.36
C CYS H 100 -20.80 37.81 -4.27
N ASP H 101 -21.98 37.91 -3.68
CA ASP H 101 -23.26 38.19 -4.38
C ASP H 101 -23.30 39.69 -4.71
N VAL H 102 -23.23 40.04 -5.99
CA VAL H 102 -23.05 41.44 -6.47
C VAL H 102 -24.33 42.25 -6.23
N THR H 103 -25.46 41.57 -5.96
CA THR H 103 -26.77 42.18 -5.63
C THR H 103 -26.83 42.56 -4.15
N ASP H 104 -25.81 42.18 -3.37
CA ASP H 104 -25.74 42.41 -1.90
C ASP H 104 -24.63 43.44 -1.63
N THR H 105 -25.01 44.69 -1.31
CA THR H 105 -24.09 45.83 -1.06
C THR H 105 -23.12 45.50 0.09
N VAL H 106 -23.55 44.66 1.03
CA VAL H 106 -22.76 44.30 2.25
C VAL H 106 -21.61 43.37 1.83
N GLN H 107 -21.91 42.34 1.03
CA GLN H 107 -20.90 41.36 0.53
C GLN H 107 -19.89 42.07 -0.39
N VAL H 108 -20.36 43.04 -1.20
CA VAL H 108 -19.49 43.84 -2.13
C VAL H 108 -18.57 44.74 -1.30
N ALA H 109 -19.07 45.33 -0.21
CA ALA H 109 -18.28 46.14 0.76
C ALA H 109 -17.21 45.25 1.40
N GLU H 110 -17.57 44.02 1.75
CA GLU H 110 -16.65 43.01 2.34
C GLU H 110 -15.60 42.61 1.28
N LEU H 111 -16.04 42.41 0.03
CA LEU H 111 -15.17 42.06 -1.12
C LEU H 111 -14.05 43.11 -1.23
N LYS H 112 -14.41 44.40 -1.25
CA LYS H 112 -13.45 45.53 -1.39
C LYS H 112 -12.38 45.46 -0.29
N THR H 113 -12.76 45.06 0.92
CA THR H 113 -11.85 44.95 2.09
C THR H 113 -10.87 43.80 1.86
N GLN H 114 -11.39 42.64 1.44
CA GLN H 114 -10.60 41.39 1.27
C GLN H 114 -9.71 41.49 0.03
N LEU H 115 -10.18 42.15 -1.04
CA LEU H 115 -9.36 42.45 -2.25
C LEU H 115 -8.08 43.17 -1.82
N VAL H 116 -8.21 44.22 -1.01
CA VAL H 116 -7.07 45.04 -0.49
C VAL H 116 -6.19 44.14 0.42
N GLU H 117 -6.80 43.47 1.40
CA GLU H 117 -6.09 42.75 2.49
C GLU H 117 -5.39 41.49 1.94
N GLN H 118 -6.00 40.79 0.98
CA GLN H 118 -5.51 39.45 0.52
C GLN H 118 -4.64 39.58 -0.75
N LEU H 119 -4.99 40.45 -1.70
CA LEU H 119 -4.23 40.65 -2.97
C LEU H 119 -3.19 41.76 -2.78
N GLY H 120 -3.55 42.87 -2.15
CA GLY H 120 -2.67 44.03 -1.93
C GLY H 120 -3.23 45.29 -2.57
N THR H 121 -3.56 45.21 -3.86
CA THR H 121 -4.25 46.28 -4.63
C THR H 121 -4.97 45.68 -5.84
N VAL H 122 -5.68 46.52 -6.60
CA VAL H 122 -6.42 46.14 -7.84
C VAL H 122 -5.95 47.07 -8.97
N ASP H 123 -5.22 46.52 -9.93
CA ASP H 123 -4.71 47.19 -11.16
C ASP H 123 -5.66 46.93 -12.34
N PHE H 124 -6.48 45.88 -12.26
CA PHE H 124 -7.44 45.49 -13.32
C PHE H 124 -8.66 44.78 -12.71
N ALA H 125 -9.79 44.87 -13.40
CA ALA H 125 -11.05 44.20 -13.02
C ALA H 125 -11.78 43.73 -14.28
N PHE H 126 -12.20 42.47 -14.31
CA PHE H 126 -13.08 41.90 -15.37
C PHE H 126 -14.47 41.67 -14.77
N LEU H 127 -15.36 42.66 -14.93
CA LEU H 127 -16.77 42.60 -14.44
C LEU H 127 -17.57 41.77 -15.44
N ASN H 128 -17.65 40.46 -15.17
CA ASN H 128 -18.10 39.43 -16.15
C ASN H 128 -19.37 38.72 -15.64
N ALA H 129 -19.75 38.92 -14.37
CA ALA H 129 -20.96 38.31 -13.77
C ALA H 129 -22.20 38.78 -14.55
N GLY H 130 -23.10 37.86 -14.89
CA GLY H 130 -24.34 38.14 -15.63
C GLY H 130 -25.28 36.95 -15.67
N VAL H 131 -26.57 37.19 -15.96
CA VAL H 131 -27.62 36.14 -16.07
C VAL H 131 -28.53 36.46 -17.25
N ASN H 132 -29.04 35.42 -17.91
CA ASN H 132 -30.22 35.47 -18.81
C ASN H 132 -31.38 34.84 -18.05
N VAL H 133 -32.36 35.66 -17.63
CA VAL H 133 -33.54 35.21 -16.84
C VAL H 133 -34.56 34.64 -17.81
N PRO H 134 -35.16 33.45 -17.53
CA PRO H 134 -36.23 32.91 -18.36
C PRO H 134 -37.47 33.83 -18.42
N GLY H 135 -38.13 33.89 -19.58
CA GLY H 135 -39.32 34.72 -19.83
C GLY H 135 -38.95 36.18 -20.11
N ASP H 136 -37.73 36.44 -20.59
CA ASP H 136 -37.20 37.80 -20.86
C ASP H 136 -37.64 38.23 -22.27
N ASP H 137 -38.95 38.20 -22.53
CA ASP H 137 -39.54 38.52 -23.86
C ASP H 137 -40.34 39.84 -23.74
N GLN H 138 -41.22 40.12 -24.69
CA GLN H 138 -42.03 41.38 -24.73
C GLN H 138 -42.95 41.45 -23.51
N ASP H 139 -43.27 40.31 -22.90
CA ASP H 139 -44.08 40.19 -21.65
C ASP H 139 -43.17 39.79 -20.48
N ALA H 140 -41.99 40.39 -20.39
CA ALA H 140 -41.08 40.27 -19.23
C ALA H 140 -41.77 40.88 -18.02
N THR H 141 -42.01 40.07 -16.97
CA THR H 141 -42.72 40.49 -15.73
C THR H 141 -41.81 41.42 -14.91
N GLU H 142 -42.38 42.06 -13.89
CA GLU H 142 -41.66 42.92 -12.91
C GLU H 142 -40.51 42.12 -12.28
N GLU H 143 -40.75 40.83 -11.99
CA GLU H 143 -39.75 39.92 -11.37
C GLU H 143 -38.59 39.72 -12.35
N VAL H 144 -38.90 39.29 -13.58
CA VAL H 144 -37.91 38.99 -14.65
C VAL H 144 -37.10 40.25 -14.98
N TRP H 145 -37.77 41.39 -15.13
CA TRP H 145 -37.12 42.69 -15.47
C TRP H 145 -36.18 43.13 -14.34
N THR H 146 -36.70 43.34 -13.13
CA THR H 146 -35.95 43.91 -11.98
C THR H 146 -34.78 43.00 -11.61
N ARG H 147 -34.98 41.67 -11.70
CA ARG H 147 -33.95 40.66 -11.36
C ARG H 147 -32.75 40.79 -12.33
N THR H 148 -33.02 41.02 -13.61
CA THR H 148 -32.00 41.22 -14.67
C THR H 148 -31.21 42.50 -14.37
N ILE H 149 -31.91 43.62 -14.10
CA ILE H 149 -31.33 44.96 -13.80
C ILE H 149 -30.52 44.88 -12.50
N ASN H 150 -31.06 44.25 -11.46
CA ASN H 150 -30.41 44.13 -10.13
C ASN H 150 -29.06 43.42 -10.26
N ILE H 151 -29.00 42.38 -11.10
CA ILE H 151 -27.78 41.52 -11.25
C ILE H 151 -26.84 42.16 -12.30
N ASN H 152 -27.30 42.27 -13.55
CA ASN H 152 -26.45 42.65 -14.71
C ASN H 152 -25.96 44.10 -14.58
N LEU H 153 -26.88 45.04 -14.35
CA LEU H 153 -26.57 46.50 -14.40
C LEU H 153 -26.05 46.98 -13.03
N ASN H 154 -26.88 46.86 -11.98
CA ASN H 154 -26.57 47.38 -10.62
C ASN H 154 -25.41 46.58 -10.02
N GLY H 155 -25.41 45.25 -10.19
CA GLY H 155 -24.35 44.35 -9.70
C GLY H 155 -23.00 44.68 -10.33
N THR H 156 -22.99 44.94 -11.64
CA THR H 156 -21.79 45.30 -12.44
C THR H 156 -21.28 46.68 -12.01
N TYR H 157 -22.19 47.63 -11.79
CA TYR H 157 -21.91 49.02 -11.34
C TYR H 157 -21.12 49.00 -10.02
N ARG H 158 -21.58 48.21 -9.05
CA ARG H 158 -20.99 48.11 -7.68
C ARG H 158 -19.57 47.54 -7.75
N THR H 159 -19.41 46.39 -8.42
CA THR H 159 -18.13 45.65 -8.53
C THR H 159 -17.11 46.51 -9.30
N GLY H 160 -17.55 47.18 -10.36
CA GLY H 160 -16.73 48.13 -11.13
C GLY H 160 -16.34 49.33 -10.28
N ARG H 161 -17.26 49.81 -9.44
CA ARG H 161 -17.06 51.01 -8.59
C ARG H 161 -15.94 50.73 -7.56
N ILE H 162 -16.01 49.62 -6.83
CA ILE H 162 -15.01 49.26 -5.78
C ILE H 162 -13.65 49.03 -6.44
N ALA H 163 -13.62 48.63 -7.71
CA ALA H 163 -12.39 48.39 -8.50
C ALA H 163 -11.62 49.71 -8.68
N HIS H 164 -12.29 50.76 -9.18
CA HIS H 164 -11.66 52.08 -9.49
C HIS H 164 -11.60 52.95 -8.22
N GLU H 165 -12.36 52.59 -7.19
CA GLU H 165 -12.20 53.19 -5.82
C GLU H 165 -10.83 52.80 -5.27
N ILE H 166 -10.52 51.49 -5.27
CA ILE H 166 -9.23 50.95 -4.75
C ILE H 166 -8.06 51.59 -5.49
N MET H 167 -8.17 51.69 -6.82
CA MET H 167 -7.12 52.26 -7.73
C MET H 167 -6.78 53.69 -7.27
N ARG H 168 -7.80 54.55 -7.15
CA ARG H 168 -7.63 56.00 -6.88
C ARG H 168 -7.21 56.22 -5.43
N GLU H 169 -7.73 55.40 -4.51
CA GLU H 169 -7.35 55.41 -3.07
C GLU H 169 -5.86 55.07 -2.93
N HIS H 170 -5.34 54.18 -3.80
CA HIS H 170 -3.92 53.74 -3.82
C HIS H 170 -3.10 54.65 -4.76
N GLY H 171 -3.76 55.52 -5.52
CA GLY H 171 -3.12 56.56 -6.34
C GLY H 171 -2.33 55.97 -7.50
N HIS H 172 -2.93 55.06 -8.27
CA HIS H 172 -2.35 54.47 -9.51
C HIS H 172 -3.47 54.19 -10.51
N GLY H 173 -3.09 53.89 -11.75
CA GLY H 173 -4.02 53.64 -12.87
C GLY H 173 -4.54 52.21 -12.83
N GLY H 174 -5.14 51.76 -13.94
CA GLY H 174 -5.68 50.40 -14.09
C GLY H 174 -6.58 50.27 -15.30
N SER H 175 -7.11 49.07 -15.51
CA SER H 175 -7.94 48.71 -16.69
C SER H 175 -9.23 48.05 -16.21
N LEU H 176 -10.39 48.66 -16.50
CA LEU H 176 -11.73 48.08 -16.28
C LEU H 176 -12.18 47.39 -17.56
N ILE H 177 -12.55 46.12 -17.48
CA ILE H 177 -13.14 45.32 -18.60
C ILE H 177 -14.54 44.87 -18.17
N PHE H 178 -15.57 45.35 -18.86
CA PHE H 178 -17.00 44.98 -18.62
C PHE H 178 -17.45 44.04 -19.73
N THR H 179 -17.96 42.86 -19.38
CA THR H 179 -18.59 41.92 -20.33
C THR H 179 -19.98 42.46 -20.70
N ALA H 180 -20.13 42.95 -21.94
CA ALA H 180 -21.42 43.35 -22.55
C ALA H 180 -21.99 42.14 -23.30
N ALA H 181 -22.60 42.37 -24.46
CA ALA H 181 -23.06 41.32 -25.41
C ALA H 181 -23.49 41.99 -26.71
N LEU H 182 -23.82 41.17 -27.73
CA LEU H 182 -24.40 41.64 -29.01
C LEU H 182 -25.88 41.97 -28.80
N SER H 183 -26.51 41.37 -27.79
CA SER H 183 -27.87 41.71 -27.30
C SER H 183 -27.95 43.19 -26.96
N GLY H 184 -26.84 43.79 -26.52
CA GLY H 184 -26.69 45.23 -26.25
C GLY H 184 -26.78 46.08 -27.52
N HIS H 185 -26.34 45.54 -28.66
CA HIS H 185 -26.36 46.23 -29.98
C HIS H 185 -27.62 45.85 -30.76
N ASN H 186 -27.93 44.55 -30.82
CA ASN H 186 -29.00 43.95 -31.66
C ASN H 186 -29.81 42.94 -30.85
N ALA H 187 -31.12 42.85 -31.12
CA ALA H 187 -31.98 41.74 -30.68
C ALA H 187 -31.52 40.47 -31.43
N ASN H 188 -30.96 39.50 -30.71
CA ASN H 188 -30.38 38.25 -31.28
C ASN H 188 -31.44 37.59 -32.17
N TYR H 189 -31.05 37.23 -33.40
CA TYR H 189 -31.94 36.69 -34.46
C TYR H 189 -32.00 35.16 -34.37
N MET H 190 -33.22 34.61 -34.45
CA MET H 190 -33.48 33.13 -34.44
C MET H 190 -34.71 32.84 -35.33
N MET H 191 -34.48 32.72 -36.64
CA MET H 191 -35.47 32.27 -37.67
C MET H 191 -36.76 33.09 -37.57
N GLY H 192 -36.67 34.41 -37.79
CA GLY H 192 -37.83 35.32 -37.96
C GLY H 192 -38.12 36.14 -36.70
N SER H 193 -38.08 35.49 -35.53
CA SER H 193 -38.41 36.09 -34.22
C SER H 193 -37.14 36.38 -33.43
N PRO H 194 -37.14 37.38 -32.52
CA PRO H 194 -36.00 37.65 -31.65
C PRO H 194 -35.93 36.62 -30.50
N THR H 195 -34.73 36.33 -30.01
CA THR H 195 -34.50 35.51 -28.80
C THR H 195 -34.94 36.34 -27.59
N PRO H 196 -35.39 35.71 -26.48
CA PRO H 196 -35.84 36.46 -25.31
C PRO H 196 -34.67 37.11 -24.55
N VAL H 197 -34.29 38.33 -24.94
CA VAL H 197 -33.18 39.12 -24.34
C VAL H 197 -33.61 40.58 -24.18
N ASN H 198 -34.89 40.81 -23.81
CA ASN H 198 -35.50 42.15 -23.67
C ASN H 198 -34.73 42.96 -22.61
N ALA H 199 -34.85 42.57 -21.33
CA ALA H 199 -34.16 43.20 -20.19
C ALA H 199 -32.65 42.99 -20.33
N TYR H 200 -32.21 41.79 -20.70
CA TYR H 200 -30.79 41.38 -20.82
C TYR H 200 -30.05 42.38 -21.73
N GLY H 201 -30.53 42.54 -22.97
CA GLY H 201 -29.98 43.48 -23.96
C GLY H 201 -29.92 44.91 -23.44
N ALA H 202 -30.95 45.35 -22.70
CA ALA H 202 -31.04 46.71 -22.12
C ALA H 202 -29.91 46.92 -21.11
N THR H 203 -29.66 45.94 -20.23
CA THR H 203 -28.60 46.01 -19.19
C THR H 203 -27.21 46.07 -19.85
N LYS H 204 -26.98 45.25 -20.88
CA LYS H 204 -25.67 45.14 -21.58
C LYS H 204 -25.37 46.44 -22.34
N ALA H 205 -26.40 47.07 -22.92
CA ALA H 205 -26.30 48.39 -23.59
C ALA H 205 -26.01 49.47 -22.55
N ALA H 206 -26.64 49.37 -21.36
CA ALA H 206 -26.44 50.28 -20.21
C ALA H 206 -25.00 50.14 -19.70
N ILE H 207 -24.52 48.91 -19.53
CA ILE H 207 -23.13 48.60 -19.11
C ILE H 207 -22.16 49.29 -20.08
N MET H 208 -22.43 49.23 -21.38
CA MET H 208 -21.57 49.80 -22.44
C MET H 208 -21.44 51.32 -22.27
N GLU H 209 -22.55 52.04 -22.16
CA GLU H 209 -22.56 53.52 -22.01
C GLU H 209 -22.05 53.90 -20.61
N HIS H 210 -22.20 53.00 -19.63
CA HIS H 210 -21.62 53.14 -18.27
C HIS H 210 -20.09 53.12 -18.38
N SER H 211 -19.55 52.11 -19.06
CA SER H 211 -18.09 51.94 -19.31
C SER H 211 -17.55 53.18 -20.03
N ARG H 212 -18.27 53.67 -21.03
CA ARG H 212 -17.87 54.83 -21.88
C ARG H 212 -17.79 56.10 -20.99
N TYR H 213 -18.70 56.27 -20.04
CA TYR H 213 -18.68 57.43 -19.10
C TYR H 213 -17.42 57.36 -18.23
N LEU H 214 -17.19 56.21 -17.57
CA LEU H 214 -16.03 56.00 -16.66
C LEU H 214 -14.72 56.27 -17.40
N ALA H 215 -14.65 55.87 -18.68
CA ALA H 215 -13.47 56.06 -19.56
C ALA H 215 -13.13 57.56 -19.64
N ALA H 216 -14.14 58.42 -19.84
CA ALA H 216 -13.99 59.89 -19.94
C ALA H 216 -13.63 60.47 -18.56
N ALA H 217 -14.30 59.99 -17.51
CA ALA H 217 -14.25 60.54 -16.14
C ALA H 217 -12.96 60.12 -15.41
N LEU H 218 -12.45 58.92 -15.67
CA LEU H 218 -11.32 58.31 -14.92
C LEU H 218 -10.02 58.34 -15.74
N ALA H 219 -10.01 58.98 -16.92
CA ALA H 219 -8.81 59.11 -17.78
C ALA H 219 -7.72 59.87 -17.00
N LYS H 220 -8.09 60.98 -16.35
CA LYS H 220 -7.19 61.84 -15.53
C LYS H 220 -6.55 61.05 -14.38
N ASP H 221 -7.18 59.93 -13.95
CA ASP H 221 -6.67 59.04 -12.87
C ASP H 221 -5.86 57.89 -13.49
N GLY H 222 -5.71 57.87 -14.82
CA GLY H 222 -4.94 56.86 -15.56
C GLY H 222 -5.61 55.50 -15.54
N ILE H 223 -6.95 55.49 -15.56
CA ILE H 223 -7.78 54.25 -15.52
C ILE H 223 -8.53 54.13 -16.85
N ARG H 224 -8.32 53.02 -17.57
CA ARG H 224 -9.00 52.70 -18.85
C ARG H 224 -10.24 51.85 -18.55
N SER H 225 -11.28 52.01 -19.37
CA SER H 225 -12.58 51.29 -19.26
C SER H 225 -13.09 50.94 -20.66
N ASN H 226 -13.21 49.64 -20.92
CA ASN H 226 -13.63 49.09 -22.24
C ASN H 226 -14.59 47.92 -22.00
N THR H 227 -15.37 47.57 -23.02
CA THR H 227 -16.31 46.41 -23.00
C THR H 227 -15.86 45.40 -24.05
N ILE H 228 -16.07 44.11 -23.75
CA ILE H 228 -16.07 43.00 -24.74
C ILE H 228 -17.53 42.60 -24.97
N SER H 229 -17.95 42.54 -26.24
CA SER H 229 -19.30 42.11 -26.66
C SER H 229 -19.20 40.74 -27.33
N PRO H 230 -19.18 39.63 -26.57
CA PRO H 230 -19.13 38.30 -27.15
C PRO H 230 -20.42 37.98 -27.92
N GLY H 231 -20.28 37.29 -29.06
CA GLY H 231 -21.41 36.77 -29.86
C GLY H 231 -21.96 35.50 -29.22
N TYR H 232 -21.74 34.36 -29.88
CA TYR H 232 -22.04 33.00 -29.34
C TYR H 232 -20.72 32.31 -28.99
N VAL H 233 -20.45 32.17 -27.69
CA VAL H 233 -19.27 31.45 -27.14
C VAL H 233 -19.76 30.21 -26.40
N TRP H 234 -19.13 29.06 -26.66
CA TRP H 234 -19.42 27.76 -25.99
C TRP H 234 -18.63 27.69 -24.68
N SER H 235 -19.18 28.28 -23.62
CA SER H 235 -18.52 28.48 -22.30
C SER H 235 -18.78 27.29 -21.37
N GLY H 236 -19.91 26.59 -21.54
CA GLY H 236 -20.35 25.50 -20.67
C GLY H 236 -21.84 25.55 -20.36
N ILE H 237 -22.45 26.73 -20.49
CA ILE H 237 -23.90 26.99 -20.17
C ILE H 237 -24.81 26.28 -21.18
N PHE H 238 -24.36 26.14 -22.44
CA PHE H 238 -25.19 25.60 -23.56
C PHE H 238 -25.02 24.08 -23.73
N ASN H 239 -24.32 23.42 -22.80
CA ASN H 239 -23.94 21.99 -22.91
C ASN H 239 -25.17 21.12 -23.23
N GLY H 240 -26.09 20.98 -22.27
CA GLY H 240 -27.29 20.12 -22.39
C GLY H 240 -28.55 20.92 -22.67
N ARG H 241 -28.41 22.16 -23.14
CA ARG H 241 -29.53 23.10 -23.41
C ARG H 241 -29.80 23.22 -24.92
N ILE H 242 -28.90 22.68 -25.75
CA ILE H 242 -28.92 22.85 -27.25
C ILE H 242 -28.75 21.48 -27.92
N ASP H 243 -29.41 21.30 -29.07
CA ASP H 243 -29.24 20.14 -30.00
C ASP H 243 -28.64 20.65 -31.31
N MET H 244 -28.21 19.75 -32.20
CA MET H 244 -27.48 20.09 -33.45
C MET H 244 -28.39 20.88 -34.40
N PRO H 245 -29.70 20.53 -34.53
CA PRO H 245 -30.64 21.36 -35.29
C PRO H 245 -30.65 22.84 -34.85
N GLY H 246 -30.70 23.08 -33.53
CA GLY H 246 -30.70 24.44 -32.94
C GLY H 246 -29.35 25.12 -33.03
N HIS H 247 -28.26 24.35 -32.96
CA HIS H 247 -26.85 24.81 -33.04
C HIS H 247 -26.62 25.51 -34.39
N ASP H 248 -26.96 24.84 -35.49
CA ASP H 248 -26.74 25.33 -36.88
C ASP H 248 -27.67 26.53 -37.16
N ALA H 249 -28.90 26.48 -36.66
CA ALA H 249 -29.95 27.51 -36.85
C ALA H 249 -29.52 28.84 -36.21
N MET H 250 -28.70 28.79 -35.17
CA MET H 250 -28.14 29.98 -34.47
C MET H 250 -26.95 30.53 -35.27
N LEU H 251 -26.07 29.65 -35.75
CA LEU H 251 -24.84 30.02 -36.51
C LEU H 251 -25.18 30.39 -37.95
N GLU H 252 -26.43 30.16 -38.36
CA GLU H 252 -27.04 30.67 -39.62
C GLU H 252 -26.47 32.06 -39.95
N VAL H 253 -26.52 33.00 -39.00
CA VAL H 253 -26.16 34.45 -39.19
C VAL H 253 -24.78 34.73 -38.58
N VAL H 254 -23.89 33.74 -38.56
CA VAL H 254 -22.48 33.87 -38.08
C VAL H 254 -21.55 33.43 -39.21
N PRO H 255 -20.91 34.37 -39.94
CA PRO H 255 -20.07 34.04 -41.09
C PRO H 255 -19.09 32.87 -40.86
N MET H 256 -18.45 32.83 -39.69
CA MET H 256 -17.44 31.80 -39.32
C MET H 256 -18.12 30.48 -38.99
N HIS H 257 -19.46 30.46 -38.94
CA HIS H 257 -20.33 29.25 -38.82
C HIS H 257 -19.82 28.32 -37.72
N ARG H 258 -19.40 28.89 -36.58
CA ARG H 258 -19.01 28.15 -35.35
C ARG H 258 -19.23 29.06 -34.15
N PHE H 259 -19.42 28.45 -32.97
CA PHE H 259 -19.36 29.16 -31.66
C PHE H 259 -17.90 29.56 -31.41
N GLY H 260 -17.70 30.66 -30.68
CA GLY H 260 -16.40 31.00 -30.08
C GLY H 260 -16.08 30.04 -28.95
N THR H 261 -14.83 30.02 -28.50
CA THR H 261 -14.36 29.23 -27.33
C THR H 261 -13.85 30.23 -26.28
N ASN H 262 -13.71 29.76 -25.02
CA ASN H 262 -13.37 30.60 -23.84
C ASN H 262 -12.03 31.30 -24.07
N ASP H 263 -11.04 30.57 -24.60
CA ASP H 263 -9.65 31.06 -24.86
C ASP H 263 -9.67 32.30 -25.77
N GLU H 264 -10.63 32.35 -26.71
CA GLU H 264 -10.73 33.43 -27.72
C GLU H 264 -11.23 34.73 -27.06
N ILE H 265 -11.99 34.62 -25.97
CA ILE H 265 -12.41 35.77 -25.11
C ILE H 265 -11.23 36.14 -24.20
N ALA H 266 -10.53 35.14 -23.65
CA ALA H 266 -9.42 35.29 -22.69
C ALA H 266 -8.30 36.14 -23.30
N SER H 267 -7.97 35.91 -24.57
CA SER H 267 -6.92 36.66 -25.32
C SER H 267 -7.34 38.13 -25.48
N THR H 268 -8.63 38.39 -25.74
CA THR H 268 -9.20 39.76 -25.88
C THR H 268 -9.16 40.47 -24.53
N VAL H 269 -9.55 39.78 -23.44
CA VAL H 269 -9.49 40.31 -22.04
C VAL H 269 -8.05 40.72 -21.73
N LEU H 270 -7.08 39.86 -22.08
CA LEU H 270 -5.64 40.09 -21.81
C LEU H 270 -5.15 41.32 -22.60
N PHE H 271 -5.62 41.49 -23.84
CA PHE H 271 -5.30 42.66 -24.70
C PHE H 271 -5.77 43.94 -24.00
N LEU H 272 -7.01 43.93 -23.49
CA LEU H 272 -7.64 45.11 -22.84
C LEU H 272 -7.04 45.34 -21.45
N ALA H 273 -6.67 44.28 -20.73
CA ALA H 273 -6.10 44.33 -19.37
C ALA H 273 -4.66 44.86 -19.43
N SER H 274 -3.91 44.53 -20.48
CA SER H 274 -2.45 44.78 -20.61
C SER H 274 -2.18 46.16 -21.23
N ASP H 275 -0.90 46.53 -21.29
CA ASP H 275 -0.39 47.81 -21.88
C ASP H 275 -0.50 47.76 -23.41
N ALA H 276 -0.73 46.58 -24.00
CA ALA H 276 -0.96 46.40 -25.45
C ALA H 276 -2.10 47.31 -25.92
N SER H 277 -3.06 47.65 -25.04
CA SER H 277 -4.23 48.50 -25.35
C SER H 277 -4.20 49.81 -24.55
N SER H 278 -3.01 50.36 -24.32
CA SER H 278 -2.75 51.52 -23.42
C SER H 278 -3.40 52.81 -23.94
N TYR H 279 -3.70 52.91 -25.24
CA TYR H 279 -4.38 54.09 -25.84
C TYR H 279 -5.80 53.70 -26.29
N VAL H 280 -6.32 52.58 -25.78
CA VAL H 280 -7.71 52.09 -26.02
C VAL H 280 -8.53 52.28 -24.75
N THR H 281 -9.52 53.19 -24.78
CA THR H 281 -10.44 53.45 -23.65
C THR H 281 -11.78 53.97 -24.19
N GLY H 282 -12.88 53.67 -23.49
CA GLY H 282 -14.24 54.12 -23.82
C GLY H 282 -14.71 53.56 -25.14
N THR H 283 -14.27 52.34 -25.49
CA THR H 283 -14.66 51.64 -26.74
C THR H 283 -15.04 50.20 -26.43
N ASP H 284 -15.60 49.51 -27.42
CA ASP H 284 -16.09 48.10 -27.33
C ASP H 284 -15.31 47.26 -28.35
N ILE H 285 -15.02 46.01 -28.00
CA ILE H 285 -14.44 44.98 -28.92
C ILE H 285 -15.45 43.83 -29.04
N ARG H 286 -16.05 43.66 -30.22
CA ARG H 286 -16.99 42.55 -30.53
C ARG H 286 -16.17 41.31 -30.87
N VAL H 287 -16.48 40.18 -30.22
CA VAL H 287 -15.86 38.85 -30.46
C VAL H 287 -16.99 37.87 -30.81
N ASP H 288 -17.51 37.95 -32.03
CA ASP H 288 -18.79 37.35 -32.44
C ASP H 288 -18.65 36.56 -33.76
N GLY H 289 -17.43 36.36 -34.25
CA GLY H 289 -17.15 35.65 -35.53
C GLY H 289 -17.84 36.30 -36.72
N GLY H 290 -18.07 37.62 -36.66
CA GLY H 290 -18.61 38.41 -37.78
C GLY H 290 -20.13 38.52 -37.77
N TYR H 291 -20.79 38.11 -36.68
CA TYR H 291 -22.27 38.18 -36.51
C TYR H 291 -22.74 39.60 -36.82
N SER H 292 -22.09 40.60 -36.21
CA SER H 292 -22.48 42.03 -36.22
C SER H 292 -22.44 42.61 -37.64
N VAL H 293 -21.83 41.91 -38.60
CA VAL H 293 -21.83 42.31 -40.04
C VAL H 293 -23.27 42.21 -40.57
N PHE H 294 -23.96 41.10 -40.28
CA PHE H 294 -25.36 40.84 -40.70
C PHE H 294 -26.32 41.65 -39.82
PA NAD I . 37.11 -4.33 -22.51
O1A NAD I . 36.70 -3.37 -23.58
O2A NAD I . 38.53 -4.04 -22.01
O5B NAD I . 37.02 -5.83 -23.01
C5B NAD I . 36.23 -6.16 -24.15
C4B NAD I . 37.15 -6.78 -25.23
O4B NAD I . 36.21 -7.21 -26.41
C3B NAD I . 38.02 -5.97 -25.70
O3B NAD I . 39.39 -6.49 -25.54
C2B NAD I . 37.69 -5.80 -27.32
O2B NAD I . 38.93 -5.69 -28.09
C1B NAD I . 37.02 -6.83 -27.67
N9A NAD I . 36.13 -6.47 -28.82
C8A NAD I . 35.33 -5.43 -29.16
N7A NAD I . 34.79 -5.66 -30.38
C5A NAD I . 35.25 -6.87 -30.79
C6A NAD I . 35.02 -7.58 -31.97
N6A NAD I . 34.23 -7.38 -33.15
N1A NAD I . 35.61 -8.78 -32.16
C2A NAD I . 36.44 -9.30 -31.20
N3A NAD I . 36.69 -8.59 -30.03
C4A NAD I . 36.09 -7.37 -29.84
O3 NAD I . 36.07 -4.17 -21.26
PN NAD I . 35.90 -5.20 -20.03
O1N NAD I . 35.75 -4.39 -18.79
O2N NAD I . 37.07 -6.17 -19.87
O5D NAD I . 34.53 -5.99 -20.24
C5D NAD I . 34.48 -7.27 -20.84
C4D NAD I . 32.97 -7.62 -21.00
O4D NAD I . 32.34 -7.34 -19.89
C3D NAD I . 32.32 -6.77 -22.09
O3D NAD I . 31.46 -7.52 -22.85
C2D NAD I . 31.53 -5.69 -21.30
O2D NAD I . 30.43 -5.19 -22.17
C1D NAD I . 31.11 -6.34 -20.26
N1N NAD I . 30.79 -5.53 -19.09
C2N NAD I . 31.79 -4.81 -18.43
C3N NAD I . 31.48 -4.03 -17.31
C7N NAD I . 32.58 -3.21 -16.57
O7N NAD I . 32.26 -2.42 -15.73
N7N NAD I . 33.97 -3.39 -16.85
C4N NAD I . 30.19 -4.00 -16.84
C5N NAD I . 29.19 -4.72 -17.48
C6N NAD I . 29.51 -5.50 -18.60
PA NAD J . -3.00 3.00 4.47
O1A NAD J . -2.30 2.66 5.75
O2A NAD J . -3.77 4.32 4.59
O5B NAD J . -4.04 1.86 4.08
C5B NAD J . -3.89 0.54 4.62
C4B NAD J . -5.17 0.19 5.43
O4B NAD J . -4.95 -1.24 6.03
C3B NAD J . -5.37 0.98 6.40
O3B NAD J . -6.65 1.70 6.27
C2B NAD J . -5.39 0.07 7.79
O2B NAD J . -6.47 0.51 8.66
C1B NAD J . -5.56 -1.15 7.43
N9A NAD J . -4.84 -2.05 8.39
C8A NAD J . -3.65 -2.05 9.03
N7A NAD J . -3.59 -3.15 9.82
C5A NAD J . -4.75 -3.83 9.67
C6A NAD J . -5.20 -5.02 10.25
N6A NAD J . -4.68 -5.97 11.18
N1A NAD J . -6.43 -5.49 9.94
C2A NAD J . -7.24 -4.81 9.06
N3A NAD J . -6.79 -3.63 8.47
C4A NAD J . -5.54 -3.14 8.79
O3 NAD J . -1.89 3.14 3.26
PN NAD J . -2.17 2.76 1.72
O1N NAD J . -1.29 3.63 0.86
O2N NAD J . -3.64 2.96 1.34
O5D NAD J . -1.72 1.25 1.55
C5D NAD J . -2.56 0.30 0.93
C4D NAD J . -1.69 -0.94 0.57
O4D NAD J . -0.82 -0.59 -0.36
C3D NAD J . -0.89 -1.42 1.77
O3D NAD J . -0.88 -2.79 1.81
C2D NAD J . 0.54 -0.85 1.49
O2D NAD J . 1.52 -1.68 2.26
C1D NAD J . 0.65 -0.95 0.22
N1N NAD J . 1.59 -0.05 -0.44
C2N NAD J . 1.37 1.33 -0.46
C3N NAD J . 2.27 2.19 -1.10
C7N NAD J . 2.07 3.72 -1.13
O7N NAD J . 2.97 4.45 -1.55
N7N NAD J . 0.85 4.34 -0.71
C4N NAD J . 3.38 1.65 -1.71
C5N NAD J . 3.61 0.28 -1.72
C6N NAD J . 2.70 -0.57 -1.08
PA NAD K . -14.35 -31.82 9.98
O1A NAD K . -14.29 -30.43 9.45
O2A NAD K . -12.95 -32.30 10.35
O5B NAD K . -15.00 -32.70 8.82
C5B NAD K . -14.72 -34.10 8.73
C4B NAD K . -14.05 -34.48 7.36
O4B NAD K . -15.16 -34.56 6.24
C3B NAD K . -13.19 -33.66 6.95
O3B NAD K . -11.83 -34.23 7.00
C2B NAD K . -13.58 -33.33 5.36
O2B NAD K . -12.39 -33.21 4.54
C1B NAD K . -14.31 -34.31 4.98
N9A NAD K . -15.12 -33.93 3.77
C8A NAD K . -15.86 -32.87 3.36
N7A NAD K . -16.33 -33.13 2.11
C5A NAD K . -15.87 -34.34 1.75
C6A NAD K . -16.05 -35.05 0.56
N6A NAD K . -16.75 -34.82 -0.67
N1A NAD K . -15.47 -36.27 0.41
C2A NAD K . -14.71 -36.80 1.43
N3A NAD K . -14.53 -36.09 2.61
C4A NAD K . -15.11 -34.85 2.76
O3 NAD K . -15.29 -31.80 11.32
PN NAD K . -15.62 -32.99 12.37
O1N NAD K . -14.52 -34.02 12.47
O2N NAD K . -15.82 -32.34 13.74
O5D NAD K . -17.01 -33.60 11.95
C5D NAD K . -17.12 -34.94 11.50
C4D NAD K . -18.63 -35.21 11.34
O4D NAD K . -19.25 -34.91 12.46
C3D NAD K . -19.24 -34.33 10.27
O3D NAD K . -20.08 -35.07 9.48
C2D NAD K . -20.02 -33.25 11.08
O2D NAD K . -21.09 -32.68 10.24
C1D NAD K . -20.47 -33.92 12.07
N1N NAD K . -20.80 -33.16 13.28
C2N NAD K . -19.83 -32.48 14.00
C3N NAD K . -20.18 -31.77 15.15
C7N NAD K . -19.11 -30.99 15.97
O7N NAD K . -19.46 -30.08 16.70
N7N NAD K . -17.73 -31.35 15.93
C4N NAD K . -21.49 -31.75 15.58
C5N NAD K . -22.46 -32.43 14.86
C6N NAD K . -22.11 -33.15 13.72
PA NAD L . 10.91 25.73 30.00
O1A NAD L . 12.35 25.93 30.36
O2A NAD L . 10.48 26.76 28.95
O5B NAD L . 10.71 24.25 29.46
C5B NAD L . 9.87 24.03 28.32
C4B NAD L . 10.72 23.40 27.17
O4B NAD L . 9.71 23.09 26.02
C3B NAD L . 11.61 24.17 26.71
O3B NAD L . 12.95 23.57 26.78
C2B NAD L . 11.24 24.44 25.12
O2B NAD L . 12.45 24.46 24.29
C1B NAD L . 10.49 23.48 24.75
N9A NAD L . 9.57 23.97 23.68
C8A NAD L . 8.81 25.06 23.46
N7A NAD L . 8.21 24.93 22.24
C5A NAD L . 8.62 23.76 21.73
C6A NAD L . 8.32 23.16 20.51
N6A NAD L . 7.50 23.49 19.39
N1A NAD L . 8.87 21.95 20.21
C2A NAD L . 9.72 21.33 21.09
N3A NAD L . 10.03 21.95 22.30
C4A NAD L . 9.47 23.16 22.60
O3 NAD L . 10.00 25.94 31.35
PN NAD L . 9.64 24.79 32.42
O1N NAD L . 10.72 23.75 32.50
O2N NAD L . 9.44 25.46 33.77
O5D NAD L . 8.26 24.15 31.98
C5D NAD L . 8.17 22.81 31.55
C4D NAD L . 6.66 22.48 31.43
O4D NAD L . 6.08 22.70 32.58
C3D NAD L . 6.00 23.39 30.42
O3D NAD L . 5.13 22.67 29.64
C2D NAD L . 5.22 24.42 31.30
O2D NAD L . 4.09 25.00 30.52
C1D NAD L . 4.83 23.69 32.29
N1N NAD L . 4.57 24.41 33.53
C2N NAD L . 5.61 25.06 34.18
C3N NAD L . 5.37 25.74 35.37
C7N NAD L . 6.53 26.48 36.06
O7N NAD L . 7.68 26.09 35.91
N7N NAD L . 6.29 27.61 36.87
C4N NAD L . 4.11 25.74 35.93
C5N NAD L . 3.08 25.08 35.30
C6N NAD L . 3.31 24.39 34.10
PA NAD M . 16.17 -31.82 5.55
O1A NAD M . 16.86 -33.12 5.76
O2A NAD M . 14.75 -31.89 6.15
O5B NAD M . 17.01 -30.67 6.26
C5B NAD M . 16.34 -29.62 6.96
C4B NAD M . 16.84 -29.62 8.43
O4B NAD M . 16.21 -28.36 9.12
C3B NAD M . 16.47 -30.63 9.08
O3B NAD M . 17.61 -31.37 9.64
C2B NAD M . 15.51 -30.09 10.33
O2B NAD M . 15.73 -30.88 11.53
C1B NAD M . 15.83 -28.86 10.51
N9A NAD M . 14.66 -28.13 11.06
C8A NAD M . 13.33 -28.00 10.79
N7A NAD M . 12.79 -27.18 11.72
C5A NAD M . 13.77 -26.81 12.56
C6A NAD M . 13.75 -25.97 13.69
N6A NAD M . 12.76 -25.22 14.38
N1A NAD M . 14.90 -25.76 14.38
C2A NAD M . 16.08 -26.34 14.00
N3A NAD M . 16.09 -27.17 12.87
C4A NAD M . 14.94 -27.39 12.17
O3 NAD M . 16.06 -31.50 3.94
PN NAD M . 17.20 -30.75 3.08
O1N NAD M . 18.57 -30.93 3.72
O2N NAD M . 17.21 -31.34 1.68
O5D NAD M . 16.83 -29.20 2.96
C5D NAD M . 17.57 -28.21 3.64
C4D NAD M . 17.02 -26.83 3.19
O4D NAD M . 17.00 -26.80 1.88
C3D NAD M . 15.59 -26.62 3.64
O3D NAD M . 15.42 -25.33 4.06
C2D NAD M . 14.75 -26.92 2.36
O2D NAD M . 13.42 -26.25 2.45
C1D NAD M . 15.48 -26.45 1.42
N1N NAD M . 15.29 -27.02 0.10
C2N NAD M . 15.53 -28.36 -0.15
C3N NAD M . 15.35 -28.87 -1.45
C7N NAD M . 15.62 -30.38 -1.73
O7N NAD M . 16.48 -30.96 -1.09
N7N NAD M . 14.89 -31.06 -2.73
C4N NAD M . 14.94 -28.05 -2.47
C5N NAD M . 14.69 -26.72 -2.22
C6N NAD M . 14.88 -26.20 -0.94
PA NAD N . 1.27 -13.03 -37.10
O1A NAD N . 2.39 -13.74 -37.77
O2A NAD N . 0.03 -13.00 -38.01
O5B NAD N . 1.66 -11.53 -36.76
C5B NAD N . 2.93 -11.00 -37.13
C4B NAD N . 2.68 -9.83 -38.13
O4B NAD N . 4.02 -9.03 -38.25
C3B NAD N . 2.38 -10.23 -39.29
O3B NAD N . 1.16 -9.59 -39.80
C2B NAD N . 3.66 -9.84 -40.28
O2B NAD N . 3.18 -9.53 -41.62
C1B NAD N . 4.21 -8.84 -39.75
N9A NAD N . 5.68 -8.84 -40.09
C8A NAD N . 6.72 -9.69 -39.99
N7A NAD N . 7.82 -9.08 -40.50
C5A NAD N . 7.45 -7.84 -40.92
C6A NAD N . 8.18 -6.82 -41.53
N6A NAD N . 9.53 -6.63 -41.93
N1A NAD N . 7.57 -5.66 -41.86
C2A NAD N . 6.23 -5.49 -41.60
N3A NAD N . 5.50 -6.51 -41.00
C4A NAD N . 6.12 -7.68 -40.67
O3 NAD N . 0.91 -13.81 -35.70
PN NAD N . 0.63 -13.07 -34.30
O1N NAD N . 0.24 -14.10 -33.28
O2N NAD N . -0.52 -12.07 -34.49
O5D NAD N . 1.96 -12.35 -33.81
C5D NAD N . 1.99 -10.95 -33.55
C4D NAD N . 3.15 -10.64 -32.57
O4D NAD N . 2.93 -11.23 -31.42
C3D NAD N . 4.47 -11.18 -33.09
O3D NAD N . 5.46 -10.25 -32.91
C2D NAD N . 4.74 -12.44 -32.21
O2D NAD N . 6.21 -12.66 -32.16
C1D NAD N . 4.23 -12.14 -31.08
N1N NAD N . 3.78 -13.28 -30.28
C2N NAD N . 2.70 -14.05 -30.66
C3N NAD N . 2.28 -15.14 -29.89
C7N NAD N . 1.07 -16.01 -30.31
O7N NAD N . 1.04 -17.19 -29.99
N7N NAD N . 0.01 -15.47 -31.07
C4N NAD N . 2.96 -15.45 -28.72
C5N NAD N . 4.04 -14.69 -28.32
C6N NAD N . 4.44 -13.60 -29.11
PA NAD O . -25.88 19.57 16.28
O1A NAD O . -27.28 19.41 15.75
O2A NAD O . -24.89 18.88 15.35
O5B NAD O . -25.57 21.12 16.45
C5B NAD O . -24.27 21.63 16.15
C4B NAD O . -24.47 22.82 15.17
O4B NAD O . -23.10 23.56 15.01
C3B NAD O . -24.84 22.44 14.02
O3B NAD O . -26.06 23.15 13.61
C2B NAD O . -23.62 22.79 12.97
O2B NAD O . -24.17 23.16 11.68
C1B NAD O . -22.96 23.75 13.49
N9A NAD O . -21.52 23.65 13.08
C8A NAD O . -20.58 22.69 12.98
N7A NAD O . -19.43 23.26 12.54
C5A NAD O . -19.67 24.58 12.38
C6A NAD O . -18.83 25.62 11.94
N6A NAD O . -17.47 25.72 11.52
N1A NAD O . -19.31 26.87 11.87
C2A NAD O . -20.61 27.15 12.20
N3A NAD O . -21.45 26.12 12.63
C4A NAD O . -20.96 24.84 12.71
O3 NAD O . -25.80 18.90 17.79
PN NAD O . -26.56 19.51 19.08
O1N NAD O . -27.18 18.38 19.85
O2N NAD O . -27.64 20.51 18.65
O5D NAD O . -25.54 20.25 20.06
C5D NAD O . -24.55 21.12 19.54
C4D NAD O . -23.58 21.50 20.70
O4D NAD O . -23.94 20.91 21.80
C3D NAD O . -22.17 21.03 20.39
O3D NAD O . -21.25 21.99 20.71
C2D NAD O . -21.99 19.78 21.27
O2D NAD O . -20.54 19.60 21.54
C1D NAD O . -22.67 20.04 22.34
N1N NAD O . -23.09 18.84 23.03
C2N NAD O . -24.21 18.14 22.62
C3N NAD O . -24.62 16.98 23.30
C7N NAD O . -25.88 16.20 22.82
O7N NAD O . -26.08 15.07 23.27
N7N NAD O . -26.79 16.74 21.88
C4N NAD O . -23.90 16.53 24.38
C5N NAD O . -22.77 17.23 24.81
C6N NAD O . -22.38 18.39 24.13
PA NAD P . -22.11 31.75 -16.96
O1A NAD P . -21.59 30.40 -16.58
O2A NAD P . -23.58 31.88 -16.54
O5B NAD P . -21.20 32.87 -16.28
C5B NAD P . -21.79 33.91 -15.50
C4B NAD P . -21.29 33.76 -14.04
O4B NAD P . -21.84 34.98 -13.23
C3B NAD P . -21.72 32.70 -13.47
O3B NAD P . -20.62 31.87 -12.96
C2B NAD P . -22.68 33.20 -12.20
O2B NAD P . -22.54 32.29 -11.06
C1B NAD P . -22.30 34.37 -11.90
N9A NAD P . -23.45 35.16 -11.35
C8A NAD P . -24.75 35.37 -11.65
N7A NAD P . -25.27 36.21 -10.73
C5A NAD P . -24.29 36.52 -9.85
C6A NAD P . -24.30 37.35 -8.72
N6A NAD P . -25.28 38.14 -8.06
N1A NAD P . -23.16 37.51 -8.00
C2A NAD P . -22.01 36.86 -8.36
N3A NAD P . -22.00 36.04 -9.49
C4A NAD P . -23.15 35.88 -10.23
O3 NAD P . -22.00 31.94 -18.59
PN NAD P . -20.82 32.72 -19.34
O1N NAD P . -19.49 32.38 -18.70
O2N NAD P . -20.84 32.30 -20.80
O5D NAD P . -21.12 34.28 -19.25
C5D NAD P . -20.21 35.19 -18.67
C4D NAD P . -20.67 36.62 -19.08
O4D NAD P . -20.66 36.71 -20.39
C3D NAD P . -22.11 36.89 -18.67
O3D NAD P . -22.23 38.19 -18.22
C2D NAD P . -22.91 36.67 -19.97
O2D NAD P . -24.22 37.38 -19.87
C1D NAD P . -22.13 37.17 -20.86
N1N NAD P . -22.33 36.67 -22.23
C2N NAD P . -22.05 35.34 -22.53
C3N NAD P . -22.23 34.87 -23.83
C7N NAD P . -21.93 33.39 -24.18
O7N NAD P . -21.10 32.78 -23.55
N7N NAD P . -22.62 32.75 -25.24
C4N NAD P . -22.67 35.73 -24.83
C5N NAD P . -22.94 37.05 -24.53
C6N NAD P . -22.76 37.52 -23.21
#